data_2R6G
#
_entry.id   2R6G
#
_cell.length_a   73.260
_cell.length_b   95.860
_cell.length_c   109.990
_cell.angle_alpha   87.13
_cell.angle_beta   82.43
_cell.angle_gamma   75.75
#
_symmetry.space_group_name_H-M   'P 1'
#
loop_
_entity.id
_entity.type
_entity.pdbx_description
1 polymer 'Maltose/maltodextrin import ATP-binding protein malK'
2 polymer 'Maltose-binding periplasmic protein'
3 polymer 'Maltose transport system permease protein malF'
4 polymer 'Maltose transport system permease protein malG'
5 branched alpha-D-glucopyranose-(1-4)-alpha-D-glucopyranose
6 non-polymer "ADENOSINE-5'-TRIPHOSPHATE"
#
loop_
_entity_poly.entity_id
_entity_poly.type
_entity_poly.pdbx_seq_one_letter_code
_entity_poly.pdbx_strand_id
1 'polypeptide(L)'
;MASVQLQNVTKAWGEVVVSKDINLDIHEGEFVVFVGPSGCGKSTLLRMIAGLETITSGDLFIGEKRMNDTPPAERGVGMV
FQSYALYPHLSVAENMSFGLKLAGAKKEVINQRVNQVAEVLQLAHLLDRKPKALSGGQRQRVAIGRTLVAEPSVFLLDQP
LSNLDAALRVQMRIEISRLHKRLGRTMIYVTHDQVEAMTLADKIVVLDAGRVAQVGKPLELYHYPADRFVAGFIGSPKMN
FLPVKVTATAIDQVQVELPMPNRQQVWLPVESRDVQVGANMSLGIRPEHLLPSDIADVILEGEVQVVEQLGNETQIHIQI
PSIRQNLVYRQNDVVLVEEGATFAIGLPPERCHLFREDGTACRRLHKEPGVASASHHHHHH
;
A,B
2 'polypeptide(L)'
;KIEEGKLVIWINGDKGYNGLAEVGKKFEKDTGIKVTVEHPDKLEEKFPQVAATGDGPDIIFWAHDRFGGYAQSGLLAEIT
PDKAFQDKLYPFTWDAVRYNGKLIAYPIAVEALSLIYNKDLLPNPPKTWEEIPALDKELKAKGKSALMFNLQEPYFTWPL
IAADGGYAFKYENGKYDIKDVGVDNAGAKAGLTFLVDLIKNKHMNADTDYSIAEAAFNKGETAMTINGPWAWSNIDTSKV
NYGVTVLPTFKGQPSKPFVGVLSAGINAASPNKELAKEFLENYLLTDEGLEAVNKDKPLGAVALKSYEEELAKDPRIAAT
MENAQKGEIMPNIPQMSAFWYAVRTAVINAASGRQTVDEALKDAQTRITK
;
E
3 'polypeptide(L)'
;MDVIKKKHWWQSDALKWSVLGLLGLLVGYLVVLMYAQGEYLFAITTLILSSAGLYIFANRKAYAWRYVYPGMAGMGLFVL
FPLVCTIAIAFTNYSSTNQLTFERAQEVLLDRSWQAGKTYNFGLYPAGDEWQLALSDGETGKNYLSDAFKFGGEQKLQLK
ETTAQPEGERANLRVITQNRQALSDITAILPDGNKVMMSSLRQFSGTQPLYTLDGDGTLTNNQSGVKYRPNNQIGFYQSI
TADGNWGDEKLSPGYTVTTGWKNFTRVFTDEGIQKPFLAIFVWTVVFSLITVFLTVAVGMVLACLVQWEALRGKAVYRVL
LILPYAVPSFISILIFKGLFNQSFGEINMMLSALFGVKPAWFSDPTTARTMLIIVNTWLGYPYMMILCMGLLKAIPDDLY
EASAMDGAGPFQNFFKITLPLLIKPLTPLMIASFAFNFNNFVLIQLLTNGGPDRLGTTTPAGYTDLLVNYTYRIAFEGGG
GQDFGLAAAIATLIFLLVGALAIVNLKATRMKFD
;
F
4 'polypeptide(L)'
;MAMVQPKSQKARLFITHLLLLLFIAAIMFPLLMVVAISLRQGNFATGSLIPEQISWDHWKLALGFSVEQADGRITPPPFP
VLLWLWNSVKVAGISAIGIVALSTTCAYAFARMRFPGKATLLKGMLIFQMFPAVLSLVALYALFDRLGEYIPFIGLNTHG
GVIFAYLGGIALHVWTIKGYFETIDSSLEEAAALDGATPWQAFRLVLLPLSVPILAVVFILSFIAAITEVPVASLLLRDV
NSYTLAVGMQQYLNPQNYLWGDFAAAAVMSALPITIVFLLAQRWLVNGLTAGGVKG
;
G
#
loop_
_chem_comp.id
_chem_comp.type
_chem_comp.name
_chem_comp.formula
ATP non-polymer ADENOSINE-5'-TRIPHOSPHATE 'C10 H16 N5 O13 P3'
GLC D-saccharide, alpha linking alpha-D-glucopyranose 'C6 H12 O6'
#
# COMPACT_ATOMS: atom_id res chain seq x y z
N ALA A 2 -10.05 23.99 -38.40
CA ALA A 2 -10.50 22.76 -37.67
C ALA A 2 -10.66 21.57 -38.60
N SER A 3 -10.21 21.71 -39.85
CA SER A 3 -10.25 20.63 -40.82
C SER A 3 -9.36 19.49 -40.36
N VAL A 4 -9.81 18.26 -40.57
CA VAL A 4 -9.02 17.09 -40.23
C VAL A 4 -8.86 16.16 -41.44
N GLN A 5 -7.62 15.82 -41.75
CA GLN A 5 -7.33 14.90 -42.86
C GLN A 5 -6.33 13.83 -42.46
N LEU A 6 -6.47 12.67 -43.09
CA LEU A 6 -5.62 11.51 -42.80
C LEU A 6 -4.96 11.00 -44.07
N GLN A 7 -3.64 10.83 -44.02
CA GLN A 7 -2.87 10.39 -45.17
C GLN A 7 -2.19 9.05 -44.93
N ASN A 8 -2.65 8.03 -45.65
CA ASN A 8 -2.12 6.66 -45.54
C ASN A 8 -1.90 6.21 -44.09
N VAL A 9 -2.87 6.51 -43.24
CA VAL A 9 -2.79 6.25 -41.80
C VAL A 9 -2.99 4.77 -41.53
N THR A 10 -2.02 4.18 -40.82
CA THR A 10 -1.97 2.74 -40.59
C THR A 10 -1.79 2.46 -39.10
N LYS A 11 -2.65 1.60 -38.55
CA LYS A 11 -2.58 1.23 -37.14
C LYS A 11 -2.48 -0.28 -36.96
N ALA A 12 -1.42 -0.72 -36.28
CA ALA A 12 -1.16 -2.13 -36.06
C ALA A 12 -0.79 -2.44 -34.61
N TRP A 13 -1.44 -3.43 -34.03
CA TRP A 13 -1.09 -3.94 -32.71
C TRP A 13 -0.16 -5.13 -32.89
N GLY A 14 1.06 -4.85 -33.35
CA GLY A 14 2.01 -5.87 -33.73
C GLY A 14 1.58 -6.55 -35.01
N GLU A 15 0.91 -7.69 -34.88
CA GLU A 15 0.47 -8.50 -36.02
C GLU A 15 -0.94 -8.13 -36.50
N VAL A 16 -1.80 -7.74 -35.56
CA VAL A 16 -3.18 -7.35 -35.88
C VAL A 16 -3.24 -5.93 -36.45
N VAL A 17 -3.55 -5.83 -37.74
CA VAL A 17 -3.69 -4.54 -38.41
C VAL A 17 -5.18 -4.21 -38.57
N VAL A 18 -5.67 -3.26 -37.78
CA VAL A 18 -7.08 -2.89 -37.83
C VAL A 18 -7.34 -1.51 -38.47
N SER A 19 -6.30 -0.97 -39.10
CA SER A 19 -6.41 0.23 -39.92
C SER A 19 -5.29 0.23 -40.96
N LYS A 20 -5.63 -0.10 -42.20
CA LYS A 20 -4.65 -0.14 -43.28
C LYS A 20 -4.74 1.11 -44.15
N ASP A 21 -3.60 1.79 -44.31
CA ASP A 21 -3.49 3.09 -44.99
C ASP A 21 -4.80 3.73 -45.46
N ILE A 22 -5.54 4.30 -44.50
CA ILE A 22 -6.80 4.95 -44.81
C ILE A 22 -6.57 6.42 -45.19
N ASN A 23 -7.38 6.90 -46.13
CA ASN A 23 -7.30 8.29 -46.57
C ASN A 23 -8.66 8.97 -46.46
N LEU A 24 -8.70 10.02 -45.63
CA LEU A 24 -9.92 10.79 -45.43
C LEU A 24 -9.65 12.28 -45.54
N ASP A 25 -10.63 13.02 -46.01
CA ASP A 25 -10.48 14.44 -46.27
C ASP A 25 -11.68 15.19 -45.68
N ILE A 26 -11.60 15.50 -44.39
CA ILE A 26 -12.69 16.18 -43.70
C ILE A 26 -12.42 17.69 -43.61
N HIS A 27 -13.24 18.44 -44.33
CA HIS A 27 -13.10 19.89 -44.41
C HIS A 27 -13.71 20.59 -43.21
N GLU A 28 -13.41 21.88 -43.07
CA GLU A 28 -13.91 22.71 -41.98
C GLU A 28 -15.44 22.76 -41.98
N GLY A 29 -16.04 22.57 -40.81
CA GLY A 29 -17.48 22.73 -40.63
C GLY A 29 -18.33 21.61 -41.20
N GLU A 30 -17.68 20.54 -41.65
CA GLU A 30 -18.40 19.35 -42.13
C GLU A 30 -18.90 18.50 -40.98
N PHE A 31 -20.02 17.83 -41.20
CA PHE A 31 -20.53 16.85 -40.26
C PHE A 31 -20.32 15.48 -40.88
N VAL A 32 -19.22 14.84 -40.50
CA VAL A 32 -18.87 13.53 -41.06
C VAL A 32 -19.20 12.43 -40.05
N VAL A 33 -19.97 11.45 -40.49
CA VAL A 33 -20.33 10.32 -39.62
C VAL A 33 -19.64 9.04 -40.07
N PHE A 34 -19.15 8.27 -39.09
CA PHE A 34 -18.54 6.98 -39.38
C PHE A 34 -19.53 5.86 -39.13
N VAL A 35 -19.71 5.00 -40.12
CA VAL A 35 -20.47 3.76 -39.93
C VAL A 35 -19.59 2.58 -40.33
N GLY A 36 -19.90 1.41 -39.79
CA GLY A 36 -19.07 0.23 -40.01
C GLY A 36 -19.41 -0.87 -39.03
N PRO A 37 -19.08 -2.13 -39.38
CA PRO A 37 -19.41 -3.29 -38.54
C PRO A 37 -18.71 -3.20 -37.19
N SER A 38 -19.30 -3.81 -36.18
CA SER A 38 -18.64 -3.93 -34.88
C SER A 38 -17.29 -4.61 -35.08
N GLY A 39 -16.22 -3.89 -34.75
CA GLY A 39 -14.87 -4.42 -34.88
C GLY A 39 -14.01 -3.82 -35.97
N CYS A 40 -14.62 -3.01 -36.84
CA CYS A 40 -13.94 -2.49 -38.03
C CYS A 40 -12.81 -1.49 -37.73
N GLY A 41 -12.93 -0.77 -36.61
CA GLY A 41 -11.89 0.16 -36.18
C GLY A 41 -12.32 1.61 -36.18
N LYS A 42 -13.57 1.86 -35.84
CA LYS A 42 -14.12 3.22 -35.79
C LYS A 42 -13.54 4.00 -34.62
N SER A 43 -13.59 3.39 -33.43
CA SER A 43 -13.09 4.03 -32.22
C SER A 43 -11.60 4.35 -32.34
N THR A 44 -10.85 3.43 -32.93
CA THR A 44 -9.41 3.60 -33.13
C THR A 44 -9.12 4.88 -33.92
N LEU A 45 -9.82 5.03 -35.05
CA LEU A 45 -9.68 6.22 -35.89
C LEU A 45 -9.83 7.47 -35.04
N LEU A 46 -10.94 7.55 -34.31
CA LEU A 46 -11.22 8.63 -33.39
C LEU A 46 -10.08 8.82 -32.39
N ARG A 47 -9.65 7.72 -31.77
CA ARG A 47 -8.61 7.78 -30.74
C ARG A 47 -7.25 8.24 -31.28
N MET A 48 -6.96 7.89 -32.53
CA MET A 48 -5.75 8.37 -33.22
C MET A 48 -5.84 9.87 -33.50
N ILE A 49 -6.99 10.29 -34.02
CA ILE A 49 -7.29 11.71 -34.22
C ILE A 49 -7.15 12.46 -32.89
N ALA A 50 -7.67 11.86 -31.81
CA ALA A 50 -7.64 12.47 -30.48
C ALA A 50 -6.26 12.42 -29.84
N GLY A 51 -5.41 11.52 -30.34
CA GLY A 51 -4.03 11.39 -29.84
C GLY A 51 -3.89 10.50 -28.62
N LEU A 52 -4.91 9.69 -28.37
CA LEU A 52 -4.86 8.71 -27.30
C LEU A 52 -4.27 7.39 -27.82
N GLU A 53 -4.17 7.30 -29.14
CA GLU A 53 -3.58 6.14 -29.82
C GLU A 53 -2.54 6.63 -30.82
N THR A 54 -1.37 5.99 -30.82
CA THR A 54 -0.27 6.40 -31.71
C THR A 54 -0.43 5.84 -33.12
N ILE A 55 -0.19 6.69 -34.12
CA ILE A 55 -0.22 6.26 -35.52
C ILE A 55 1.04 5.47 -35.84
N THR A 56 0.86 4.24 -36.33
CA THR A 56 1.99 3.36 -36.62
C THR A 56 2.71 3.80 -37.89
N SER A 57 1.95 4.18 -38.92
CA SER A 57 2.51 4.64 -40.19
C SER A 57 1.54 5.58 -40.90
N GLY A 58 2.05 6.71 -41.37
CA GLY A 58 1.23 7.70 -42.06
C GLY A 58 1.15 9.03 -41.34
N ASP A 59 0.35 9.96 -41.88
CA ASP A 59 0.27 11.32 -41.36
C ASP A 59 -1.15 11.77 -41.04
N LEU A 60 -1.30 12.48 -39.92
CA LEU A 60 -2.58 13.05 -39.50
C LEU A 60 -2.48 14.57 -39.37
N PHE A 61 -3.38 15.28 -40.04
CA PHE A 61 -3.37 16.74 -40.02
C PHE A 61 -4.65 17.32 -39.44
N ILE A 62 -4.51 18.20 -38.46
CA ILE A 62 -5.64 18.96 -37.91
C ILE A 62 -5.41 20.46 -38.14
N GLY A 63 -6.40 21.12 -38.75
CA GLY A 63 -6.25 22.49 -39.21
C GLY A 63 -5.52 22.43 -40.54
N GLU A 64 -4.21 22.27 -40.47
CA GLU A 64 -3.36 21.94 -41.62
C GLU A 64 -1.98 21.54 -41.10
N LYS A 65 -1.92 21.29 -39.80
CA LYS A 65 -0.67 20.96 -39.10
C LYS A 65 -0.61 19.46 -38.84
N ARG A 66 0.60 18.89 -38.93
CA ARG A 66 0.83 17.50 -38.58
C ARG A 66 0.71 17.32 -37.07
N MET A 67 -0.09 16.33 -36.65
CA MET A 67 -0.46 16.18 -35.25
C MET A 67 -0.02 14.86 -34.62
N ASN A 68 0.71 14.04 -35.38
CA ASN A 68 1.13 12.71 -34.94
C ASN A 68 1.85 12.66 -33.59
N ASP A 69 2.73 13.63 -33.34
CA ASP A 69 3.55 13.65 -32.13
C ASP A 69 2.98 14.55 -31.03
N THR A 70 1.92 15.28 -31.35
CA THR A 70 1.31 16.25 -30.42
C THR A 70 0.51 15.54 -29.33
N PRO A 71 0.71 15.97 -28.06
CA PRO A 71 -0.14 15.51 -26.95
C PRO A 71 -1.62 15.83 -27.16
N PRO A 72 -2.52 14.96 -26.65
CA PRO A 72 -3.98 15.10 -26.77
C PRO A 72 -4.52 16.48 -26.36
N ALA A 73 -3.94 17.06 -25.33
CA ALA A 73 -4.39 18.36 -24.81
C ALA A 73 -4.26 19.50 -25.83
N GLU A 74 -3.26 19.41 -26.70
CA GLU A 74 -2.94 20.49 -27.62
C GLU A 74 -3.37 20.19 -29.05
N ARG A 75 -4.58 19.65 -29.21
CA ARG A 75 -5.11 19.30 -30.53
C ARG A 75 -6.46 19.93 -30.85
N GLY A 76 -7.03 20.64 -29.87
CA GLY A 76 -8.36 21.24 -30.01
C GLY A 76 -9.46 20.21 -30.24
N VAL A 77 -9.21 19.00 -29.73
CA VAL A 77 -10.10 17.86 -29.93
C VAL A 77 -10.80 17.49 -28.62
N GLY A 78 -12.13 17.39 -28.68
CA GLY A 78 -12.92 16.89 -27.56
C GLY A 78 -13.61 15.61 -27.98
N MET A 79 -13.78 14.68 -27.04
CA MET A 79 -14.38 13.38 -27.36
C MET A 79 -15.32 12.85 -26.30
N VAL A 80 -16.55 12.57 -26.72
CA VAL A 80 -17.48 11.79 -25.91
C VAL A 80 -17.27 10.29 -26.19
N PHE A 81 -16.71 9.60 -25.19
CA PHE A 81 -16.23 8.22 -25.33
C PHE A 81 -17.37 7.20 -25.51
N GLN A 82 -17.08 6.15 -26.28
CA GLN A 82 -18.01 5.03 -26.46
C GLN A 82 -18.27 4.33 -25.12
N SER A 83 -17.23 4.25 -24.30
CA SER A 83 -17.38 4.00 -22.88
C SER A 83 -18.20 5.19 -22.34
N TYR A 84 -17.70 5.88 -21.32
CA TYR A 84 -18.19 7.23 -20.99
C TYR A 84 -17.05 8.06 -20.37
N ALA A 85 -16.10 7.34 -19.76
CA ALA A 85 -14.92 7.91 -19.12
C ALA A 85 -15.25 9.05 -18.15
N LEU A 86 -16.41 8.97 -17.50
CA LEU A 86 -16.85 9.98 -16.55
C LEU A 86 -15.99 9.91 -15.29
N TYR A 87 -15.71 11.05 -14.69
CA TYR A 87 -14.94 11.09 -13.45
C TYR A 87 -15.86 10.66 -12.30
N PRO A 88 -15.66 9.42 -11.78
CA PRO A 88 -16.58 8.80 -10.83
C PRO A 88 -16.64 9.54 -9.49
N HIS A 89 -15.53 10.19 -9.14
CA HIS A 89 -15.41 10.91 -7.88
C HIS A 89 -16.02 12.31 -7.93
N LEU A 90 -16.54 12.70 -9.09
CA LEU A 90 -17.09 14.03 -9.30
C LEU A 90 -18.55 13.98 -9.76
N SER A 91 -19.31 15.03 -9.46
CA SER A 91 -20.72 15.10 -9.82
C SER A 91 -20.92 15.38 -11.31
N VAL A 92 -22.18 15.36 -11.74
CA VAL A 92 -22.53 15.74 -13.11
C VAL A 92 -22.02 17.14 -13.42
N ALA A 93 -22.34 18.09 -12.54
CA ALA A 93 -21.87 19.46 -12.65
C ALA A 93 -20.35 19.51 -12.77
N GLU A 94 -19.67 18.84 -11.84
CA GLU A 94 -18.21 18.85 -11.77
C GLU A 94 -17.55 18.13 -12.96
N ASN A 95 -18.27 17.19 -13.57
CA ASN A 95 -17.83 16.54 -14.80
C ASN A 95 -17.96 17.48 -15.98
N MET A 96 -19.09 18.18 -16.05
CA MET A 96 -19.37 19.10 -17.14
C MET A 96 -18.61 20.41 -17.02
N SER A 97 -18.20 20.75 -15.80
CA SER A 97 -17.49 21.99 -15.52
C SER A 97 -15.98 21.80 -15.36
N PHE A 98 -15.53 20.54 -15.41
CA PHE A 98 -14.12 20.20 -15.22
C PHE A 98 -13.22 20.84 -16.25
N GLY A 99 -13.66 20.85 -17.51
CA GLY A 99 -12.87 21.33 -18.63
C GLY A 99 -12.50 22.80 -18.56
N LEU A 100 -13.51 23.66 -18.53
CA LEU A 100 -13.27 25.11 -18.55
C LEU A 100 -12.79 25.71 -17.23
N LYS A 101 -13.12 25.05 -16.11
CA LYS A 101 -12.62 25.50 -14.81
C LYS A 101 -11.14 25.13 -14.64
N LEU A 102 -10.70 24.16 -15.44
CA LEU A 102 -9.30 23.81 -15.56
C LEU A 102 -8.70 24.68 -16.66
N ALA A 103 -8.07 25.79 -16.24
CA ALA A 103 -7.58 26.84 -17.15
C ALA A 103 -8.73 27.66 -17.78
N GLY A 104 -8.80 28.93 -17.41
CA GLY A 104 -9.87 29.83 -17.83
C GLY A 104 -11.10 29.70 -16.94
N ALA A 105 -10.87 29.56 -15.64
CA ALA A 105 -11.93 29.33 -14.65
C ALA A 105 -12.79 30.57 -14.41
N LYS A 106 -13.72 30.81 -15.33
CA LYS A 106 -14.61 31.98 -15.25
C LYS A 106 -15.98 31.56 -14.73
N LYS A 107 -16.11 31.60 -13.40
CA LYS A 107 -17.27 31.04 -12.67
C LYS A 107 -18.64 31.52 -13.18
N GLU A 108 -18.71 32.78 -13.62
CA GLU A 108 -19.93 33.35 -14.22
C GLU A 108 -20.32 32.60 -15.50
N VAL A 109 -19.33 32.29 -16.33
CA VAL A 109 -19.55 31.60 -17.60
C VAL A 109 -19.71 30.09 -17.37
N ILE A 110 -18.88 29.53 -16.49
CA ILE A 110 -18.92 28.10 -16.15
C ILE A 110 -20.32 27.65 -15.77
N ASN A 111 -20.89 28.28 -14.74
CA ASN A 111 -22.20 27.93 -14.22
C ASN A 111 -23.34 28.24 -15.19
N GLN A 112 -23.13 29.20 -16.07
CA GLN A 112 -24.15 29.58 -17.04
C GLN A 112 -24.33 28.51 -18.12
N ARG A 113 -23.23 28.09 -18.74
CA ARG A 113 -23.30 27.16 -19.86
C ARG A 113 -23.44 25.69 -19.45
N VAL A 114 -22.95 25.34 -18.27
CA VAL A 114 -23.19 24.00 -17.71
C VAL A 114 -24.68 23.80 -17.49
N ASN A 115 -25.33 24.76 -16.85
CA ASN A 115 -26.79 24.77 -16.66
C ASN A 115 -27.54 24.81 -17.99
N GLN A 116 -27.00 25.56 -18.95
CA GLN A 116 -27.57 25.67 -20.29
C GLN A 116 -27.58 24.32 -21.01
N VAL A 117 -26.41 23.68 -21.07
CA VAL A 117 -26.24 22.40 -21.74
C VAL A 117 -27.00 21.30 -21.01
N ALA A 118 -26.94 21.32 -19.68
CA ALA A 118 -27.70 20.37 -18.85
C ALA A 118 -29.20 20.48 -19.10
N GLU A 119 -29.66 21.69 -19.39
CA GLU A 119 -31.07 21.97 -19.66
C GLU A 119 -31.57 21.27 -20.92
N VAL A 120 -30.79 21.36 -21.99
CA VAL A 120 -31.16 20.73 -23.27
C VAL A 120 -30.99 19.21 -23.28
N LEU A 121 -30.18 18.69 -22.36
CA LEU A 121 -29.96 17.24 -22.25
C LEU A 121 -30.85 16.60 -21.18
N GLN A 122 -31.78 17.40 -20.65
CA GLN A 122 -32.74 16.97 -19.63
C GLN A 122 -32.06 16.52 -18.33
N LEU A 123 -30.91 17.10 -18.03
CA LEU A 123 -30.07 16.72 -16.90
C LEU A 123 -30.10 17.73 -15.75
N ALA A 124 -31.00 18.70 -15.82
CA ALA A 124 -31.09 19.80 -14.85
C ALA A 124 -31.26 19.32 -13.41
N HIS A 125 -32.09 18.29 -13.22
CA HIS A 125 -32.38 17.74 -11.90
C HIS A 125 -31.26 16.84 -11.35
N LEU A 126 -30.54 16.17 -12.24
CA LEU A 126 -29.50 15.19 -11.86
C LEU A 126 -28.13 15.83 -11.58
N LEU A 127 -28.09 17.15 -11.48
CA LEU A 127 -26.84 17.92 -11.48
C LEU A 127 -25.86 17.63 -10.33
N ASP A 128 -26.39 17.17 -9.19
CA ASP A 128 -25.57 16.86 -8.02
C ASP A 128 -25.06 15.42 -8.00
N ARG A 129 -25.70 14.55 -8.80
CA ARG A 129 -25.40 13.12 -8.81
C ARG A 129 -23.99 12.82 -9.30
N LYS A 130 -23.42 11.75 -8.76
CA LYS A 130 -22.19 11.17 -9.27
C LYS A 130 -22.57 10.04 -10.24
N PRO A 131 -21.66 9.68 -11.17
CA PRO A 131 -21.97 8.68 -12.20
C PRO A 131 -22.65 7.40 -11.71
N LYS A 132 -22.20 6.85 -10.57
CA LYS A 132 -22.75 5.60 -10.06
C LYS A 132 -24.22 5.72 -9.61
N ALA A 133 -24.65 6.94 -9.30
CA ALA A 133 -26.05 7.21 -8.95
C ALA A 133 -26.86 7.68 -10.17
N LEU A 134 -26.35 7.43 -11.37
CA LEU A 134 -27.03 7.75 -12.62
C LEU A 134 -27.33 6.49 -13.42
N SER A 135 -28.16 6.63 -14.44
CA SER A 135 -28.45 5.52 -15.35
C SER A 135 -27.48 5.54 -16.52
N GLY A 136 -27.32 4.38 -17.17
CA GLY A 136 -26.43 4.24 -18.33
C GLY A 136 -26.71 5.26 -19.43
N GLY A 137 -27.99 5.56 -19.62
CA GLY A 137 -28.42 6.59 -20.57
C GLY A 137 -28.14 8.00 -20.07
N GLN A 138 -28.30 8.20 -18.77
CA GLN A 138 -28.02 9.49 -18.14
C GLN A 138 -26.52 9.81 -18.19
N ARG A 139 -25.70 8.78 -17.94
CA ARG A 139 -24.25 8.90 -18.01
C ARG A 139 -23.77 9.24 -19.41
N GLN A 140 -24.50 8.76 -20.42
CA GLN A 140 -24.21 9.07 -21.82
C GLN A 140 -24.39 10.56 -22.10
N ARG A 141 -25.50 11.14 -21.62
CA ARG A 141 -25.78 12.56 -21.79
C ARG A 141 -24.83 13.44 -20.98
N VAL A 142 -24.28 12.88 -19.90
CA VAL A 142 -23.26 13.57 -19.11
C VAL A 142 -21.96 13.64 -19.91
N ALA A 143 -21.65 12.53 -20.59
CA ALA A 143 -20.46 12.45 -21.43
C ALA A 143 -20.52 13.44 -22.60
N ILE A 144 -21.69 13.53 -23.23
CA ILE A 144 -21.90 14.50 -24.30
C ILE A 144 -21.83 15.91 -23.73
N GLY A 145 -22.54 16.15 -22.63
CA GLY A 145 -22.54 17.44 -21.94
C GLY A 145 -21.17 17.95 -21.62
N ARG A 146 -20.30 17.06 -21.16
CA ARG A 146 -18.90 17.38 -20.87
C ARG A 146 -18.19 18.03 -22.06
N THR A 147 -18.46 17.49 -23.26
CA THR A 147 -17.84 17.98 -24.49
C THR A 147 -18.57 19.22 -25.03
N LEU A 148 -19.89 19.23 -24.91
CA LEU A 148 -20.70 20.37 -25.38
C LEU A 148 -20.44 21.65 -24.60
N VAL A 149 -20.07 21.52 -23.33
CA VAL A 149 -19.74 22.67 -22.49
C VAL A 149 -18.36 23.22 -22.88
N ALA A 150 -17.46 22.33 -23.25
CA ALA A 150 -16.12 22.72 -23.70
C ALA A 150 -16.16 23.42 -25.06
N GLU A 151 -17.06 22.96 -25.93
CA GLU A 151 -17.17 23.44 -27.32
C GLU A 151 -15.81 23.50 -28.04
N PRO A 152 -15.21 22.32 -28.31
CA PRO A 152 -13.90 22.28 -28.97
C PRO A 152 -13.99 22.56 -30.47
N SER A 153 -12.84 22.78 -31.10
CA SER A 153 -12.76 23.03 -32.54
C SER A 153 -13.15 21.78 -33.35
N VAL A 154 -12.77 20.61 -32.84
CA VAL A 154 -13.11 19.33 -33.47
C VAL A 154 -13.91 18.47 -32.48
N PHE A 155 -15.08 18.03 -32.91
CA PHE A 155 -15.96 17.19 -32.09
C PHE A 155 -15.83 15.73 -32.48
N LEU A 156 -15.41 14.91 -31.53
CA LEU A 156 -15.44 13.46 -31.74
C LEU A 156 -16.55 12.86 -30.89
N LEU A 157 -17.48 12.18 -31.55
CA LEU A 157 -18.59 11.54 -30.86
C LEU A 157 -18.63 10.06 -31.18
N ASP A 158 -18.31 9.24 -30.19
CA ASP A 158 -18.31 7.79 -30.35
C ASP A 158 -19.61 7.20 -29.80
N GLN A 159 -20.50 6.81 -30.72
CA GLN A 159 -21.77 6.14 -30.39
C GLN A 159 -22.50 6.78 -29.20
N PRO A 160 -22.82 8.08 -29.31
CA PRO A 160 -23.28 8.84 -28.14
C PRO A 160 -24.78 8.78 -27.89
N LEU A 161 -25.52 8.04 -28.72
CA LEU A 161 -26.96 7.91 -28.53
C LEU A 161 -27.37 6.44 -28.42
N SER A 162 -26.39 5.57 -28.19
CA SER A 162 -26.60 4.12 -28.25
C SER A 162 -27.49 3.57 -27.13
N ASN A 163 -27.64 4.34 -26.06
CA ASN A 163 -28.39 3.88 -24.88
C ASN A 163 -29.50 4.84 -24.46
N LEU A 164 -30.19 5.41 -25.44
CA LEU A 164 -31.29 6.35 -25.17
C LEU A 164 -32.57 5.92 -25.89
N ASP A 165 -33.71 6.21 -25.27
CA ASP A 165 -35.02 5.91 -25.86
C ASP A 165 -35.26 6.69 -27.15
N ALA A 166 -36.07 6.10 -28.02
CA ALA A 166 -36.36 6.65 -29.35
C ALA A 166 -36.67 8.14 -29.36
N ALA A 167 -37.63 8.55 -28.52
CA ALA A 167 -38.05 9.94 -28.43
C ALA A 167 -36.93 10.88 -28.01
N LEU A 168 -36.09 10.44 -27.08
CA LEU A 168 -34.95 11.21 -26.60
C LEU A 168 -33.82 11.20 -27.61
N ARG A 169 -33.62 10.05 -28.26
CA ARG A 169 -32.61 9.88 -29.30
C ARG A 169 -32.86 10.86 -30.44
N VAL A 170 -34.13 11.12 -30.72
CA VAL A 170 -34.53 12.11 -31.73
C VAL A 170 -34.27 13.52 -31.20
N GLN A 171 -34.60 13.76 -29.93
CA GLN A 171 -34.40 15.06 -29.30
C GLN A 171 -32.93 15.46 -29.24
N MET A 172 -32.06 14.49 -29.00
CA MET A 172 -30.61 14.72 -28.96
C MET A 172 -30.05 14.93 -30.36
N ARG A 173 -30.54 14.14 -31.32
CA ARG A 173 -30.18 14.28 -32.72
C ARG A 173 -30.38 15.72 -33.20
N ILE A 174 -31.56 16.27 -32.91
CA ILE A 174 -31.90 17.66 -33.23
C ILE A 174 -30.94 18.62 -32.53
N GLU A 175 -30.60 18.32 -31.28
CA GLU A 175 -29.72 19.18 -30.48
C GLU A 175 -28.29 19.22 -30.98
N ILE A 176 -27.82 18.10 -31.54
CA ILE A 176 -26.48 18.05 -32.16
C ILE A 176 -26.52 18.87 -33.45
N SER A 177 -27.54 18.60 -34.27
CA SER A 177 -27.71 19.26 -35.55
C SER A 177 -27.92 20.78 -35.43
N ARG A 178 -28.60 21.19 -34.36
CA ARG A 178 -28.80 22.62 -34.09
C ARG A 178 -27.51 23.30 -33.64
N LEU A 179 -26.69 22.59 -32.88
CA LEU A 179 -25.43 23.13 -32.41
C LEU A 179 -24.41 23.24 -33.55
N HIS A 180 -24.33 22.19 -34.38
CA HIS A 180 -23.42 22.17 -35.53
C HIS A 180 -23.63 23.37 -36.44
N LYS A 181 -24.89 23.68 -36.75
CA LYS A 181 -25.21 24.81 -37.62
C LYS A 181 -25.03 26.16 -36.91
N ARG A 182 -25.06 26.14 -35.58
CA ARG A 182 -24.88 27.35 -34.79
C ARG A 182 -23.41 27.76 -34.67
N LEU A 183 -22.52 26.76 -34.65
CA LEU A 183 -21.09 27.00 -34.49
C LEU A 183 -20.31 26.86 -35.78
N GLY A 184 -20.71 25.92 -36.63
CA GLY A 184 -20.04 25.67 -37.90
C GLY A 184 -18.69 24.97 -37.72
N ARG A 185 -18.65 24.02 -36.79
CA ARG A 185 -17.44 23.28 -36.47
C ARG A 185 -17.40 21.92 -37.16
N THR A 186 -16.21 21.33 -37.19
CA THR A 186 -16.02 19.98 -37.73
C THR A 186 -16.46 18.95 -36.68
N MET A 187 -17.33 18.03 -37.08
CA MET A 187 -17.78 16.95 -36.19
C MET A 187 -17.55 15.58 -36.84
N ILE A 188 -16.92 14.69 -36.09
CA ILE A 188 -16.78 13.29 -36.50
C ILE A 188 -17.65 12.44 -35.56
N TYR A 189 -18.60 11.73 -36.15
CA TYR A 189 -19.71 11.16 -35.40
C TYR A 189 -19.88 9.67 -35.69
N VAL A 190 -19.51 8.83 -34.74
CA VAL A 190 -19.65 7.38 -34.88
C VAL A 190 -21.03 6.95 -34.38
N THR A 191 -21.78 6.28 -35.25
CA THR A 191 -23.09 5.73 -34.88
C THR A 191 -23.35 4.41 -35.60
N HIS A 192 -24.14 3.54 -34.97
CA HIS A 192 -24.59 2.32 -35.62
C HIS A 192 -26.01 2.51 -36.12
N ASP A 193 -26.71 3.51 -35.57
CA ASP A 193 -28.06 3.88 -35.97
C ASP A 193 -28.02 4.48 -37.37
N GLN A 194 -28.64 3.79 -38.32
CA GLN A 194 -28.66 4.22 -39.72
C GLN A 194 -29.38 5.55 -39.89
N VAL A 195 -30.49 5.72 -39.17
CA VAL A 195 -31.27 6.97 -39.17
C VAL A 195 -30.40 8.17 -38.81
N GLU A 196 -29.64 8.05 -37.71
CA GLU A 196 -28.73 9.09 -37.26
C GLU A 196 -27.76 9.49 -38.37
N ALA A 197 -27.16 8.49 -39.01
CA ALA A 197 -26.21 8.70 -40.10
C ALA A 197 -26.84 9.46 -41.27
N MET A 198 -28.04 9.03 -41.68
CA MET A 198 -28.72 9.62 -42.83
C MET A 198 -29.18 11.06 -42.57
N THR A 199 -29.47 11.39 -41.32
CA THR A 199 -30.09 12.68 -40.99
C THR A 199 -29.12 13.78 -40.54
N LEU A 200 -27.94 13.37 -40.07
CA LEU A 200 -26.97 14.31 -39.52
C LEU A 200 -25.85 14.67 -40.48
N ALA A 201 -25.49 13.72 -41.34
CA ALA A 201 -24.26 13.81 -42.14
C ALA A 201 -24.29 14.76 -43.33
N ASP A 202 -23.18 15.47 -43.52
CA ASP A 202 -22.84 16.08 -44.79
C ASP A 202 -22.14 15.01 -45.63
N LYS A 203 -21.55 14.04 -44.94
CA LYS A 203 -20.69 13.03 -45.56
C LYS A 203 -20.69 11.79 -44.68
N ILE A 204 -20.81 10.62 -45.29
CA ILE A 204 -20.76 9.36 -44.54
C ILE A 204 -19.54 8.54 -44.97
N VAL A 205 -18.83 8.01 -43.98
CA VAL A 205 -17.68 7.13 -44.24
C VAL A 205 -18.00 5.71 -43.78
N VAL A 206 -17.95 4.77 -44.73
CA VAL A 206 -18.18 3.36 -44.45
C VAL A 206 -16.84 2.65 -44.33
N LEU A 207 -16.64 1.99 -43.18
CA LEU A 207 -15.40 1.30 -42.91
C LEU A 207 -15.58 -0.21 -42.93
N ASP A 208 -14.57 -0.92 -43.41
CA ASP A 208 -14.60 -2.38 -43.47
C ASP A 208 -13.23 -2.97 -43.16
N ALA A 209 -13.18 -3.78 -42.10
CA ALA A 209 -11.95 -4.47 -41.69
C ALA A 209 -10.69 -3.62 -41.91
N GLY A 210 -10.68 -2.44 -41.31
CA GLY A 210 -9.54 -1.53 -41.36
C GLY A 210 -9.35 -0.74 -42.64
N ARG A 211 -10.28 -0.90 -43.60
CA ARG A 211 -10.23 -0.17 -44.86
C ARG A 211 -11.41 0.78 -44.98
N VAL A 212 -11.21 1.89 -45.69
CA VAL A 212 -12.32 2.75 -46.07
C VAL A 212 -12.99 2.12 -47.29
N ALA A 213 -14.25 1.74 -47.14
CA ALA A 213 -14.99 1.08 -48.19
C ALA A 213 -15.51 2.07 -49.24
N GLN A 214 -16.06 3.18 -48.76
CA GLN A 214 -16.62 4.23 -49.61
C GLN A 214 -16.93 5.49 -48.80
N VAL A 215 -16.83 6.64 -49.45
CA VAL A 215 -17.17 7.92 -48.85
C VAL A 215 -18.18 8.63 -49.77
N GLY A 216 -19.19 9.25 -49.18
CA GLY A 216 -20.15 10.02 -49.96
C GLY A 216 -21.34 10.54 -49.17
N LYS A 217 -22.20 11.31 -49.83
CA LYS A 217 -23.44 11.83 -49.26
C LYS A 217 -24.34 10.69 -48.77
N PRO A 218 -25.30 10.98 -47.86
CA PRO A 218 -26.23 9.95 -47.39
C PRO A 218 -26.98 9.26 -48.54
N LEU A 219 -27.68 10.04 -49.35
CA LEU A 219 -28.43 9.51 -50.49
C LEU A 219 -27.53 8.94 -51.58
N GLU A 220 -26.28 9.42 -51.61
CA GLU A 220 -25.28 8.98 -52.58
C GLU A 220 -24.93 7.51 -52.39
N LEU A 221 -24.74 7.11 -51.13
CA LEU A 221 -24.35 5.75 -50.79
C LEU A 221 -25.53 4.79 -50.82
N TYR A 222 -26.71 5.30 -50.48
CA TYR A 222 -27.93 4.53 -50.50
C TYR A 222 -28.28 4.11 -51.93
N HIS A 223 -28.43 5.10 -52.80
CA HIS A 223 -28.78 4.87 -54.20
C HIS A 223 -27.65 4.21 -54.99
N TYR A 224 -26.41 4.67 -54.75
CA TYR A 224 -25.26 4.18 -55.51
C TYR A 224 -24.11 3.71 -54.62
N PRO A 225 -24.18 2.47 -54.12
CA PRO A 225 -23.07 1.85 -53.40
C PRO A 225 -21.96 1.46 -54.37
N ALA A 226 -20.72 1.47 -53.91
CA ALA A 226 -19.57 1.17 -54.78
C ALA A 226 -19.29 -0.32 -54.90
N ASP A 227 -19.77 -1.11 -53.95
CA ASP A 227 -19.59 -2.56 -53.98
C ASP A 227 -20.65 -3.33 -53.19
N ARG A 228 -20.52 -4.66 -53.20
CA ARG A 228 -21.42 -5.58 -52.50
C ARG A 228 -21.55 -5.23 -51.01
N PHE A 229 -20.42 -5.00 -50.36
CA PHE A 229 -20.38 -4.71 -48.93
C PHE A 229 -21.17 -3.46 -48.52
N VAL A 230 -20.87 -2.34 -49.18
CA VAL A 230 -21.52 -1.05 -48.88
C VAL A 230 -23.03 -1.14 -49.11
N ALA A 231 -23.43 -1.83 -50.16
CA ALA A 231 -24.84 -2.06 -50.47
C ALA A 231 -25.52 -2.84 -49.35
N GLY A 232 -24.85 -3.88 -48.87
CA GLY A 232 -25.37 -4.73 -47.80
C GLY A 232 -25.27 -4.11 -46.41
N PHE A 233 -24.58 -2.97 -46.30
CA PHE A 233 -24.39 -2.33 -44.99
C PHE A 233 -25.25 -1.10 -44.77
N ILE A 234 -25.57 -0.37 -45.82
CA ILE A 234 -26.48 0.77 -45.69
C ILE A 234 -27.87 0.36 -46.13
N GLY A 235 -28.85 0.65 -45.27
CA GLY A 235 -30.24 0.26 -45.51
C GLY A 235 -30.78 -0.55 -44.35
N SER A 236 -31.88 -0.06 -43.76
CA SER A 236 -32.50 -0.62 -42.54
C SER A 236 -32.34 -2.15 -42.42
N PRO A 237 -33.24 -2.95 -43.05
CA PRO A 237 -32.84 -4.34 -43.28
C PRO A 237 -31.95 -4.45 -44.51
N LYS A 238 -31.03 -5.41 -44.49
CA LYS A 238 -30.04 -5.63 -45.55
C LYS A 238 -30.67 -5.78 -46.93
N MET A 239 -29.98 -5.25 -47.95
CA MET A 239 -30.38 -5.42 -49.35
C MET A 239 -30.43 -6.90 -49.71
N ASN A 240 -31.43 -7.28 -50.51
CA ASN A 240 -31.56 -8.66 -50.98
C ASN A 240 -30.56 -8.96 -52.09
N PHE A 241 -29.96 -10.15 -52.03
CA PHE A 241 -28.95 -10.54 -53.01
C PHE A 241 -29.26 -11.85 -53.73
N LEU A 242 -29.52 -11.74 -55.04
CA LEU A 242 -29.83 -12.89 -55.89
C LEU A 242 -28.69 -13.15 -56.87
N PRO A 243 -28.31 -14.43 -57.06
CA PRO A 243 -27.30 -14.75 -58.07
C PRO A 243 -27.91 -14.76 -59.47
N VAL A 244 -27.26 -14.06 -60.40
CA VAL A 244 -27.72 -14.02 -61.80
C VAL A 244 -26.63 -14.43 -62.79
N LYS A 245 -27.04 -14.69 -64.03
CA LYS A 245 -26.13 -14.99 -65.14
C LYS A 245 -26.29 -13.94 -66.22
N VAL A 246 -25.17 -13.40 -66.72
CA VAL A 246 -25.20 -12.41 -67.80
C VAL A 246 -25.54 -13.07 -69.13
N THR A 247 -26.49 -12.49 -69.86
CA THR A 247 -26.91 -13.02 -71.16
C THR A 247 -26.50 -12.13 -72.33
N ALA A 248 -26.58 -10.81 -72.13
CA ALA A 248 -26.17 -9.84 -73.14
C ALA A 248 -25.62 -8.57 -72.50
N THR A 249 -24.84 -7.81 -73.26
CA THR A 249 -24.26 -6.55 -72.78
C THR A 249 -24.42 -5.41 -73.77
N ALA A 250 -24.80 -4.25 -73.25
CA ALA A 250 -24.80 -2.99 -74.00
C ALA A 250 -23.97 -1.98 -73.23
N ILE A 251 -23.64 -0.85 -73.85
CA ILE A 251 -22.90 0.23 -73.18
C ILE A 251 -23.68 0.72 -71.97
N ASP A 252 -24.99 0.93 -72.17
CA ASP A 252 -25.87 1.52 -71.16
C ASP A 252 -26.42 0.52 -70.15
N GLN A 253 -26.42 -0.76 -70.49
CA GLN A 253 -27.18 -1.74 -69.72
C GLN A 253 -26.64 -3.17 -69.77
N VAL A 254 -27.11 -4.01 -68.84
CA VAL A 254 -26.75 -5.43 -68.78
C VAL A 254 -28.01 -6.28 -68.71
N GLN A 255 -28.07 -7.33 -69.54
CA GLN A 255 -29.17 -8.28 -69.49
C GLN A 255 -28.76 -9.51 -68.67
N VAL A 256 -29.52 -9.78 -67.61
CA VAL A 256 -29.23 -10.89 -66.71
C VAL A 256 -30.37 -11.90 -66.63
N GLU A 257 -30.04 -13.13 -66.26
CA GLU A 257 -31.01 -14.22 -66.16
C GLU A 257 -31.19 -14.65 -64.70
N LEU A 258 -32.43 -14.61 -64.23
CA LEU A 258 -32.78 -14.99 -62.87
C LEU A 258 -32.61 -16.50 -62.66
N PRO A 259 -32.17 -16.91 -61.45
CA PRO A 259 -31.73 -18.29 -61.17
C PRO A 259 -32.84 -19.31 -61.02
N MET A 260 -34.08 -18.87 -60.85
CA MET A 260 -35.21 -19.79 -60.70
C MET A 260 -35.75 -20.29 -62.04
N PRO A 261 -36.35 -21.50 -62.05
CA PRO A 261 -36.91 -22.22 -63.20
C PRO A 261 -37.35 -21.38 -64.41
N ASN A 262 -38.02 -20.25 -64.16
CA ASN A 262 -38.54 -19.39 -65.24
C ASN A 262 -37.48 -18.76 -66.14
N ARG A 263 -36.26 -18.63 -65.61
CA ARG A 263 -35.12 -18.05 -66.34
C ARG A 263 -35.43 -16.69 -66.97
N GLN A 264 -36.19 -15.88 -66.23
CA GLN A 264 -36.56 -14.54 -66.67
C GLN A 264 -35.32 -13.72 -67.02
N GLN A 265 -35.36 -13.07 -68.17
CA GLN A 265 -34.25 -12.23 -68.61
C GLN A 265 -34.66 -10.76 -68.56
N VAL A 266 -33.90 -9.97 -67.80
CA VAL A 266 -34.23 -8.57 -67.55
C VAL A 266 -33.05 -7.62 -67.85
N TRP A 267 -33.34 -6.52 -68.54
CA TRP A 267 -32.34 -5.48 -68.81
C TRP A 267 -32.25 -4.50 -67.63
N LEU A 268 -31.04 -4.26 -67.14
CA LEU A 268 -30.82 -3.35 -66.03
C LEU A 268 -29.96 -2.16 -66.46
N PRO A 269 -30.46 -0.93 -66.24
CA PRO A 269 -29.69 0.29 -66.56
C PRO A 269 -28.42 0.39 -65.71
N VAL A 270 -27.36 -0.27 -66.17
CA VAL A 270 -26.20 -0.54 -65.34
C VAL A 270 -24.88 -0.67 -66.14
N GLU A 271 -23.87 0.07 -65.67
CA GLU A 271 -22.47 0.01 -66.13
C GLU A 271 -22.15 -0.83 -67.36
N SER A 272 -22.13 -2.16 -67.20
CA SER A 272 -21.69 -3.11 -68.24
C SER A 272 -20.17 -3.18 -68.43
N ARG A 273 -19.47 -2.17 -67.94
CA ARG A 273 -18.01 -2.13 -68.01
C ARG A 273 -17.40 -3.34 -67.30
N ASP A 274 -16.52 -4.04 -68.01
CA ASP A 274 -15.84 -5.24 -67.51
C ASP A 274 -16.85 -6.31 -67.06
N VAL A 275 -17.75 -6.68 -67.96
CA VAL A 275 -18.77 -7.69 -67.71
C VAL A 275 -18.86 -8.64 -68.90
N GLN A 276 -18.54 -9.91 -68.67
CA GLN A 276 -18.64 -10.93 -69.71
C GLN A 276 -19.97 -11.67 -69.65
N VAL A 277 -20.43 -12.16 -70.80
CA VAL A 277 -21.64 -12.99 -70.86
C VAL A 277 -21.40 -14.35 -70.22
N GLY A 278 -22.35 -14.78 -69.39
CA GLY A 278 -22.24 -16.05 -68.69
C GLY A 278 -21.53 -15.96 -67.35
N ALA A 279 -20.97 -14.79 -67.04
CA ALA A 279 -20.28 -14.56 -65.77
C ALA A 279 -21.29 -14.37 -64.63
N ASN A 280 -21.00 -14.99 -63.49
CA ASN A 280 -21.90 -14.95 -62.34
C ASN A 280 -21.85 -13.61 -61.61
N MET A 281 -22.98 -12.89 -61.64
CA MET A 281 -23.10 -11.62 -60.93
C MET A 281 -24.02 -11.79 -59.73
N SER A 282 -24.09 -10.74 -58.91
CA SER A 282 -25.01 -10.70 -57.78
C SER A 282 -25.99 -9.56 -58.02
N LEU A 283 -27.28 -9.89 -58.09
CA LEU A 283 -28.33 -8.90 -58.24
C LEU A 283 -28.72 -8.37 -56.86
N GLY A 284 -28.75 -7.05 -56.73
CA GLY A 284 -29.14 -6.40 -55.49
C GLY A 284 -30.46 -5.66 -55.62
N ILE A 285 -31.38 -5.93 -54.70
CA ILE A 285 -32.64 -5.20 -54.64
C ILE A 285 -33.08 -4.98 -53.20
N ARG A 286 -33.35 -3.72 -52.86
CA ARG A 286 -33.75 -3.34 -51.51
C ARG A 286 -35.20 -3.74 -51.24
N PRO A 287 -35.47 -4.27 -50.03
CA PRO A 287 -36.81 -4.59 -49.55
C PRO A 287 -37.84 -3.47 -49.79
N GLU A 288 -37.39 -2.22 -49.67
CA GLU A 288 -38.26 -1.04 -49.82
C GLU A 288 -38.68 -0.82 -51.26
N HIS A 289 -37.84 -1.28 -52.19
CA HIS A 289 -38.04 -1.04 -53.61
C HIS A 289 -38.84 -2.13 -54.32
N LEU A 290 -38.86 -3.33 -53.73
CA LEU A 290 -39.67 -4.42 -54.25
C LEU A 290 -41.13 -3.98 -54.37
N LEU A 291 -41.72 -4.25 -55.53
CA LEU A 291 -43.07 -3.78 -55.85
C LEU A 291 -44.13 -4.85 -55.56
N PRO A 292 -45.38 -4.42 -55.29
CA PRO A 292 -46.50 -5.37 -55.27
C PRO A 292 -46.66 -6.06 -56.63
N SER A 293 -47.10 -7.31 -56.61
CA SER A 293 -47.18 -8.15 -57.82
C SER A 293 -48.01 -7.54 -58.96
N ASP A 294 -49.11 -6.90 -58.59
CA ASP A 294 -50.06 -6.33 -59.56
C ASP A 294 -49.48 -5.23 -60.46
N ILE A 295 -48.44 -4.55 -59.97
CA ILE A 295 -47.81 -3.45 -60.71
C ILE A 295 -46.72 -3.96 -61.65
N ALA A 296 -45.76 -4.69 -61.09
CA ALA A 296 -44.50 -5.02 -61.79
C ALA A 296 -44.64 -6.06 -62.89
N ASP A 297 -43.69 -6.02 -63.84
CA ASP A 297 -43.60 -6.99 -64.92
C ASP A 297 -42.88 -8.25 -64.47
N VAL A 298 -41.74 -8.08 -63.80
CA VAL A 298 -40.96 -9.21 -63.29
C VAL A 298 -41.54 -9.69 -61.95
N ILE A 299 -41.97 -10.95 -61.92
CA ILE A 299 -42.62 -11.52 -60.74
C ILE A 299 -41.76 -12.62 -60.13
N LEU A 300 -41.63 -12.60 -58.81
CA LEU A 300 -40.94 -13.66 -58.07
C LEU A 300 -41.87 -14.25 -57.01
N GLU A 301 -42.17 -15.53 -57.16
CA GLU A 301 -43.08 -16.24 -56.27
C GLU A 301 -42.32 -17.23 -55.41
N GLY A 302 -42.71 -17.32 -54.13
CA GLY A 302 -42.07 -18.23 -53.19
C GLY A 302 -42.97 -18.65 -52.05
N GLU A 303 -42.38 -18.81 -50.87
CA GLU A 303 -43.10 -19.27 -49.68
C GLU A 303 -42.71 -18.42 -48.46
N VAL A 304 -43.71 -17.96 -47.73
CA VAL A 304 -43.49 -17.12 -46.54
C VAL A 304 -42.84 -17.94 -45.42
N GLN A 305 -41.70 -17.45 -44.93
CA GLN A 305 -40.99 -18.09 -43.82
C GLN A 305 -41.15 -17.29 -42.53
N VAL A 306 -40.93 -15.97 -42.61
CA VAL A 306 -41.02 -15.10 -41.45
C VAL A 306 -41.91 -13.90 -41.76
N VAL A 307 -42.78 -13.55 -40.81
CA VAL A 307 -43.55 -12.32 -40.85
C VAL A 307 -43.24 -11.52 -39.59
N GLU A 308 -42.81 -10.27 -39.76
CA GLU A 308 -42.47 -9.42 -38.63
C GLU A 308 -43.33 -8.16 -38.61
N GLN A 309 -44.15 -8.03 -37.58
CA GLN A 309 -45.04 -6.88 -37.42
C GLN A 309 -44.33 -5.75 -36.68
N LEU A 310 -44.33 -4.56 -37.28
CA LEU A 310 -43.64 -3.41 -36.71
C LEU A 310 -44.57 -2.23 -36.43
N GLY A 311 -45.87 -2.44 -36.64
CA GLY A 311 -46.88 -1.41 -36.40
C GLY A 311 -47.07 -0.53 -37.62
N ASN A 312 -46.03 0.20 -38.00
CA ASN A 312 -46.06 1.06 -39.17
C ASN A 312 -45.95 0.28 -40.48
N GLU A 313 -45.25 -0.85 -40.43
CA GLU A 313 -44.99 -1.67 -41.62
C GLU A 313 -44.88 -3.16 -41.28
N THR A 314 -45.08 -3.99 -42.29
CA THR A 314 -44.94 -5.44 -42.13
C THR A 314 -43.77 -5.94 -42.98
N GLN A 315 -42.91 -6.75 -42.37
CA GLN A 315 -41.77 -7.30 -43.09
C GLN A 315 -41.96 -8.80 -43.31
N ILE A 316 -42.05 -9.17 -44.58
CA ILE A 316 -42.31 -10.54 -44.99
C ILE A 316 -41.05 -11.15 -45.61
N HIS A 317 -40.65 -12.29 -45.07
CA HIS A 317 -39.49 -13.02 -45.57
C HIS A 317 -39.99 -14.16 -46.46
N ILE A 318 -39.60 -14.13 -47.73
CA ILE A 318 -40.07 -15.09 -48.73
C ILE A 318 -38.93 -15.98 -49.22
N GLN A 319 -39.11 -17.29 -49.08
CA GLN A 319 -38.16 -18.24 -49.64
C GLN A 319 -38.56 -18.57 -51.07
N ILE A 320 -37.83 -18.00 -52.02
CA ILE A 320 -38.08 -18.22 -53.43
C ILE A 320 -37.16 -19.33 -53.94
N PRO A 321 -37.74 -20.35 -54.60
CA PRO A 321 -37.01 -21.50 -55.14
C PRO A 321 -35.74 -21.11 -55.91
N SER A 322 -34.71 -21.93 -55.78
CA SER A 322 -33.41 -21.73 -56.42
C SER A 322 -32.64 -20.50 -55.91
N ILE A 323 -32.97 -20.06 -54.70
CA ILE A 323 -32.20 -19.04 -53.98
C ILE A 323 -31.99 -19.49 -52.53
N ARG A 324 -30.72 -19.58 -52.14
CA ARG A 324 -30.34 -20.00 -50.78
C ARG A 324 -30.80 -18.99 -49.73
N GLN A 325 -30.64 -17.70 -50.04
CA GLN A 325 -31.04 -16.64 -49.13
C GLN A 325 -32.54 -16.33 -49.22
N ASN A 326 -33.13 -15.96 -48.09
CA ASN A 326 -34.51 -15.50 -48.05
C ASN A 326 -34.64 -14.06 -48.52
N LEU A 327 -35.75 -13.76 -49.19
CA LEU A 327 -36.01 -12.42 -49.69
C LEU A 327 -36.88 -11.64 -48.72
N VAL A 328 -36.32 -10.58 -48.14
CA VAL A 328 -37.04 -9.74 -47.21
C VAL A 328 -37.77 -8.63 -47.97
N TYR A 329 -39.06 -8.48 -47.68
CA TYR A 329 -39.91 -7.50 -48.37
C TYR A 329 -40.62 -6.60 -47.37
N ARG A 330 -40.56 -5.30 -47.62
CA ARG A 330 -41.21 -4.30 -46.77
C ARG A 330 -42.49 -3.77 -47.42
N GLN A 331 -43.56 -3.72 -46.63
CA GLN A 331 -44.84 -3.20 -47.11
C GLN A 331 -45.50 -2.29 -46.07
N ASN A 332 -46.05 -1.18 -46.52
CA ASN A 332 -46.73 -0.22 -45.66
C ASN A 332 -47.93 -0.82 -44.92
N ASP A 333 -48.13 -0.38 -43.68
CA ASP A 333 -49.25 -0.79 -42.83
C ASP A 333 -49.19 -2.26 -42.38
N VAL A 334 -50.10 -2.65 -41.50
CA VAL A 334 -50.17 -4.02 -40.98
C VAL A 334 -50.76 -4.97 -42.02
N VAL A 335 -49.98 -5.99 -42.38
CA VAL A 335 -50.39 -7.01 -43.35
C VAL A 335 -50.47 -8.38 -42.68
N LEU A 336 -51.62 -9.03 -42.80
CA LEU A 336 -51.83 -10.34 -42.18
C LEU A 336 -51.50 -11.47 -43.16
N VAL A 337 -50.34 -12.09 -42.94
CA VAL A 337 -49.88 -13.22 -43.75
C VAL A 337 -49.40 -14.35 -42.83
N GLU A 338 -49.82 -15.57 -43.14
CA GLU A 338 -49.40 -16.74 -42.35
C GLU A 338 -48.14 -17.38 -42.92
N GLU A 339 -47.29 -17.89 -42.03
CA GLU A 339 -46.06 -18.58 -42.42
C GLU A 339 -46.39 -19.84 -43.23
N GLY A 340 -45.94 -19.85 -44.48
CA GLY A 340 -46.22 -20.96 -45.39
C GLY A 340 -47.09 -20.57 -46.57
N ALA A 341 -47.72 -19.41 -46.48
CA ALA A 341 -48.53 -18.88 -47.56
C ALA A 341 -47.66 -18.47 -48.74
N THR A 342 -48.16 -18.71 -49.95
CA THR A 342 -47.41 -18.36 -51.16
C THR A 342 -47.55 -16.87 -51.49
N PHE A 343 -46.41 -16.18 -51.55
CA PHE A 343 -46.38 -14.75 -51.77
C PHE A 343 -45.65 -14.40 -53.06
N ALA A 344 -46.13 -13.36 -53.74
CA ALA A 344 -45.51 -12.89 -54.98
C ALA A 344 -45.19 -11.40 -54.90
N ILE A 345 -43.98 -11.04 -55.32
CA ILE A 345 -43.53 -9.65 -55.33
C ILE A 345 -43.07 -9.21 -56.72
N GLY A 346 -42.93 -7.90 -56.89
CA GLY A 346 -42.43 -7.32 -58.13
C GLY A 346 -40.98 -6.91 -58.01
N LEU A 347 -40.22 -7.19 -59.06
CA LEU A 347 -38.79 -6.90 -59.11
C LEU A 347 -38.53 -5.78 -60.12
N PRO A 348 -38.35 -4.53 -59.62
CA PRO A 348 -38.18 -3.37 -60.50
C PRO A 348 -36.76 -3.25 -61.08
N PRO A 349 -36.64 -3.34 -62.42
CA PRO A 349 -35.34 -3.41 -63.09
C PRO A 349 -34.46 -2.18 -62.86
N GLU A 350 -35.07 -1.00 -62.88
CA GLU A 350 -34.36 0.27 -62.74
C GLU A 350 -33.86 0.57 -61.32
N ARG A 351 -34.26 -0.28 -60.37
CA ARG A 351 -33.85 -0.14 -58.97
C ARG A 351 -32.89 -1.24 -58.53
N CYS A 352 -32.54 -2.11 -59.48
CA CYS A 352 -31.64 -3.24 -59.21
C CYS A 352 -30.18 -2.82 -59.22
N HIS A 353 -29.40 -3.42 -58.32
CA HIS A 353 -27.96 -3.24 -58.27
C HIS A 353 -27.29 -4.50 -58.84
N LEU A 354 -26.11 -4.34 -59.44
CA LEU A 354 -25.37 -5.48 -59.95
C LEU A 354 -23.91 -5.43 -59.53
N PHE A 355 -23.36 -6.58 -59.18
CA PHE A 355 -21.99 -6.68 -58.67
C PHE A 355 -21.23 -7.82 -59.35
N ARG A 356 -19.96 -7.55 -59.69
CA ARG A 356 -19.07 -8.56 -60.29
C ARG A 356 -18.60 -9.57 -59.24
N GLU A 357 -17.84 -10.57 -59.67
CA GLU A 357 -17.38 -11.62 -58.75
C GLU A 357 -16.38 -11.10 -57.71
N ASP A 358 -15.71 -9.99 -58.02
CA ASP A 358 -14.88 -9.30 -57.04
C ASP A 358 -15.72 -8.41 -56.12
N GLY A 359 -17.02 -8.37 -56.39
CA GLY A 359 -17.96 -7.66 -55.52
C GLY A 359 -18.13 -6.19 -55.83
N THR A 360 -17.40 -5.69 -56.83
CA THR A 360 -17.47 -4.29 -57.21
C THR A 360 -18.78 -3.99 -57.94
N ALA A 361 -19.41 -2.88 -57.58
CA ALA A 361 -20.70 -2.51 -58.15
C ALA A 361 -20.62 -2.05 -59.59
N CYS A 362 -21.53 -2.57 -60.41
CA CYS A 362 -21.72 -2.09 -61.77
C CYS A 362 -22.56 -0.82 -61.68
N ARG A 363 -21.88 0.33 -61.70
CA ARG A 363 -22.50 1.64 -61.52
C ARG A 363 -23.89 1.75 -62.16
N ARG A 364 -24.89 2.05 -61.33
CA ARG A 364 -26.24 2.29 -61.81
C ARG A 364 -26.28 3.57 -62.63
N LEU A 365 -26.89 3.49 -63.80
CA LEU A 365 -26.97 4.64 -64.69
C LEU A 365 -28.36 5.27 -64.67
N HIS A 366 -29.22 4.72 -63.80
CA HIS A 366 -30.55 5.27 -63.57
C HIS A 366 -30.46 6.41 -62.56
N LYS A 367 -30.89 7.60 -62.97
CA LYS A 367 -30.88 8.77 -62.10
C LYS A 367 -32.01 8.69 -61.06
N GLU A 368 -31.67 8.99 -59.81
CA GLU A 368 -32.63 8.96 -58.72
C GLU A 368 -32.62 10.30 -57.98
N PRO A 369 -33.81 10.85 -57.68
CA PRO A 369 -33.95 12.18 -57.06
C PRO A 369 -33.12 12.37 -55.79
N GLY A 370 -32.58 13.57 -55.63
CA GLY A 370 -31.81 13.93 -54.44
C GLY A 370 -30.33 13.60 -54.48
N VAL A 371 -29.84 13.21 -55.66
CA VAL A 371 -28.41 12.95 -55.86
C VAL A 371 -27.87 13.84 -56.97
N ALA A 372 -26.96 14.74 -56.61
CA ALA A 372 -26.35 15.68 -57.55
C ALA A 372 -25.36 15.00 -58.50
N ALA B 2 -38.47 -20.18 -14.99
CA ALA B 2 -39.27 -19.99 -13.75
C ALA B 2 -40.27 -18.84 -13.90
N SER B 3 -41.49 -19.05 -13.42
CA SER B 3 -42.55 -18.05 -13.50
C SER B 3 -42.30 -16.89 -12.54
N VAL B 4 -41.48 -15.95 -12.98
CA VAL B 4 -41.16 -14.75 -12.19
C VAL B 4 -42.32 -13.74 -12.19
N GLN B 5 -42.76 -13.36 -11.00
CA GLN B 5 -43.78 -12.32 -10.87
C GLN B 5 -43.50 -11.35 -9.73
N LEU B 6 -43.91 -10.10 -9.93
CA LEU B 6 -43.66 -9.03 -8.98
C LEU B 6 -44.98 -8.47 -8.47
N GLN B 7 -45.11 -8.37 -7.15
CA GLN B 7 -46.33 -7.87 -6.52
C GLN B 7 -46.06 -6.61 -5.70
N ASN B 8 -46.62 -5.50 -6.16
CA ASN B 8 -46.46 -4.19 -5.52
C ASN B 8 -45.03 -3.86 -5.11
N VAL B 9 -44.08 -4.19 -6.00
CA VAL B 9 -42.66 -3.98 -5.74
C VAL B 9 -42.32 -2.49 -5.84
N THR B 10 -41.74 -1.98 -4.76
CA THR B 10 -41.37 -0.57 -4.65
C THR B 10 -39.89 -0.47 -4.28
N LYS B 11 -39.20 0.45 -4.95
CA LYS B 11 -37.80 0.75 -4.63
C LYS B 11 -37.64 2.25 -4.37
N ALA B 12 -36.96 2.57 -3.28
CA ALA B 12 -36.67 3.95 -2.91
C ALA B 12 -35.21 4.12 -2.53
N TRP B 13 -34.61 5.19 -3.05
CA TRP B 13 -33.27 5.59 -2.63
C TRP B 13 -33.37 6.67 -1.57
N GLY B 14 -33.96 6.30 -0.42
CA GLY B 14 -34.26 7.25 0.64
C GLY B 14 -35.47 8.09 0.27
N GLU B 15 -35.23 9.12 -0.54
CA GLU B 15 -36.27 10.04 -1.01
C GLU B 15 -36.70 9.72 -2.44
N VAL B 16 -35.72 9.39 -3.29
CA VAL B 16 -35.95 9.13 -4.71
C VAL B 16 -36.72 7.82 -4.91
N VAL B 17 -37.98 7.94 -5.32
CA VAL B 17 -38.83 6.78 -5.60
C VAL B 17 -38.66 6.36 -7.07
N VAL B 18 -37.78 5.38 -7.28
CA VAL B 18 -37.42 4.91 -8.64
C VAL B 18 -38.42 3.88 -9.18
N SER B 19 -39.15 3.23 -8.28
CA SER B 19 -40.21 2.28 -8.65
C SER B 19 -41.39 2.43 -7.69
N LYS B 20 -42.60 2.39 -8.23
CA LYS B 20 -43.80 2.65 -7.44
C LYS B 20 -44.82 1.50 -7.55
N ASP B 21 -44.91 0.70 -6.48
CA ASP B 21 -45.74 -0.51 -6.40
C ASP B 21 -46.13 -1.10 -7.76
N ILE B 22 -45.14 -1.66 -8.45
CA ILE B 22 -45.34 -2.22 -9.78
C ILE B 22 -45.86 -3.66 -9.70
N ASN B 23 -46.77 -3.99 -10.61
CA ASN B 23 -47.35 -5.33 -10.70
C ASN B 23 -47.09 -5.97 -12.06
N LEU B 24 -46.37 -7.10 -12.04
CA LEU B 24 -46.06 -7.84 -13.26
C LEU B 24 -46.16 -9.34 -13.04
N ASP B 25 -46.74 -10.03 -14.02
CA ASP B 25 -46.88 -11.47 -13.97
C ASP B 25 -46.29 -12.09 -15.22
N ILE B 26 -44.99 -12.38 -15.18
CA ILE B 26 -44.30 -13.00 -16.32
C ILE B 26 -44.38 -14.52 -16.19
N HIS B 27 -45.10 -15.15 -17.13
CA HIS B 27 -45.32 -16.59 -17.10
C HIS B 27 -44.09 -17.36 -17.57
N GLU B 28 -44.01 -18.63 -17.16
CA GLU B 28 -42.93 -19.53 -17.57
C GLU B 28 -42.84 -19.64 -19.09
N GLY B 29 -41.66 -19.32 -19.63
CA GLY B 29 -41.41 -19.46 -21.06
C GLY B 29 -41.69 -18.23 -21.90
N GLU B 30 -42.30 -17.21 -21.30
CA GLU B 30 -42.62 -15.97 -22.00
C GLU B 30 -41.36 -15.15 -22.33
N PHE B 31 -41.45 -14.36 -23.39
CA PHE B 31 -40.41 -13.40 -23.74
C PHE B 31 -41.00 -12.00 -23.53
N VAL B 32 -40.58 -11.36 -22.44
CA VAL B 32 -41.11 -10.04 -22.08
C VAL B 32 -40.04 -8.97 -22.26
N VAL B 33 -40.36 -7.92 -23.01
CA VAL B 33 -39.44 -6.80 -23.16
C VAL B 33 -39.88 -5.56 -22.39
N PHE B 34 -38.91 -4.93 -21.73
CA PHE B 34 -39.11 -3.72 -20.96
C PHE B 34 -38.72 -2.52 -21.81
N VAL B 35 -39.64 -1.55 -21.93
CA VAL B 35 -39.34 -0.29 -22.60
C VAL B 35 -39.72 0.90 -21.71
N GLY B 36 -39.04 2.02 -21.92
CA GLY B 36 -39.28 3.23 -21.14
C GLY B 36 -38.21 4.27 -21.42
N PRO B 37 -38.48 5.55 -21.08
CA PRO B 37 -37.50 6.61 -21.25
C PRO B 37 -36.23 6.34 -20.47
N SER B 38 -35.11 6.91 -20.93
CA SER B 38 -33.86 6.77 -20.22
C SER B 38 -33.97 7.45 -18.86
N GLY B 39 -33.88 6.66 -17.80
CA GLY B 39 -33.99 7.18 -16.44
C GLY B 39 -35.32 6.90 -15.78
N CYS B 40 -36.01 5.86 -16.24
CA CYS B 40 -37.32 5.50 -15.69
C CYS B 40 -37.20 4.40 -14.63
N GLY B 41 -36.31 3.44 -14.88
CA GLY B 41 -36.01 2.41 -13.89
C GLY B 41 -36.04 0.98 -14.41
N LYS B 42 -35.69 0.80 -15.68
CA LYS B 42 -35.65 -0.53 -16.29
C LYS B 42 -34.57 -1.41 -15.69
N SER B 43 -33.36 -0.85 -15.53
CA SER B 43 -32.25 -1.56 -14.89
C SER B 43 -32.53 -1.84 -13.42
N THR B 44 -33.24 -0.91 -12.77
CA THR B 44 -33.64 -1.06 -11.37
C THR B 44 -34.55 -2.27 -11.19
N LEU B 45 -35.61 -2.35 -12.02
CA LEU B 45 -36.52 -3.49 -11.97
C LEU B 45 -35.77 -4.78 -12.23
N LEU B 46 -34.93 -4.75 -13.25
CA LEU B 46 -34.15 -5.91 -13.66
C LEU B 46 -33.21 -6.38 -12.56
N ARG B 47 -32.52 -5.43 -11.92
CA ARG B 47 -31.56 -5.74 -10.87
C ARG B 47 -32.23 -6.20 -9.57
N MET B 48 -33.46 -5.75 -9.36
CA MET B 48 -34.25 -6.18 -8.22
C MET B 48 -34.70 -7.63 -8.37
N ILE B 49 -34.98 -8.02 -9.61
CA ILE B 49 -35.26 -9.42 -9.92
C ILE B 49 -34.00 -10.25 -9.69
N ALA B 50 -32.85 -9.72 -10.10
CA ALA B 50 -31.56 -10.41 -9.94
C ALA B 50 -31.13 -10.54 -8.48
N GLY B 51 -31.43 -9.52 -7.68
CA GLY B 51 -30.99 -9.48 -6.29
C GLY B 51 -29.73 -8.66 -6.08
N LEU B 52 -29.34 -7.92 -7.13
CA LEU B 52 -28.20 -7.01 -7.07
C LEU B 52 -28.65 -5.66 -6.51
N GLU B 53 -29.96 -5.50 -6.39
CA GLU B 53 -30.55 -4.33 -5.74
C GLU B 53 -31.67 -4.82 -4.81
N THR B 54 -31.81 -4.17 -3.66
CA THR B 54 -32.81 -4.57 -2.67
C THR B 54 -34.20 -4.09 -3.06
N ILE B 55 -35.21 -4.72 -2.46
CA ILE B 55 -36.61 -4.36 -2.68
C ILE B 55 -37.14 -3.70 -1.41
N THR B 56 -37.46 -2.42 -1.50
CA THR B 56 -37.90 -1.63 -0.35
C THR B 56 -39.26 -2.09 0.18
N SER B 57 -40.20 -2.29 -0.73
CA SER B 57 -41.54 -2.77 -0.37
C SER B 57 -42.05 -3.73 -1.43
N GLY B 58 -42.98 -4.61 -1.04
CA GLY B 58 -43.61 -5.53 -1.97
C GLY B 58 -42.93 -6.88 -2.06
N ASP B 59 -43.50 -7.76 -2.88
CA ASP B 59 -43.05 -9.15 -2.95
C ASP B 59 -42.60 -9.56 -4.36
N LEU B 60 -41.47 -10.24 -4.41
CA LEU B 60 -40.94 -10.78 -5.65
C LEU B 60 -40.92 -12.31 -5.58
N PHE B 61 -41.56 -12.94 -6.56
CA PHE B 61 -41.57 -14.39 -6.64
C PHE B 61 -40.89 -14.85 -7.93
N ILE B 62 -39.98 -15.81 -7.80
CA ILE B 62 -39.42 -16.49 -8.95
C ILE B 62 -39.73 -17.98 -8.80
N GLY B 63 -40.76 -18.43 -9.51
CA GLY B 63 -41.26 -19.78 -9.39
C GLY B 63 -42.01 -20.00 -8.09
N GLU B 64 -41.81 -21.17 -7.50
CA GLU B 64 -42.45 -21.55 -6.24
C GLU B 64 -41.70 -21.00 -5.02
N LYS B 65 -41.01 -19.87 -5.20
CA LYS B 65 -40.17 -19.28 -4.15
C LYS B 65 -40.42 -17.78 -4.02
N ARG B 66 -40.21 -17.27 -2.81
CA ARG B 66 -40.12 -15.82 -2.58
C ARG B 66 -38.64 -15.44 -2.54
N MET B 67 -38.26 -14.49 -3.36
CA MET B 67 -36.82 -14.23 -3.59
C MET B 67 -36.26 -12.94 -2.98
N ASN B 68 -37.11 -12.11 -2.38
CA ASN B 68 -36.68 -10.84 -1.80
C ASN B 68 -35.35 -10.93 -1.03
N ASP B 69 -35.28 -11.84 -0.07
CA ASP B 69 -34.12 -11.95 0.82
C ASP B 69 -33.15 -13.08 0.40
N THR B 70 -33.15 -13.41 -0.88
CA THR B 70 -32.31 -14.49 -1.41
C THR B 70 -31.09 -13.92 -2.14
N PRO B 71 -29.87 -14.36 -1.75
CA PRO B 71 -28.64 -13.97 -2.44
C PRO B 71 -28.71 -14.29 -3.93
N PRO B 72 -28.21 -13.37 -4.79
CA PRO B 72 -28.41 -13.42 -6.24
C PRO B 72 -27.93 -14.73 -6.88
N ALA B 73 -26.82 -15.26 -6.40
CA ALA B 73 -26.23 -16.49 -6.95
C ALA B 73 -27.16 -17.70 -6.88
N GLU B 74 -28.00 -17.74 -5.85
CA GLU B 74 -28.89 -18.88 -5.61
C GLU B 74 -30.24 -18.73 -6.33
N ARG B 75 -30.48 -17.57 -6.94
CA ARG B 75 -31.74 -17.29 -7.62
C ARG B 75 -31.88 -17.96 -9.00
N GLY B 76 -30.81 -18.59 -9.47
CA GLY B 76 -30.81 -19.32 -10.74
C GLY B 76 -31.05 -18.42 -11.94
N VAL B 77 -30.41 -17.26 -11.93
CA VAL B 77 -30.59 -16.26 -12.97
C VAL B 77 -29.22 -15.84 -13.51
N GLY B 78 -29.20 -15.44 -14.77
CA GLY B 78 -28.00 -14.85 -15.39
C GLY B 78 -28.37 -13.55 -16.07
N MET B 79 -27.52 -12.54 -15.92
CA MET B 79 -27.80 -11.23 -16.52
C MET B 79 -26.63 -10.73 -17.35
N VAL B 80 -26.94 -10.26 -18.56
CA VAL B 80 -25.98 -9.52 -19.37
C VAL B 80 -26.19 -8.02 -19.14
N PHE B 81 -25.16 -7.39 -18.59
CA PHE B 81 -25.25 -6.04 -18.03
C PHE B 81 -25.31 -4.92 -19.07
N GLN B 82 -25.85 -3.77 -18.67
CA GLN B 82 -25.91 -2.59 -19.53
C GLN B 82 -24.52 -2.03 -19.73
N SER B 83 -23.73 -2.04 -18.66
CA SER B 83 -22.27 -1.99 -18.79
C SER B 83 -21.89 -3.32 -19.43
N TYR B 84 -20.79 -3.93 -19.02
CA TYR B 84 -20.49 -5.29 -19.50
C TYR B 84 -19.98 -6.16 -18.36
N ALA B 85 -19.25 -5.54 -17.43
CA ALA B 85 -18.74 -6.21 -16.23
C ALA B 85 -17.93 -7.46 -16.56
N LEU B 86 -17.17 -7.40 -17.66
CA LEU B 86 -16.34 -8.52 -18.07
C LEU B 86 -15.20 -8.70 -17.07
N TYR B 87 -14.80 -9.96 -16.85
CA TYR B 87 -13.68 -10.25 -15.97
C TYR B 87 -12.39 -9.87 -16.69
N PRO B 88 -11.68 -8.85 -16.17
CA PRO B 88 -10.54 -8.26 -16.87
C PRO B 88 -9.31 -9.16 -16.91
N HIS B 89 -9.19 -10.03 -15.92
CA HIS B 89 -8.04 -10.92 -15.77
C HIS B 89 -8.19 -12.21 -16.58
N LEU B 90 -9.36 -12.39 -17.18
CA LEU B 90 -9.66 -13.61 -17.94
C LEU B 90 -9.96 -13.31 -19.41
N SER B 91 -9.55 -14.24 -20.28
CA SER B 91 -9.77 -14.11 -21.72
C SER B 91 -11.25 -14.25 -22.08
N VAL B 92 -11.56 -14.08 -23.35
CA VAL B 92 -12.92 -14.26 -23.87
C VAL B 92 -13.42 -15.68 -23.61
N ALA B 93 -12.59 -16.67 -23.95
CA ALA B 93 -12.91 -18.08 -23.69
C ALA B 93 -13.23 -18.31 -22.21
N GLU B 94 -12.37 -17.81 -21.34
CA GLU B 94 -12.51 -17.97 -19.89
C GLU B 94 -13.69 -17.20 -19.31
N ASN B 95 -13.97 -16.03 -19.89
CA ASN B 95 -15.15 -15.23 -19.52
C ASN B 95 -16.45 -15.98 -19.80
N MET B 96 -16.57 -16.49 -21.02
CA MET B 96 -17.76 -17.21 -21.45
C MET B 96 -17.90 -18.56 -20.74
N SER B 97 -16.78 -19.25 -20.56
CA SER B 97 -16.78 -20.51 -19.82
C SER B 97 -16.48 -20.25 -18.36
N PHE B 98 -17.43 -19.62 -17.67
CA PHE B 98 -17.25 -19.28 -16.26
C PHE B 98 -18.45 -19.72 -15.43
N GLY B 99 -19.64 -19.52 -15.95
CA GLY B 99 -20.88 -19.93 -15.29
C GLY B 99 -20.95 -21.43 -15.07
N LEU B 100 -20.72 -22.18 -16.14
CA LEU B 100 -20.75 -23.64 -16.07
C LEU B 100 -19.45 -24.25 -15.56
N LYS B 101 -18.37 -23.47 -15.63
CA LYS B 101 -17.09 -23.86 -15.02
C LYS B 101 -17.24 -23.86 -13.49
N LEU B 102 -18.19 -23.06 -13.00
CA LEU B 102 -18.51 -22.99 -11.59
C LEU B 102 -19.58 -23.99 -11.20
N ALA B 103 -20.69 -23.98 -11.94
CA ALA B 103 -21.84 -24.83 -11.63
C ALA B 103 -21.61 -26.31 -11.96
N GLY B 104 -21.12 -26.57 -13.17
CA GLY B 104 -20.91 -27.95 -13.63
C GLY B 104 -19.45 -28.34 -13.71
N ALA B 105 -19.09 -29.09 -14.75
CA ALA B 105 -17.73 -29.57 -14.94
C ALA B 105 -17.46 -29.99 -16.40
N LYS B 106 -16.48 -30.89 -16.57
CA LYS B 106 -16.10 -31.49 -17.86
C LYS B 106 -15.61 -30.51 -18.93
N LYS B 107 -14.29 -30.48 -19.10
CA LYS B 107 -13.58 -29.65 -20.08
C LYS B 107 -14.21 -29.71 -21.48
N GLU B 108 -14.46 -30.93 -21.96
CA GLU B 108 -14.95 -31.17 -23.32
C GLU B 108 -16.34 -30.57 -23.59
N VAL B 109 -17.24 -30.69 -22.62
CA VAL B 109 -18.58 -30.12 -22.72
C VAL B 109 -18.51 -28.60 -22.69
N ILE B 110 -17.62 -28.07 -21.84
CA ILE B 110 -17.41 -26.64 -21.69
C ILE B 110 -16.91 -25.99 -22.98
N ASN B 111 -15.84 -26.54 -23.55
CA ASN B 111 -15.22 -25.98 -24.76
C ASN B 111 -16.08 -26.08 -26.01
N GLN B 112 -16.81 -27.18 -26.13
CA GLN B 112 -17.69 -27.40 -27.29
C GLN B 112 -18.86 -26.43 -27.30
N ARG B 113 -19.35 -26.07 -26.13
CA ARG B 113 -20.47 -25.15 -25.98
C ARG B 113 -20.02 -23.70 -26.16
N VAL B 114 -18.77 -23.42 -25.81
CA VAL B 114 -18.19 -22.09 -25.99
C VAL B 114 -18.03 -21.78 -27.49
N ASN B 115 -17.32 -22.66 -28.19
CA ASN B 115 -17.08 -22.50 -29.63
C ASN B 115 -18.37 -22.40 -30.44
N GLN B 116 -19.40 -23.10 -29.99
CA GLN B 116 -20.70 -23.09 -30.64
C GLN B 116 -21.40 -21.74 -30.45
N VAL B 117 -21.30 -21.18 -29.25
CA VAL B 117 -21.93 -19.90 -28.94
C VAL B 117 -21.09 -18.73 -29.46
N ALA B 118 -19.76 -18.90 -29.44
CA ALA B 118 -18.85 -17.89 -29.99
C ALA B 118 -18.97 -17.82 -31.51
N GLU B 119 -19.43 -18.91 -32.12
CA GLU B 119 -19.66 -18.99 -33.55
C GLU B 119 -20.77 -18.04 -34.00
N VAL B 120 -21.92 -18.14 -33.34
CA VAL B 120 -23.10 -17.34 -33.70
C VAL B 120 -22.95 -15.86 -33.34
N LEU B 121 -22.13 -15.57 -32.33
CA LEU B 121 -21.85 -14.20 -31.92
C LEU B 121 -20.69 -13.61 -32.73
N GLN B 122 -20.02 -14.47 -33.51
CA GLN B 122 -18.90 -14.10 -34.36
C GLN B 122 -17.67 -13.66 -33.56
N LEU B 123 -17.45 -14.36 -32.45
CA LEU B 123 -16.34 -14.10 -31.54
C LEU B 123 -15.24 -15.17 -31.66
N ALA B 124 -15.44 -16.12 -32.58
CA ALA B 124 -14.58 -17.30 -32.72
C ALA B 124 -13.08 -17.00 -32.87
N HIS B 125 -12.78 -15.83 -33.43
CA HIS B 125 -11.39 -15.41 -33.67
C HIS B 125 -10.83 -14.57 -32.52
N LEU B 126 -11.68 -14.27 -31.54
CA LEU B 126 -11.30 -13.40 -30.43
C LEU B 126 -11.26 -14.18 -29.12
N LEU B 127 -11.20 -15.51 -29.23
CA LEU B 127 -11.34 -16.40 -28.08
C LEU B 127 -10.21 -16.25 -27.04
N ASP B 128 -9.01 -15.92 -27.50
CA ASP B 128 -7.86 -15.78 -26.60
C ASP B 128 -7.59 -14.34 -26.19
N ARG B 129 -8.40 -13.42 -26.69
CA ARG B 129 -8.29 -12.00 -26.38
C ARG B 129 -8.72 -11.72 -24.95
N LYS B 130 -7.94 -10.90 -24.25
CA LYS B 130 -8.36 -10.32 -22.98
C LYS B 130 -9.27 -9.11 -23.29
N PRO B 131 -10.21 -8.78 -22.37
CA PRO B 131 -11.26 -7.79 -22.64
C PRO B 131 -10.79 -6.41 -23.10
N LYS B 132 -9.75 -5.86 -22.46
CA LYS B 132 -9.29 -4.52 -22.81
C LYS B 132 -8.66 -4.44 -24.21
N ALA B 133 -8.51 -5.58 -24.86
CA ALA B 133 -8.03 -5.66 -26.24
C ALA B 133 -9.16 -5.90 -27.24
N LEU B 134 -10.40 -5.60 -26.82
CA LEU B 134 -11.58 -5.74 -27.67
C LEU B 134 -12.17 -4.38 -28.03
N SER B 135 -13.23 -4.40 -28.83
CA SER B 135 -14.00 -3.20 -29.14
C SER B 135 -15.26 -3.16 -28.29
N GLY B 136 -15.85 -1.96 -28.16
CA GLY B 136 -17.06 -1.78 -27.38
C GLY B 136 -18.14 -2.81 -27.67
N GLY B 137 -18.47 -2.96 -28.95
CA GLY B 137 -19.48 -3.91 -29.39
C GLY B 137 -19.07 -5.36 -29.24
N GLN B 138 -17.77 -5.62 -29.37
CA GLN B 138 -17.23 -6.97 -29.21
C GLN B 138 -17.34 -7.46 -27.77
N ARG B 139 -17.12 -6.55 -26.83
CA ARG B 139 -17.33 -6.81 -25.41
C ARG B 139 -18.80 -7.10 -25.11
N GLN B 140 -19.69 -6.33 -25.74
CA GLN B 140 -21.14 -6.50 -25.55
C GLN B 140 -21.57 -7.92 -25.89
N ARG B 141 -20.98 -8.48 -26.94
CA ARG B 141 -21.27 -9.84 -27.37
C ARG B 141 -20.68 -10.88 -26.42
N VAL B 142 -19.54 -10.56 -25.81
CA VAL B 142 -18.90 -11.41 -24.81
C VAL B 142 -19.79 -11.54 -23.56
N ALA B 143 -20.42 -10.43 -23.17
CA ALA B 143 -21.35 -10.41 -22.05
C ALA B 143 -22.61 -11.24 -22.33
N ILE B 144 -23.07 -11.20 -23.58
CA ILE B 144 -24.15 -12.06 -24.04
C ILE B 144 -23.71 -13.52 -23.98
N GLY B 145 -22.51 -13.78 -24.51
CA GLY B 145 -21.95 -15.13 -24.54
C GLY B 145 -21.87 -15.78 -23.17
N ARG B 146 -21.45 -15.00 -22.17
CA ARG B 146 -21.31 -15.48 -20.80
C ARG B 146 -22.63 -15.99 -20.22
N THR B 147 -23.72 -15.30 -20.53
CA THR B 147 -25.05 -15.68 -20.05
C THR B 147 -25.62 -16.85 -20.84
N LEU B 148 -25.49 -16.79 -22.17
CA LEU B 148 -26.03 -17.84 -23.06
C LEU B 148 -25.37 -19.19 -22.87
N VAL B 149 -24.06 -19.18 -22.61
CA VAL B 149 -23.31 -20.42 -22.34
C VAL B 149 -23.73 -21.03 -21.00
N ALA B 150 -24.05 -20.19 -20.03
CA ALA B 150 -24.50 -20.64 -18.71
C ALA B 150 -25.87 -21.30 -18.73
N GLU B 151 -26.76 -20.79 -19.59
CA GLU B 151 -28.15 -21.26 -19.70
C GLU B 151 -28.89 -21.32 -18.36
N PRO B 152 -29.14 -20.15 -17.74
CA PRO B 152 -29.83 -20.11 -16.46
C PRO B 152 -31.33 -20.38 -16.61
N SER B 153 -32.02 -20.52 -15.48
CA SER B 153 -33.46 -20.71 -15.46
C SER B 153 -34.18 -19.50 -16.04
N VAL B 154 -33.66 -18.31 -15.74
CA VAL B 154 -34.22 -17.06 -16.22
C VAL B 154 -33.11 -16.22 -16.87
N PHE B 155 -33.39 -15.73 -18.07
CA PHE B 155 -32.45 -14.86 -18.80
C PHE B 155 -32.84 -13.39 -18.61
N LEU B 156 -31.94 -12.60 -18.03
CA LEU B 156 -32.12 -11.16 -17.93
C LEU B 156 -31.16 -10.45 -18.88
N LEU B 157 -31.66 -9.53 -19.69
CA LEU B 157 -30.85 -8.83 -20.69
C LEU B 157 -31.07 -7.33 -20.68
N ASP B 158 -30.07 -6.58 -20.23
CA ASP B 158 -30.13 -5.12 -20.19
C ASP B 158 -29.46 -4.51 -21.42
N GLN B 159 -30.28 -4.04 -22.36
CA GLN B 159 -29.82 -3.37 -23.59
C GLN B 159 -28.65 -4.10 -24.28
N PRO B 160 -28.88 -5.35 -24.73
CA PRO B 160 -27.76 -6.21 -25.12
C PRO B 160 -27.28 -6.03 -26.56
N LEU B 161 -27.98 -5.20 -27.34
CA LEU B 161 -27.61 -4.98 -28.74
C LEU B 161 -27.31 -3.51 -29.05
N SER B 162 -27.27 -2.70 -27.99
CA SER B 162 -27.17 -1.24 -28.09
C SER B 162 -25.97 -0.69 -28.87
N ASN B 163 -24.85 -1.42 -28.83
CA ASN B 163 -23.64 -0.98 -29.52
C ASN B 163 -23.20 -1.93 -30.64
N LEU B 164 -24.17 -2.32 -31.47
CA LEU B 164 -23.91 -3.21 -32.60
C LEU B 164 -24.48 -2.64 -33.90
N ASP B 165 -23.78 -2.91 -35.00
CA ASP B 165 -24.18 -2.44 -36.33
C ASP B 165 -25.55 -2.98 -36.75
N ALA B 166 -26.19 -2.27 -37.69
CA ALA B 166 -27.55 -2.58 -38.14
C ALA B 166 -27.76 -4.04 -38.53
N ALA B 167 -26.82 -4.59 -39.31
CA ALA B 167 -26.90 -5.96 -39.79
C ALA B 167 -26.71 -6.99 -38.68
N LEU B 168 -25.69 -6.78 -37.84
CA LEU B 168 -25.40 -7.69 -36.74
C LEU B 168 -26.52 -7.71 -35.71
N ARG B 169 -27.12 -6.54 -35.47
CA ARG B 169 -28.26 -6.41 -34.56
C ARG B 169 -29.41 -7.34 -34.98
N VAL B 170 -29.64 -7.44 -36.30
CA VAL B 170 -30.67 -8.32 -36.85
C VAL B 170 -30.28 -9.78 -36.64
N GLN B 171 -29.04 -10.12 -36.96
CA GLN B 171 -28.53 -11.49 -36.81
C GLN B 171 -28.65 -12.00 -35.38
N MET B 172 -28.28 -11.14 -34.42
CA MET B 172 -28.35 -11.49 -33.00
C MET B 172 -29.81 -11.59 -32.56
N ARG B 173 -30.65 -10.69 -33.07
CA ARG B 173 -32.07 -10.70 -32.79
C ARG B 173 -32.72 -12.03 -33.20
N ILE B 174 -32.25 -12.59 -34.30
CA ILE B 174 -32.70 -13.90 -34.78
C ILE B 174 -32.15 -15.01 -33.88
N GLU B 175 -30.89 -14.87 -33.48
CA GLU B 175 -30.23 -15.85 -32.61
C GLU B 175 -30.79 -15.90 -31.20
N ILE B 176 -31.24 -14.75 -30.69
CA ILE B 176 -31.92 -14.67 -29.40
C ILE B 176 -33.29 -15.34 -29.51
N SER B 177 -34.00 -15.02 -30.60
CA SER B 177 -35.31 -15.58 -30.88
C SER B 177 -35.27 -17.10 -31.03
N ARG B 178 -34.18 -17.61 -31.61
CA ARG B 178 -33.98 -19.05 -31.79
C ARG B 178 -33.70 -19.78 -30.48
N LEU B 179 -32.97 -19.13 -29.58
CA LEU B 179 -32.67 -19.70 -28.27
C LEU B 179 -33.91 -19.75 -27.37
N HIS B 180 -34.78 -18.78 -27.53
CA HIS B 180 -36.03 -18.72 -26.77
C HIS B 180 -36.97 -19.88 -27.09
N LYS B 181 -37.03 -20.24 -28.38
CA LYS B 181 -37.90 -21.33 -28.81
C LYS B 181 -37.27 -22.71 -28.61
N ARG B 182 -35.94 -22.74 -28.50
CA ARG B 182 -35.19 -23.98 -28.29
C ARG B 182 -35.14 -24.39 -26.82
N LEU B 183 -35.02 -23.39 -25.95
CA LEU B 183 -34.93 -23.65 -24.51
C LEU B 183 -36.27 -23.49 -23.79
N GLY B 184 -37.07 -22.54 -24.24
CA GLY B 184 -38.35 -22.22 -23.59
C GLY B 184 -38.15 -21.58 -22.23
N ARG B 185 -37.01 -20.90 -22.06
CA ARG B 185 -36.66 -20.27 -20.78
C ARG B 185 -37.26 -18.87 -20.70
N THR B 186 -37.68 -18.50 -19.50
CA THR B 186 -38.20 -17.16 -19.22
C THR B 186 -37.13 -16.12 -19.51
N MET B 187 -37.45 -15.17 -20.39
CA MET B 187 -36.51 -14.11 -20.76
C MET B 187 -37.10 -12.72 -20.54
N ILE B 188 -36.39 -11.91 -19.75
CA ILE B 188 -36.72 -10.49 -19.62
C ILE B 188 -35.65 -9.67 -20.34
N TYR B 189 -36.10 -8.73 -21.17
CA TYR B 189 -35.27 -8.06 -22.16
C TYR B 189 -35.50 -6.56 -22.13
N VAL B 190 -34.43 -5.80 -21.88
CA VAL B 190 -34.48 -4.35 -21.91
C VAL B 190 -33.90 -3.86 -23.24
N THR B 191 -34.60 -2.95 -23.91
CA THR B 191 -34.12 -2.38 -25.18
C THR B 191 -34.74 -1.02 -25.48
N HIS B 192 -33.99 -0.19 -26.20
CA HIS B 192 -34.48 1.10 -26.69
C HIS B 192 -34.85 1.02 -28.18
N ASP B 193 -34.47 -0.08 -28.82
CA ASP B 193 -34.74 -0.30 -30.23
C ASP B 193 -36.15 -0.87 -30.43
N GLN B 194 -37.03 -0.04 -30.99
CA GLN B 194 -38.43 -0.40 -31.22
C GLN B 194 -38.59 -1.70 -32.01
N VAL B 195 -37.74 -1.88 -33.03
CA VAL B 195 -37.78 -3.08 -33.88
C VAL B 195 -37.56 -4.36 -33.06
N GLU B 196 -36.56 -4.34 -32.19
CA GLU B 196 -36.29 -5.45 -31.29
C GLU B 196 -37.50 -5.73 -30.39
N ALA B 197 -38.09 -4.65 -29.87
CA ALA B 197 -39.23 -4.75 -28.95
C ALA B 197 -40.43 -5.47 -29.59
N MET B 198 -40.77 -5.06 -30.81
CA MET B 198 -41.96 -5.57 -31.50
C MET B 198 -41.80 -7.02 -31.96
N THR B 199 -40.60 -7.37 -32.44
CA THR B 199 -40.36 -8.65 -33.10
C THR B 199 -39.95 -9.79 -32.16
N LEU B 200 -39.47 -9.44 -30.97
CA LEU B 200 -39.01 -10.45 -30.00
C LEU B 200 -40.03 -10.80 -28.94
N ALA B 201 -40.80 -9.82 -28.50
CA ALA B 201 -41.63 -9.95 -27.31
C ALA B 201 -42.95 -10.68 -27.56
N ASP B 202 -43.33 -11.49 -26.58
CA ASP B 202 -44.69 -11.98 -26.46
C ASP B 202 -45.50 -10.91 -25.73
N LYS B 203 -44.81 -10.11 -24.91
CA LYS B 203 -45.42 -9.10 -24.06
C LYS B 203 -44.44 -7.93 -23.90
N ILE B 204 -44.94 -6.71 -24.00
CA ILE B 204 -44.13 -5.51 -23.80
C ILE B 204 -44.62 -4.72 -22.59
N VAL B 205 -43.67 -4.28 -21.77
CA VAL B 205 -43.98 -3.48 -20.59
C VAL B 205 -43.44 -2.06 -20.76
N VAL B 206 -44.36 -1.10 -20.80
CA VAL B 206 -44.01 0.32 -20.93
C VAL B 206 -43.91 0.94 -19.54
N LEU B 207 -42.74 1.53 -19.24
CA LEU B 207 -42.48 2.11 -17.93
C LEU B 207 -42.41 3.63 -17.96
N ASP B 208 -43.01 4.26 -16.96
CA ASP B 208 -43.08 5.72 -16.85
C ASP B 208 -42.68 6.17 -15.45
N ALA B 209 -41.54 6.83 -15.36
CA ALA B 209 -41.02 7.41 -14.11
C ALA B 209 -41.12 6.46 -12.90
N GLY B 210 -40.87 5.18 -13.15
CA GLY B 210 -40.98 4.16 -12.11
C GLY B 210 -42.23 3.31 -12.24
N ARG B 211 -43.38 3.96 -12.35
CA ARG B 211 -44.68 3.28 -12.46
C ARG B 211 -44.84 2.60 -13.81
N VAL B 212 -45.56 1.48 -13.82
CA VAL B 212 -45.92 0.79 -15.06
C VAL B 212 -47.02 1.58 -15.77
N ALA B 213 -46.78 1.92 -17.03
CA ALA B 213 -47.76 2.66 -17.83
C ALA B 213 -48.76 1.73 -18.50
N GLN B 214 -48.26 0.63 -19.09
CA GLN B 214 -49.10 -0.35 -19.76
C GLN B 214 -48.36 -1.67 -20.03
N VAL B 215 -49.12 -2.75 -20.09
CA VAL B 215 -48.61 -4.08 -20.41
C VAL B 215 -49.50 -4.70 -21.50
N GLY B 216 -48.88 -5.33 -22.48
CA GLY B 216 -49.61 -6.01 -23.55
C GLY B 216 -48.74 -6.45 -24.72
N LYS B 217 -49.39 -7.03 -25.72
CA LYS B 217 -48.72 -7.47 -26.94
C LYS B 217 -48.32 -6.27 -27.81
N PRO B 218 -47.27 -6.43 -28.65
CA PRO B 218 -46.75 -5.34 -29.48
C PRO B 218 -47.81 -4.49 -30.19
N LEU B 219 -48.61 -5.14 -31.05
CA LEU B 219 -49.62 -4.42 -31.85
C LEU B 219 -50.76 -3.85 -31.00
N GLU B 220 -50.98 -4.49 -29.85
CA GLU B 220 -52.00 -4.06 -28.89
C GLU B 220 -51.66 -2.66 -28.37
N LEU B 221 -50.39 -2.44 -28.03
CA LEU B 221 -49.93 -1.15 -27.51
C LEU B 221 -49.84 -0.09 -28.59
N TYR B 222 -49.41 -0.51 -29.79
CA TYR B 222 -49.26 0.38 -30.93
C TYR B 222 -50.61 0.98 -31.36
N HIS B 223 -51.58 0.10 -31.59
CA HIS B 223 -52.92 0.52 -32.00
C HIS B 223 -53.72 1.13 -30.85
N TYR B 224 -53.64 0.48 -29.69
CA TYR B 224 -54.44 0.88 -28.53
C TYR B 224 -53.59 1.16 -27.29
N PRO B 225 -53.02 2.37 -27.19
CA PRO B 225 -52.29 2.78 -26.00
C PRO B 225 -53.24 3.15 -24.88
N ALA B 226 -52.79 3.00 -23.64
CA ALA B 226 -53.59 3.30 -22.46
C ALA B 226 -53.74 4.81 -22.23
N ASP B 227 -52.67 5.55 -22.50
CA ASP B 227 -52.68 7.01 -22.32
C ASP B 227 -51.75 7.72 -23.33
N ARG B 228 -51.74 9.06 -23.25
CA ARG B 228 -50.92 9.92 -24.10
C ARG B 228 -49.45 9.52 -24.11
N PHE B 229 -48.95 9.07 -22.96
CA PHE B 229 -47.57 8.65 -22.80
C PHE B 229 -47.22 7.44 -23.67
N VAL B 230 -47.93 6.33 -23.45
CA VAL B 230 -47.72 5.09 -24.22
C VAL B 230 -47.81 5.37 -25.73
N ALA B 231 -48.78 6.18 -26.12
CA ALA B 231 -48.97 6.60 -27.51
C ALA B 231 -47.77 7.35 -28.07
N GLY B 232 -47.20 8.23 -27.25
CA GLY B 232 -46.04 9.04 -27.65
C GLY B 232 -44.74 8.26 -27.62
N PHE B 233 -44.66 7.27 -26.73
CA PHE B 233 -43.42 6.51 -26.57
C PHE B 233 -43.22 5.41 -27.60
N ILE B 234 -44.29 4.74 -28.01
CA ILE B 234 -44.18 3.72 -29.05
C ILE B 234 -44.47 4.33 -30.42
N GLY B 235 -43.58 4.05 -31.37
CA GLY B 235 -43.65 4.60 -32.72
C GLY B 235 -42.32 5.21 -33.12
N SER B 236 -41.81 4.79 -34.27
CA SER B 236 -40.49 5.21 -34.78
C SER B 236 -40.22 6.71 -34.56
N PRO B 237 -40.77 7.60 -35.42
CA PRO B 237 -40.91 8.96 -34.94
C PRO B 237 -42.16 9.10 -34.07
N LYS B 238 -42.18 10.12 -33.21
CA LYS B 238 -43.26 10.31 -32.26
C LYS B 238 -44.60 10.59 -32.93
N MET B 239 -45.68 10.06 -32.34
CA MET B 239 -47.04 10.37 -32.73
C MET B 239 -47.31 11.87 -32.56
N ASN B 240 -47.97 12.47 -33.54
CA ASN B 240 -48.35 13.88 -33.48
C ASN B 240 -49.49 14.12 -32.50
N PHE B 241 -49.40 15.23 -31.77
CA PHE B 241 -50.45 15.59 -30.81
C PHE B 241 -51.00 16.99 -31.07
N LEU B 242 -52.32 17.07 -31.24
CA LEU B 242 -53.00 18.32 -31.56
C LEU B 242 -54.01 18.67 -30.48
N PRO B 243 -54.07 19.97 -30.09
CA PRO B 243 -55.10 20.41 -29.16
C PRO B 243 -56.46 20.51 -29.85
N VAL B 244 -57.48 19.92 -29.24
CA VAL B 244 -58.83 19.90 -29.83
C VAL B 244 -59.91 20.35 -28.85
N LYS B 245 -61.05 20.75 -29.40
CA LYS B 245 -62.22 21.15 -28.61
C LYS B 245 -63.40 20.21 -28.86
N VAL B 246 -63.86 19.56 -27.81
CA VAL B 246 -65.02 18.66 -27.90
C VAL B 246 -66.29 19.47 -28.12
N THR B 247 -66.71 19.54 -29.38
CA THR B 247 -67.90 20.32 -29.76
C THR B 247 -69.19 19.56 -29.47
N ALA B 248 -69.19 18.26 -29.73
CA ALA B 248 -70.36 17.41 -29.49
C ALA B 248 -69.97 15.99 -29.11
N THR B 249 -70.89 15.29 -28.46
CA THR B 249 -70.70 13.89 -28.09
C THR B 249 -71.88 13.02 -28.55
N ALA B 250 -71.58 11.83 -29.06
CA ALA B 250 -72.60 10.89 -29.50
C ALA B 250 -72.48 9.55 -28.78
N ILE B 251 -73.04 8.50 -29.36
CA ILE B 251 -73.05 7.17 -28.76
C ILE B 251 -71.68 6.50 -28.81
N ASP B 252 -71.13 6.37 -30.02
CA ASP B 252 -69.82 5.74 -30.22
C ASP B 252 -68.78 6.67 -30.83
N GLN B 253 -69.16 7.92 -31.08
CA GLN B 253 -68.27 8.89 -31.72
C GLN B 253 -68.23 10.25 -31.03
N VAL B 254 -67.04 10.85 -31.02
CA VAL B 254 -66.81 12.15 -30.38
C VAL B 254 -66.36 13.18 -31.43
N GLN B 255 -67.11 14.28 -31.54
CA GLN B 255 -66.77 15.34 -32.47
C GLN B 255 -65.78 16.33 -31.86
N VAL B 256 -64.74 16.64 -32.62
CA VAL B 256 -63.73 17.62 -32.23
C VAL B 256 -63.41 18.56 -33.39
N GLU B 257 -62.84 19.73 -33.07
CA GLU B 257 -62.44 20.70 -34.08
C GLU B 257 -61.02 21.19 -33.86
N LEU B 258 -60.31 21.43 -34.95
CA LEU B 258 -58.93 21.93 -34.90
C LEU B 258 -58.93 23.46 -34.72
N PRO B 259 -57.96 23.98 -33.93
CA PRO B 259 -57.95 25.41 -33.59
C PRO B 259 -57.22 26.30 -34.63
N MET B 260 -57.60 26.16 -35.90
CA MET B 260 -57.10 27.02 -36.97
C MET B 260 -58.22 27.43 -37.95
N PRO B 261 -57.92 28.37 -38.87
CA PRO B 261 -58.93 28.89 -39.81
C PRO B 261 -59.56 27.88 -40.78
N ASN B 262 -59.14 26.61 -40.70
CA ASN B 262 -59.72 25.56 -41.55
C ASN B 262 -61.17 25.22 -41.19
N ARG B 263 -61.48 25.31 -39.90
CA ARG B 263 -62.83 25.12 -39.34
C ARG B 263 -63.49 23.80 -39.76
N GLN B 264 -62.82 22.69 -39.43
CA GLN B 264 -63.30 21.36 -39.80
C GLN B 264 -63.63 20.52 -38.56
N GLN B 265 -64.89 20.10 -38.48
CA GLN B 265 -65.36 19.23 -37.40
C GLN B 265 -65.29 17.77 -37.84
N VAL B 266 -64.85 16.90 -36.93
CA VAL B 266 -64.63 15.49 -37.25
C VAL B 266 -65.07 14.56 -36.12
N TRP B 267 -65.87 13.55 -36.48
CA TRP B 267 -66.30 12.52 -35.55
C TRP B 267 -65.30 11.36 -35.54
N LEU B 268 -65.00 10.85 -34.35
CA LEU B 268 -64.00 9.79 -34.19
C LEU B 268 -64.58 8.57 -33.46
N PRO B 269 -64.37 7.36 -34.02
CA PRO B 269 -64.76 6.11 -33.36
C PRO B 269 -64.01 5.93 -32.03
N VAL B 270 -64.59 6.48 -30.98
CA VAL B 270 -63.92 6.64 -29.68
C VAL B 270 -64.85 6.28 -28.52
N GLU B 271 -64.27 5.75 -27.45
CA GLU B 271 -64.99 5.30 -26.25
C GLU B 271 -66.27 6.08 -25.91
N SER B 272 -66.19 7.41 -25.96
CA SER B 272 -67.33 8.31 -25.73
C SER B 272 -67.87 8.33 -24.30
N ARG B 273 -67.55 7.30 -23.52
CA ARG B 273 -67.96 7.22 -22.12
C ARG B 273 -67.08 8.14 -21.28
N ASP B 274 -67.72 9.02 -20.52
CA ASP B 274 -67.05 10.01 -19.65
C ASP B 274 -66.19 10.99 -20.45
N VAL B 275 -66.86 11.86 -21.21
CA VAL B 275 -66.21 12.94 -21.95
C VAL B 275 -66.93 14.27 -21.74
N GLN B 276 -66.18 15.29 -21.35
CA GLN B 276 -66.74 16.62 -21.10
C GLN B 276 -66.71 17.45 -22.39
N VAL B 277 -67.86 18.03 -22.73
CA VAL B 277 -67.97 18.88 -23.92
C VAL B 277 -67.47 20.30 -23.66
N GLY B 278 -66.53 20.74 -24.50
CA GLY B 278 -65.88 22.04 -24.32
C GLY B 278 -64.54 21.93 -23.62
N ALA B 279 -64.26 20.75 -23.06
CA ALA B 279 -63.01 20.49 -22.35
C ALA B 279 -61.87 20.20 -23.32
N ASN B 280 -60.71 20.79 -23.05
CA ASN B 280 -59.55 20.66 -23.91
C ASN B 280 -58.93 19.27 -23.88
N MET B 281 -59.00 18.57 -25.01
CA MET B 281 -58.44 17.23 -25.15
C MET B 281 -57.31 17.21 -26.19
N SER B 282 -56.67 16.06 -26.34
CA SER B 282 -55.55 15.90 -27.27
C SER B 282 -55.83 14.85 -28.33
N LEU B 283 -55.57 15.21 -29.58
CA LEU B 283 -55.76 14.31 -30.72
C LEU B 283 -54.43 13.71 -31.16
N GLY B 284 -54.38 12.39 -31.23
CA GLY B 284 -53.17 11.66 -31.58
C GLY B 284 -53.23 11.02 -32.95
N ILE B 285 -52.31 11.43 -33.82
CA ILE B 285 -52.18 10.83 -35.16
C ILE B 285 -50.72 10.53 -35.49
N ARG B 286 -50.46 9.28 -35.89
CA ARG B 286 -49.12 8.86 -36.26
C ARG B 286 -48.78 9.32 -37.68
N PRO B 287 -47.52 9.72 -37.93
CA PRO B 287 -47.05 10.17 -39.24
C PRO B 287 -47.24 9.10 -40.33
N GLU B 288 -47.23 7.84 -39.92
CA GLU B 288 -47.38 6.70 -40.82
C GLU B 288 -48.83 6.54 -41.26
N HIS B 289 -49.76 6.95 -40.39
CA HIS B 289 -51.19 6.86 -40.66
C HIS B 289 -51.71 8.02 -41.52
N LEU B 290 -51.05 9.18 -41.42
CA LEU B 290 -51.41 10.34 -42.21
C LEU B 290 -51.37 10.03 -43.70
N LEU B 291 -52.47 10.36 -44.38
CA LEU B 291 -52.62 10.10 -45.81
C LEU B 291 -52.19 11.32 -46.64
N PRO B 292 -51.83 11.10 -47.93
CA PRO B 292 -51.69 12.21 -48.86
C PRO B 292 -52.99 12.99 -49.01
N SER B 293 -52.88 14.30 -49.24
CA SER B 293 -54.02 15.23 -49.19
C SER B 293 -55.14 14.94 -50.20
N ASP B 294 -54.77 14.61 -51.44
CA ASP B 294 -55.73 14.38 -52.52
C ASP B 294 -56.65 13.18 -52.28
N ILE B 295 -56.25 12.31 -51.36
CA ILE B 295 -57.00 11.09 -51.05
C ILE B 295 -58.13 11.33 -50.03
N ALA B 296 -57.77 11.86 -48.86
CA ALA B 296 -58.72 12.03 -47.76
C ALA B 296 -59.59 13.29 -47.86
N ASP B 297 -60.65 13.35 -47.04
CA ASP B 297 -61.56 14.48 -46.99
C ASP B 297 -61.12 15.55 -46.00
N VAL B 298 -60.67 15.12 -44.83
CA VAL B 298 -60.14 16.04 -43.80
C VAL B 298 -58.73 16.48 -44.18
N ILE B 299 -58.58 17.79 -44.43
CA ILE B 299 -57.33 18.34 -44.94
C ILE B 299 -56.62 19.20 -43.91
N LEU B 300 -55.31 19.01 -43.79
CA LEU B 300 -54.46 19.84 -42.94
C LEU B 300 -53.29 20.40 -43.74
N GLU B 301 -53.33 21.70 -43.99
CA GLU B 301 -52.29 22.38 -44.75
C GLU B 301 -51.34 23.13 -43.82
N GLY B 302 -50.07 23.23 -44.21
CA GLY B 302 -49.07 23.97 -43.44
C GLY B 302 -47.79 24.25 -44.19
N GLU B 303 -46.79 24.74 -43.46
CA GLU B 303 -45.50 25.09 -44.05
C GLU B 303 -44.43 24.08 -43.65
N VAL B 304 -43.66 23.62 -44.64
CA VAL B 304 -42.58 22.66 -44.42
C VAL B 304 -41.44 23.31 -43.63
N GLN B 305 -41.00 22.62 -42.57
CA GLN B 305 -39.93 23.11 -41.72
C GLN B 305 -38.63 22.34 -41.93
N VAL B 306 -38.71 21.02 -41.81
CA VAL B 306 -37.55 20.15 -41.97
C VAL B 306 -37.90 18.98 -42.89
N VAL B 307 -36.97 18.63 -43.77
CA VAL B 307 -37.12 17.47 -44.65
C VAL B 307 -35.93 16.51 -44.45
N GLU B 308 -36.21 15.35 -43.86
CA GLU B 308 -35.19 14.35 -43.59
C GLU B 308 -35.23 13.21 -44.60
N GLN B 309 -34.14 13.05 -45.35
CA GLN B 309 -34.04 12.04 -46.40
C GLN B 309 -33.38 10.76 -45.86
N LEU B 310 -34.18 9.71 -45.70
CA LEU B 310 -33.72 8.46 -45.12
C LEU B 310 -33.43 7.38 -46.18
N GLY B 311 -33.76 7.69 -47.43
CA GLY B 311 -33.50 6.78 -48.54
C GLY B 311 -34.70 5.92 -48.89
N ASN B 312 -35.15 5.12 -47.91
CA ASN B 312 -36.35 4.31 -48.06
C ASN B 312 -37.61 5.16 -47.97
N GLU B 313 -37.50 6.28 -47.24
CA GLU B 313 -38.62 7.17 -47.00
C GLU B 313 -38.16 8.60 -46.75
N THR B 314 -39.09 9.54 -46.89
CA THR B 314 -38.84 10.95 -46.59
C THR B 314 -39.72 11.35 -45.41
N GLN B 315 -39.14 12.03 -44.44
CA GLN B 315 -39.88 12.54 -43.29
C GLN B 315 -39.97 14.06 -43.33
N ILE B 316 -41.20 14.56 -43.35
CA ILE B 316 -41.46 15.99 -43.55
C ILE B 316 -42.15 16.61 -42.33
N HIS B 317 -41.54 17.66 -41.79
CA HIS B 317 -42.11 18.40 -40.67
C HIS B 317 -42.91 19.59 -41.19
N ILE B 318 -44.15 19.69 -40.73
CA ILE B 318 -45.08 20.67 -41.24
C ILE B 318 -45.66 21.53 -40.11
N GLN B 319 -45.43 22.84 -40.19
CA GLN B 319 -45.99 23.77 -39.22
C GLN B 319 -47.37 24.24 -39.68
N ILE B 320 -48.40 23.84 -38.94
CA ILE B 320 -49.78 24.20 -39.24
C ILE B 320 -50.06 25.59 -38.65
N PRO B 321 -50.60 26.52 -39.47
CA PRO B 321 -50.79 27.93 -39.16
C PRO B 321 -50.78 28.32 -37.67
N SER B 322 -51.76 27.88 -36.90
CA SER B 322 -51.84 28.22 -35.49
C SER B 322 -51.74 26.99 -34.58
N ILE B 323 -50.56 26.37 -34.59
CA ILE B 323 -50.29 25.20 -33.75
C ILE B 323 -48.94 25.35 -33.04
N ARG B 324 -48.83 24.78 -31.84
CA ARG B 324 -47.65 24.95 -31.00
C ARG B 324 -46.45 24.08 -31.42
N GLN B 325 -46.74 22.93 -32.03
CA GLN B 325 -45.68 21.98 -32.38
C GLN B 325 -45.82 21.47 -33.82
N ASN B 326 -44.69 21.21 -34.45
CA ASN B 326 -44.64 20.71 -35.83
C ASN B 326 -45.31 19.36 -36.02
N LEU B 327 -45.79 19.11 -37.23
CA LEU B 327 -46.44 17.86 -37.57
C LEU B 327 -45.53 17.03 -38.47
N VAL B 328 -45.13 15.85 -37.97
CA VAL B 328 -44.28 14.94 -38.72
C VAL B 328 -45.13 14.09 -39.66
N TYR B 329 -44.61 13.84 -40.86
CA TYR B 329 -45.30 13.02 -41.86
C TYR B 329 -44.32 12.10 -42.58
N ARG B 330 -44.71 10.84 -42.75
CA ARG B 330 -43.87 9.84 -43.40
C ARG B 330 -44.46 9.39 -44.73
N GLN B 331 -43.66 9.51 -45.78
CA GLN B 331 -44.05 9.06 -47.11
C GLN B 331 -42.96 8.19 -47.71
N ASN B 332 -43.37 7.13 -48.41
CA ASN B 332 -42.44 6.18 -49.01
C ASN B 332 -41.56 6.81 -50.09
N ASP B 333 -40.33 6.31 -50.19
CA ASP B 333 -39.36 6.70 -51.22
C ASP B 333 -38.87 8.14 -51.07
N VAL B 334 -37.95 8.53 -51.94
CA VAL B 334 -37.38 9.87 -51.93
C VAL B 334 -38.37 10.89 -52.49
N VAL B 335 -38.77 11.84 -51.65
CA VAL B 335 -39.69 12.89 -52.05
C VAL B 335 -38.96 14.24 -52.01
N LEU B 336 -38.89 14.91 -53.15
CA LEU B 336 -38.20 16.20 -53.26
C LEU B 336 -39.07 17.35 -52.77
N VAL B 337 -38.81 17.78 -51.54
CA VAL B 337 -39.49 18.94 -50.95
C VAL B 337 -38.46 19.85 -50.31
N GLU B 338 -38.46 21.12 -50.70
CA GLU B 338 -37.58 22.13 -50.12
C GLU B 338 -38.20 22.74 -48.86
N GLU B 339 -37.35 23.33 -48.01
CA GLU B 339 -37.78 23.96 -46.77
C GLU B 339 -38.55 25.25 -47.04
N GLY B 340 -39.67 25.42 -46.33
CA GLY B 340 -40.51 26.61 -46.48
C GLY B 340 -41.56 26.47 -47.57
N ALA B 341 -41.73 25.25 -48.08
CA ALA B 341 -42.73 24.96 -49.11
C ALA B 341 -44.10 24.66 -48.50
N THR B 342 -45.15 24.89 -49.29
CA THR B 342 -46.51 24.60 -48.86
C THR B 342 -46.85 23.11 -49.04
N PHE B 343 -47.34 22.49 -47.96
CA PHE B 343 -47.63 21.05 -47.95
C PHE B 343 -48.94 20.75 -47.25
N ALA B 344 -49.68 19.80 -47.79
CA ALA B 344 -50.96 19.39 -47.22
C ALA B 344 -51.03 17.88 -47.07
N ILE B 345 -51.66 17.42 -45.99
CA ILE B 345 -51.86 16.00 -45.74
C ILE B 345 -53.26 15.67 -45.22
N GLY B 346 -53.75 14.49 -45.59
CA GLY B 346 -55.07 14.03 -45.17
C GLY B 346 -55.06 13.43 -43.79
N LEU B 347 -56.06 13.80 -42.99
CA LEU B 347 -56.21 13.30 -41.62
C LEU B 347 -57.32 12.25 -41.57
N PRO B 348 -56.94 10.97 -41.42
CA PRO B 348 -57.92 9.89 -41.42
C PRO B 348 -58.50 9.64 -40.02
N PRO B 349 -59.82 9.84 -39.85
CA PRO B 349 -60.50 9.77 -38.55
C PRO B 349 -60.47 8.39 -37.89
N GLU B 350 -60.44 7.34 -38.71
CA GLU B 350 -60.44 5.96 -38.21
C GLU B 350 -59.16 5.65 -37.43
N ARG B 351 -58.06 6.25 -37.88
CA ARG B 351 -56.74 6.01 -37.31
C ARG B 351 -56.32 7.12 -36.34
N CYS B 352 -57.30 7.72 -35.66
CA CYS B 352 -57.05 8.81 -34.72
C CYS B 352 -57.22 8.40 -33.27
N HIS B 353 -56.30 8.85 -32.43
CA HIS B 353 -56.37 8.62 -30.99
C HIS B 353 -56.87 9.89 -30.29
N LEU B 354 -57.48 9.72 -29.12
CA LEU B 354 -57.95 10.86 -28.32
C LEU B 354 -57.65 10.66 -26.84
N PHE B 355 -57.17 11.73 -26.20
CA PHE B 355 -56.70 11.67 -24.81
C PHE B 355 -57.32 12.79 -23.97
N ARG B 356 -57.77 12.42 -22.76
CA ARG B 356 -58.45 13.36 -21.86
C ARG B 356 -57.47 14.34 -21.22
N GLU B 357 -58.01 15.26 -20.41
CA GLU B 357 -57.21 16.28 -19.72
C GLU B 357 -56.12 15.66 -18.84
N ASP B 358 -56.47 14.59 -18.14
CA ASP B 358 -55.54 13.88 -17.27
C ASP B 358 -54.48 13.10 -18.05
N GLY B 359 -54.80 12.72 -19.28
CA GLY B 359 -53.86 12.01 -20.15
C GLY B 359 -54.37 10.67 -20.63
N THR B 360 -55.25 10.04 -19.86
CA THR B 360 -55.81 8.73 -20.20
C THR B 360 -56.53 8.74 -21.56
N ALA B 361 -56.36 7.66 -22.30
CA ALA B 361 -56.93 7.53 -23.64
C ALA B 361 -58.36 7.02 -23.64
N CYS B 362 -59.14 7.50 -24.60
CA CYS B 362 -60.47 6.96 -24.87
C CYS B 362 -60.32 5.85 -25.89
N ARG B 363 -60.75 4.63 -25.52
CA ARG B 363 -60.58 3.45 -26.36
C ARG B 363 -61.01 3.63 -27.81
N ARG B 364 -60.12 3.27 -28.73
CA ARG B 364 -60.42 3.26 -30.15
C ARG B 364 -61.35 2.09 -30.47
N LEU B 365 -62.55 2.40 -30.93
CA LEU B 365 -63.52 1.38 -31.30
C LEU B 365 -63.27 0.85 -32.71
N HIS B 366 -62.35 1.49 -33.43
CA HIS B 366 -61.98 1.08 -34.77
C HIS B 366 -61.18 -0.23 -34.75
N LYS B 367 -61.78 -1.27 -35.34
CA LYS B 367 -61.17 -2.60 -35.43
C LYS B 367 -59.93 -2.58 -36.31
N GLU B 368 -58.78 -2.88 -35.71
CA GLU B 368 -57.50 -2.88 -36.42
C GLU B 368 -57.00 -4.32 -36.62
N PRO B 369 -56.26 -4.56 -37.72
CA PRO B 369 -55.65 -5.87 -37.94
C PRO B 369 -54.52 -6.17 -36.94
N GLY B 370 -54.36 -7.44 -36.59
CA GLY B 370 -53.30 -7.88 -35.68
C GLY B 370 -53.72 -8.05 -34.23
N VAL B 371 -54.81 -7.38 -33.85
CA VAL B 371 -55.32 -7.42 -32.48
C VAL B 371 -56.68 -8.12 -32.44
N ALA B 372 -56.83 -9.08 -31.53
CA ALA B 372 -58.09 -9.79 -31.34
C ALA B 372 -58.79 -9.33 -30.05
N SER B 373 -60.00 -8.81 -30.20
CA SER B 373 -60.83 -8.30 -29.09
C SER B 373 -60.17 -7.19 -28.25
N LYS C 1 35.34 17.16 18.88
CA LYS C 1 35.59 18.22 19.90
C LYS C 1 34.76 18.00 21.16
N ILE C 2 35.45 17.75 22.27
CA ILE C 2 34.82 17.78 23.59
C ILE C 2 35.09 19.18 24.16
N GLU C 3 34.07 19.79 24.75
CA GLU C 3 34.17 21.16 25.25
C GLU C 3 35.26 21.37 26.32
N GLU C 4 35.61 22.63 26.54
CA GLU C 4 36.72 22.99 27.42
C GLU C 4 36.33 23.14 28.88
N GLY C 5 35.63 24.22 29.21
CA GLY C 5 35.37 24.59 30.60
C GLY C 5 34.20 23.88 31.25
N LYS C 6 34.03 22.59 30.95
CA LYS C 6 32.94 21.79 31.52
C LYS C 6 33.22 20.29 31.60
N LEU C 7 32.36 19.58 32.33
CA LEU C 7 32.40 18.12 32.39
C LEU C 7 31.06 17.52 31.98
N VAL C 8 31.07 16.71 30.94
CA VAL C 8 29.89 15.96 30.52
C VAL C 8 30.00 14.54 31.04
N ILE C 9 28.95 14.09 31.71
CA ILE C 9 28.93 12.80 32.39
C ILE C 9 27.81 11.91 31.87
N TRP C 10 28.14 10.66 31.60
CA TRP C 10 27.16 9.67 31.19
C TRP C 10 26.96 8.61 32.27
N ILE C 11 25.70 8.34 32.59
CA ILE C 11 25.33 7.35 33.59
C ILE C 11 24.05 6.65 33.12
N ASN C 12 23.74 5.49 33.69
CA ASN C 12 22.56 4.74 33.28
C ASN C 12 21.26 5.30 33.89
N GLY C 13 20.13 4.87 33.35
CA GLY C 13 18.82 5.34 33.83
C GLY C 13 18.45 4.91 35.24
N ASP C 14 18.92 3.73 35.64
CA ASP C 14 18.60 3.16 36.95
C ASP C 14 19.48 3.67 38.09
N LYS C 15 20.42 4.56 37.77
CA LYS C 15 21.29 5.17 38.76
C LYS C 15 20.74 6.54 39.18
N GLY C 16 21.16 7.01 40.35
CA GLY C 16 20.70 8.30 40.86
C GLY C 16 21.32 9.46 40.13
N TYR C 17 20.81 9.76 38.94
CA TYR C 17 21.40 10.78 38.08
C TYR C 17 21.14 12.21 38.56
N ASN C 18 19.95 12.44 39.14
CA ASN C 18 19.63 13.74 39.73
C ASN C 18 20.48 14.05 40.96
N GLY C 19 20.84 13.00 41.70
CA GLY C 19 21.74 13.11 42.85
C GLY C 19 23.17 13.39 42.45
N LEU C 20 23.58 12.85 41.31
CA LEU C 20 24.91 13.07 40.76
C LEU C 20 25.07 14.50 40.26
N ALA C 21 23.98 15.08 39.77
CA ALA C 21 23.96 16.48 39.33
C ALA C 21 24.06 17.43 40.52
N GLU C 22 23.62 16.97 41.69
CA GLU C 22 23.73 17.74 42.93
C GLU C 22 25.20 17.79 43.40
N VAL C 23 25.93 16.70 43.15
CA VAL C 23 27.37 16.64 43.38
C VAL C 23 28.08 17.56 42.38
N GLY C 24 27.56 17.62 41.15
CA GLY C 24 28.09 18.47 40.10
C GLY C 24 27.92 19.95 40.39
N LYS C 25 26.77 20.31 40.97
CA LYS C 25 26.49 21.70 41.36
C LYS C 25 27.37 22.13 42.53
N LYS C 26 27.57 21.21 43.47
CA LYS C 26 28.51 21.40 44.58
C LYS C 26 29.94 21.57 44.04
N PHE C 27 30.25 20.85 42.96
CA PHE C 27 31.54 20.96 42.28
C PHE C 27 31.68 22.32 41.60
N GLU C 28 30.65 22.73 40.85
CA GLU C 28 30.64 24.02 40.17
C GLU C 28 30.76 25.19 41.15
N LYS C 29 29.97 25.15 42.22
CA LYS C 29 30.00 26.19 43.25
C LYS C 29 31.41 26.41 43.79
N ASP C 30 32.25 25.39 43.66
CA ASP C 30 33.63 25.44 44.13
C ASP C 30 34.64 25.68 43.02
N THR C 31 34.26 25.32 41.79
CA THR C 31 35.20 25.31 40.67
C THR C 31 34.85 26.33 39.58
N GLY C 32 33.55 26.60 39.42
CA GLY C 32 33.06 27.45 38.34
C GLY C 32 32.74 26.62 37.10
N ILE C 33 33.33 25.42 37.03
CA ILE C 33 33.13 24.49 35.93
C ILE C 33 31.81 23.75 36.10
N LYS C 34 30.91 23.88 35.13
CA LYS C 34 29.60 23.22 35.20
C LYS C 34 29.66 21.74 34.79
N VAL C 35 28.77 20.95 35.37
CA VAL C 35 28.72 19.51 35.14
C VAL C 35 27.36 19.09 34.59
N THR C 36 27.34 18.62 33.35
CA THR C 36 26.11 18.11 32.75
C THR C 36 26.08 16.59 32.80
N VAL C 37 25.10 16.05 33.49
CA VAL C 37 24.94 14.60 33.64
C VAL C 37 23.76 14.13 32.80
N GLU C 38 24.04 13.25 31.85
CA GLU C 38 23.01 12.72 30.96
C GLU C 38 22.87 11.21 31.11
N HIS C 39 21.66 10.72 30.87
CA HIS C 39 21.37 9.29 30.94
C HIS C 39 20.72 8.80 29.63
N PRO C 40 21.54 8.60 28.58
CA PRO C 40 20.99 8.18 27.30
C PRO C 40 20.75 6.68 27.24
N ASP C 41 19.84 6.27 26.37
CA ASP C 41 19.58 4.87 26.08
C ASP C 41 20.83 4.20 25.53
N LYS C 42 21.08 2.96 25.94
CA LYS C 42 22.19 2.16 25.43
C LYS C 42 23.51 2.94 25.31
N LEU C 43 23.85 3.67 26.37
CA LEU C 43 25.07 4.47 26.40
C LEU C 43 26.33 3.61 26.25
N GLU C 44 26.21 2.34 26.67
CA GLU C 44 27.30 1.36 26.58
C GLU C 44 27.69 1.05 25.14
N GLU C 45 26.76 1.27 24.21
CA GLU C 45 26.99 1.09 22.78
C GLU C 45 27.21 2.45 22.11
N LYS C 46 26.57 3.48 22.66
CA LYS C 46 26.71 4.83 22.14
C LYS C 46 28.11 5.39 22.35
N PHE C 47 28.72 5.05 23.49
CA PHE C 47 30.05 5.55 23.86
C PHE C 47 31.16 5.18 22.88
N PRO C 48 31.34 3.87 22.59
CA PRO C 48 32.38 3.48 21.63
C PRO C 48 32.26 4.21 20.29
N GLN C 49 31.03 4.52 19.87
CA GLN C 49 30.78 5.24 18.64
C GLN C 49 31.20 6.70 18.72
N VAL C 50 30.67 7.42 19.70
CA VAL C 50 30.95 8.86 19.84
C VAL C 50 32.40 9.14 20.28
N ALA C 51 32.96 8.25 21.10
CA ALA C 51 34.32 8.44 21.63
C ALA C 51 35.41 8.23 20.57
N ALA C 52 35.18 7.28 19.67
CA ALA C 52 36.15 6.95 18.62
C ALA C 52 36.48 8.12 17.71
N THR C 53 35.50 9.00 17.50
CA THR C 53 35.69 10.21 16.69
C THR C 53 36.41 11.30 17.49
N GLY C 54 36.49 11.12 18.80
CA GLY C 54 37.10 12.10 19.69
C GLY C 54 36.04 12.95 20.36
N ASP C 55 34.90 12.34 20.66
CA ASP C 55 33.78 13.04 21.31
C ASP C 55 33.20 12.21 22.44
N GLY C 56 31.93 12.44 22.74
CA GLY C 56 31.26 11.75 23.84
C GLY C 56 31.47 12.49 25.15
N PRO C 57 31.13 11.84 26.27
CA PRO C 57 31.26 12.47 27.58
C PRO C 57 32.71 12.48 28.03
N ASP C 58 33.03 13.38 28.96
CA ASP C 58 34.34 13.40 29.58
C ASP C 58 34.51 12.15 30.43
N ILE C 59 33.47 11.83 31.19
CA ILE C 59 33.49 10.68 32.10
C ILE C 59 32.22 9.81 31.94
N ILE C 60 32.43 8.50 31.85
CA ILE C 60 31.34 7.53 31.67
C ILE C 60 31.22 6.54 32.84
N PHE C 61 29.99 6.34 33.31
CA PHE C 61 29.69 5.39 34.39
C PHE C 61 29.05 4.12 33.84
N TRP C 62 29.72 2.99 34.05
CA TRP C 62 29.22 1.68 33.62
C TRP C 62 30.02 0.56 34.31
N ALA C 63 29.53 -0.67 34.20
CA ALA C 63 30.21 -1.84 34.75
C ALA C 63 31.61 -2.02 34.16
N HIS C 64 32.52 -2.51 35.00
CA HIS C 64 33.94 -2.66 34.63
C HIS C 64 34.20 -3.58 33.44
N ASP C 65 33.36 -4.60 33.28
CA ASP C 65 33.53 -5.60 32.23
C ASP C 65 33.59 -4.97 30.83
N ARG C 66 32.75 -3.96 30.62
CA ARG C 66 32.63 -3.26 29.36
C ARG C 66 33.80 -2.30 29.14
N PHE C 67 34.51 -1.98 30.22
CA PHE C 67 35.59 -0.98 30.20
C PHE C 67 36.91 -1.53 29.67
N GLY C 68 37.13 -2.84 29.83
CA GLY C 68 38.29 -3.51 29.25
C GLY C 68 38.29 -3.42 27.73
N GLY C 69 37.10 -3.39 27.15
CA GLY C 69 36.93 -3.20 25.71
C GLY C 69 37.25 -1.77 25.27
N TYR C 70 36.69 -0.79 25.98
CA TYR C 70 36.94 0.62 25.69
C TYR C 70 38.41 0.97 25.78
N ALA C 71 39.08 0.38 26.78
CA ALA C 71 40.52 0.56 26.97
C ALA C 71 41.31 -0.02 25.80
N GLN C 72 40.93 -1.22 25.39
CA GLN C 72 41.56 -1.92 24.26
C GLN C 72 41.39 -1.15 22.96
N SER C 73 40.25 -0.47 22.83
CA SER C 73 39.98 0.36 21.67
C SER C 73 40.70 1.70 21.77
N GLY C 74 41.23 1.99 22.95
CA GLY C 74 41.96 3.23 23.21
C GLY C 74 41.03 4.42 23.39
N LEU C 75 39.93 4.19 24.09
CA LEU C 75 38.92 5.22 24.32
C LEU C 75 39.02 5.81 25.72
N LEU C 76 39.63 5.07 26.64
CA LEU C 76 39.76 5.49 28.04
C LEU C 76 41.18 5.91 28.38
N ALA C 77 41.31 7.05 29.06
CA ALA C 77 42.60 7.53 29.52
C ALA C 77 43.03 6.78 30.77
N GLU C 78 44.34 6.57 30.90
CA GLU C 78 44.93 5.89 32.06
C GLU C 78 44.87 6.82 33.27
N ILE C 79 44.27 6.33 34.35
CA ILE C 79 44.10 7.13 35.57
C ILE C 79 45.25 6.91 36.55
N THR C 80 45.54 7.95 37.34
CA THR C 80 46.62 7.87 38.32
C THR C 80 46.17 8.35 39.72
N PRO C 81 45.48 7.48 40.48
CA PRO C 81 45.20 7.77 41.87
C PRO C 81 46.39 7.39 42.76
N ASP C 82 46.77 8.30 43.66
CA ASP C 82 47.90 8.10 44.56
C ASP C 82 47.68 6.95 45.56
N LYS C 83 48.78 6.45 46.10
CA LYS C 83 48.78 5.36 47.09
C LYS C 83 47.80 5.62 48.25
N ALA C 84 47.74 6.87 48.70
CA ALA C 84 46.84 7.27 49.79
C ALA C 84 45.38 7.18 49.40
N PHE C 85 45.08 7.45 48.12
CA PHE C 85 43.69 7.40 47.63
C PHE C 85 43.21 5.97 47.43
N GLN C 86 44.08 5.11 46.90
CA GLN C 86 43.72 3.71 46.62
C GLN C 86 43.37 2.91 47.87
N ASP C 87 43.87 3.37 49.03
CA ASP C 87 43.61 2.73 50.31
C ASP C 87 42.22 3.05 50.86
N LYS C 88 41.56 4.07 50.30
CA LYS C 88 40.21 4.45 50.70
C LYS C 88 39.17 3.47 50.17
N LEU C 89 39.57 2.67 49.18
CA LEU C 89 38.66 1.71 48.54
C LEU C 89 39.09 0.27 48.80
N TYR C 90 38.13 -0.65 48.68
CA TYR C 90 38.41 -2.08 48.83
C TYR C 90 39.33 -2.57 47.71
N PRO C 91 40.45 -3.22 48.08
CA PRO C 91 41.55 -3.55 47.17
C PRO C 91 41.17 -4.41 45.97
N PHE C 92 40.15 -5.26 46.13
CA PHE C 92 39.73 -6.16 45.06
C PHE C 92 38.97 -5.42 43.95
N THR C 93 38.34 -4.30 44.31
CA THR C 93 37.61 -3.46 43.35
C THR C 93 38.58 -2.85 42.33
N TRP C 94 39.83 -2.67 42.74
CA TRP C 94 40.89 -2.17 41.87
C TRP C 94 41.30 -3.19 40.81
N ASP C 95 41.18 -4.48 41.13
CA ASP C 95 41.50 -5.56 40.19
C ASP C 95 40.53 -5.59 39.01
N ALA C 96 39.33 -5.07 39.23
CA ALA C 96 38.29 -5.02 38.19
C ALA C 96 38.56 -3.93 37.16
N VAL C 97 39.19 -2.85 37.60
CA VAL C 97 39.36 -1.66 36.76
C VAL C 97 40.77 -1.48 36.18
N ARG C 98 41.48 -2.59 35.98
CA ARG C 98 42.83 -2.53 35.41
C ARG C 98 43.01 -3.37 34.15
N TYR C 99 43.22 -2.67 33.03
CA TYR C 99 43.52 -3.31 31.76
C TYR C 99 45.00 -3.05 31.43
N ASN C 100 45.71 -4.12 31.06
CA ASN C 100 47.15 -4.08 30.78
C ASN C 100 47.99 -3.63 31.98
N GLY C 101 47.56 -4.03 33.18
CA GLY C 101 48.26 -3.69 34.41
C GLY C 101 47.93 -2.28 34.91
N LYS C 102 47.75 -1.35 33.97
CA LYS C 102 47.39 0.03 34.30
C LYS C 102 45.92 0.13 34.69
N LEU C 103 45.61 1.06 35.59
CA LEU C 103 44.24 1.34 36.02
C LEU C 103 43.55 2.24 34.99
N ILE C 104 42.28 1.95 34.70
CA ILE C 104 41.54 2.68 33.66
C ILE C 104 40.22 3.33 34.11
N ALA C 105 39.76 3.00 35.31
CA ALA C 105 38.50 3.56 35.84
C ALA C 105 38.45 3.59 37.37
N TYR C 106 37.57 4.42 37.91
CA TYR C 106 37.38 4.56 39.35
C TYR C 106 36.20 3.70 39.82
N PRO C 107 36.45 2.73 40.70
CA PRO C 107 35.38 1.90 41.25
C PRO C 107 34.42 2.75 42.08
N ILE C 108 33.12 2.57 41.86
CA ILE C 108 32.11 3.33 42.59
C ILE C 108 31.24 2.41 43.44
N ALA C 109 30.44 1.57 42.78
CA ALA C 109 29.53 0.67 43.48
C ALA C 109 29.91 -0.79 43.23
N VAL C 110 29.59 -1.64 44.21
CA VAL C 110 29.82 -3.08 44.08
C VAL C 110 28.47 -3.80 44.06
N GLU C 111 28.32 -4.73 43.13
CA GLU C 111 27.05 -5.44 42.94
C GLU C 111 27.27 -6.94 42.72
N ALA C 112 26.54 -7.74 43.47
CA ALA C 112 26.58 -9.21 43.36
C ALA C 112 25.33 -9.86 43.91
N LEU C 113 25.09 -11.11 43.51
CA LEU C 113 23.90 -11.88 43.93
C LEU C 113 23.99 -12.33 45.39
N SER C 114 22.83 -12.40 46.03
CA SER C 114 22.73 -12.85 47.43
C SER C 114 21.49 -13.70 47.66
N LEU C 115 21.50 -14.46 48.76
CA LEU C 115 20.36 -15.29 49.12
C LEU C 115 19.29 -14.44 49.79
N ILE C 116 18.14 -14.33 49.13
CA ILE C 116 16.98 -13.60 49.66
C ILE C 116 15.97 -14.60 50.19
N TYR C 117 15.66 -14.51 51.48
CA TYR C 117 14.75 -15.47 52.10
C TYR C 117 13.53 -14.82 52.77
N ASN C 118 12.43 -15.56 52.81
CA ASN C 118 11.22 -15.17 53.52
C ASN C 118 11.36 -15.53 55.00
N LYS C 119 11.34 -14.51 55.86
CA LYS C 119 11.49 -14.71 57.31
C LYS C 119 10.35 -15.56 57.91
N ASP C 120 9.14 -15.36 57.39
CA ASP C 120 7.97 -16.10 57.86
C ASP C 120 7.99 -17.57 57.43
N LEU C 121 8.48 -17.82 56.22
CA LEU C 121 8.54 -19.17 55.67
C LEU C 121 9.80 -19.92 56.11
N LEU C 122 10.85 -19.17 56.41
CA LEU C 122 12.13 -19.74 56.83
C LEU C 122 12.91 -18.71 57.67
N PRO C 123 12.75 -18.75 59.00
CA PRO C 123 13.43 -17.80 59.90
C PRO C 123 14.94 -17.97 59.89
N ASN C 124 15.41 -19.20 59.76
CA ASN C 124 16.83 -19.50 59.68
C ASN C 124 17.21 -20.04 58.30
N PRO C 125 17.90 -19.21 57.49
CA PRO C 125 18.38 -19.65 56.19
C PRO C 125 19.53 -20.65 56.30
N PRO C 126 19.63 -21.59 55.35
CA PRO C 126 20.72 -22.58 55.35
C PRO C 126 22.07 -21.95 55.02
N LYS C 127 23.14 -22.56 55.55
CA LYS C 127 24.49 -22.11 55.26
C LYS C 127 25.06 -22.89 54.09
N THR C 128 24.39 -23.99 53.74
CA THR C 128 24.91 -24.96 52.78
C THR C 128 23.93 -25.25 51.65
N TRP C 129 24.47 -25.63 50.50
CA TRP C 129 23.68 -26.06 49.34
C TRP C 129 23.19 -27.50 49.50
N GLU C 130 23.97 -28.31 50.22
CA GLU C 130 23.68 -29.72 50.42
C GLU C 130 22.39 -29.98 51.21
N GLU C 131 21.99 -28.99 52.01
CA GLU C 131 20.80 -29.11 52.85
C GLU C 131 19.54 -28.47 52.22
N ILE C 132 19.62 -28.12 50.94
CA ILE C 132 18.46 -27.60 50.21
C ILE C 132 17.41 -28.70 49.94
N PRO C 133 17.83 -29.88 49.42
CA PRO C 133 16.87 -30.97 49.19
C PRO C 133 16.07 -31.34 50.45
N ALA C 134 16.74 -31.33 51.60
CA ALA C 134 16.10 -31.61 52.89
C ALA C 134 15.08 -30.54 53.25
N LEU C 135 15.40 -29.29 52.94
CA LEU C 135 14.52 -28.15 53.21
C LEU C 135 13.32 -28.10 52.28
N ASP C 136 13.51 -28.47 51.02
CA ASP C 136 12.42 -28.48 50.04
C ASP C 136 11.42 -29.59 50.35
N LYS C 137 11.94 -30.72 50.84
CA LYS C 137 11.12 -31.86 51.25
C LYS C 137 10.07 -31.48 52.29
N GLU C 138 10.50 -30.73 53.31
CA GLU C 138 9.61 -30.31 54.38
C GLU C 138 8.74 -29.09 54.01
N LEU C 139 9.07 -28.44 52.90
CA LEU C 139 8.30 -27.30 52.42
C LEU C 139 7.28 -27.66 51.34
N LYS C 140 7.53 -28.74 50.61
CA LYS C 140 6.61 -29.22 49.57
C LYS C 140 5.29 -29.72 50.12
N ALA C 141 5.33 -30.28 51.33
CA ALA C 141 4.13 -30.76 52.04
C ALA C 141 3.18 -29.62 52.39
N LYS C 142 3.74 -28.43 52.63
CA LYS C 142 2.96 -27.23 52.90
C LYS C 142 2.69 -26.44 51.61
N GLY C 143 2.83 -27.12 50.47
CA GLY C 143 2.52 -26.55 49.16
C GLY C 143 3.50 -25.50 48.65
N LYS C 144 4.68 -25.47 49.26
CA LYS C 144 5.71 -24.47 48.94
C LYS C 144 7.00 -25.14 48.45
N SER C 145 7.98 -24.32 48.10
CA SER C 145 9.31 -24.81 47.70
C SER C 145 10.41 -24.01 48.39
N ALA C 146 11.58 -24.64 48.56
CA ALA C 146 12.70 -24.01 49.26
C ALA C 146 13.33 -22.89 48.43
N LEU C 147 14.03 -23.26 47.36
CA LEU C 147 14.73 -22.31 46.52
C LEU C 147 14.21 -22.31 45.09
N MET C 148 14.00 -21.12 44.55
CA MET C 148 13.58 -20.95 43.16
C MET C 148 14.21 -19.69 42.57
N PHE C 149 15.11 -19.90 41.61
CA PHE C 149 15.79 -18.80 40.94
C PHE C 149 15.91 -19.04 39.43
N ASN C 150 16.49 -18.07 38.72
CA ASN C 150 16.67 -18.17 37.27
C ASN C 150 17.71 -19.21 36.89
N LEU C 151 17.24 -20.31 36.29
CA LEU C 151 18.14 -21.37 35.82
C LEU C 151 18.56 -21.18 34.36
N GLN C 152 17.82 -20.34 33.64
CA GLN C 152 18.03 -20.11 32.21
C GLN C 152 19.31 -19.33 31.92
N GLU C 153 19.66 -18.40 32.80
CA GLU C 153 20.81 -17.51 32.58
C GLU C 153 22.00 -17.90 33.45
N PRO C 154 23.17 -18.09 32.81
CA PRO C 154 24.39 -18.58 33.46
C PRO C 154 24.89 -17.69 34.60
N TYR C 155 24.52 -16.42 34.57
CA TYR C 155 24.90 -15.45 35.60
C TYR C 155 24.37 -15.85 36.97
N PHE C 156 23.17 -16.42 37.00
CA PHE C 156 22.53 -16.83 38.24
C PHE C 156 23.00 -18.19 38.73
N THR C 157 23.30 -19.08 37.79
CA THR C 157 23.69 -20.46 38.12
C THR C 157 25.18 -20.57 38.45
N TRP C 158 25.96 -19.59 38.03
CA TRP C 158 27.42 -19.59 38.20
C TRP C 158 27.93 -19.65 39.64
N PRO C 159 27.32 -18.89 40.58
CA PRO C 159 27.73 -18.98 41.99
C PRO C 159 27.93 -20.42 42.47
N LEU C 160 26.96 -21.28 42.17
CA LEU C 160 26.98 -22.68 42.58
C LEU C 160 27.95 -23.51 41.74
N ILE C 161 28.05 -23.18 40.45
CA ILE C 161 28.95 -23.86 39.52
C ILE C 161 30.41 -23.56 39.85
N ALA C 162 30.69 -22.29 40.15
CA ALA C 162 32.06 -21.81 40.41
C ALA C 162 32.56 -22.09 41.83
N ALA C 163 31.63 -22.42 42.72
CA ALA C 163 31.94 -22.62 44.15
C ALA C 163 33.03 -23.68 44.39
N ASP C 164 32.92 -24.82 43.71
CA ASP C 164 33.84 -25.94 43.94
C ASP C 164 35.18 -25.81 43.23
N GLY C 165 35.24 -24.97 42.19
CA GLY C 165 36.49 -24.72 41.48
C GLY C 165 36.34 -24.18 40.07
N GLY C 166 35.13 -23.74 39.74
CA GLY C 166 34.87 -23.13 38.43
C GLY C 166 35.35 -21.69 38.37
N TYR C 167 35.74 -21.26 37.17
CA TYR C 167 36.15 -19.88 36.91
C TYR C 167 36.06 -19.56 35.42
N ALA C 168 35.77 -18.30 35.11
CA ALA C 168 35.73 -17.86 33.72
C ALA C 168 37.14 -17.93 33.11
N PHE C 169 38.00 -17.00 33.54
CA PHE C 169 39.39 -16.98 33.10
C PHE C 169 40.30 -16.78 34.30
N LYS C 170 41.37 -17.55 34.36
CA LYS C 170 42.36 -17.46 35.43
C LYS C 170 43.05 -16.10 35.41
N TYR C 171 43.18 -15.49 36.59
CA TYR C 171 43.79 -14.17 36.72
C TYR C 171 45.22 -14.30 37.28
N GLU C 172 46.19 -13.90 36.46
CA GLU C 172 47.62 -14.03 36.79
C GLU C 172 48.03 -13.06 37.92
N ASN C 173 47.98 -11.76 37.63
CA ASN C 173 48.30 -10.72 38.61
C ASN C 173 47.71 -9.36 38.21
N GLY C 174 47.67 -9.11 36.91
CA GLY C 174 47.06 -7.91 36.34
C GLY C 174 46.41 -8.21 35.01
N LYS C 175 46.60 -9.43 34.52
CA LYS C 175 46.11 -9.86 33.22
C LYS C 175 45.55 -11.28 33.25
N TYR C 176 44.39 -11.45 32.61
CA TYR C 176 43.75 -12.76 32.48
C TYR C 176 44.49 -13.64 31.49
N ASP C 177 44.25 -14.95 31.58
CA ASP C 177 44.83 -15.93 30.66
C ASP C 177 43.72 -16.57 29.83
N ILE C 178 43.60 -16.14 28.58
CA ILE C 178 42.54 -16.61 27.67
C ILE C 178 42.60 -18.11 27.40
N LYS C 179 43.80 -18.68 27.50
CA LYS C 179 44.02 -20.12 27.38
C LYS C 179 43.34 -20.85 28.54
N ASP C 180 43.53 -20.32 29.76
CA ASP C 180 43.06 -20.99 30.96
C ASP C 180 41.59 -20.65 31.27
N VAL C 181 40.72 -21.60 30.91
CA VAL C 181 39.28 -21.48 31.17
C VAL C 181 38.87 -22.60 32.12
N GLY C 182 38.09 -22.24 33.14
CA GLY C 182 37.67 -23.20 34.15
C GLY C 182 36.19 -23.50 34.13
N VAL C 183 35.68 -23.93 32.97
CA VAL C 183 34.30 -24.41 32.86
C VAL C 183 34.28 -25.93 32.66
N ASP C 184 35.40 -26.47 32.17
CA ASP C 184 35.56 -27.90 31.98
C ASP C 184 36.60 -28.45 32.97
N ASN C 185 36.18 -28.56 34.22
CA ASN C 185 37.02 -29.10 35.30
C ASN C 185 36.15 -29.63 36.43
N ALA C 186 36.78 -30.33 37.37
CA ALA C 186 36.09 -30.96 38.50
C ALA C 186 35.13 -30.01 39.23
N GLY C 187 35.58 -28.78 39.48
CA GLY C 187 34.79 -27.79 40.20
C GLY C 187 33.50 -27.42 39.52
N ALA C 188 33.61 -27.06 38.23
CA ALA C 188 32.45 -26.68 37.43
C ALA C 188 31.51 -27.85 37.19
N LYS C 189 32.09 -29.04 37.02
CA LYS C 189 31.32 -30.27 36.81
C LYS C 189 30.50 -30.63 38.05
N ALA C 190 31.09 -30.47 39.23
CA ALA C 190 30.44 -30.78 40.50
C ALA C 190 29.29 -29.82 40.80
N GLY C 191 29.50 -28.54 40.47
CA GLY C 191 28.45 -27.52 40.61
C GLY C 191 27.23 -27.86 39.78
N LEU C 192 27.44 -28.03 38.47
CA LEU C 192 26.35 -28.34 37.55
C LEU C 192 25.69 -29.69 37.84
N THR C 193 26.47 -30.66 38.30
CA THR C 193 25.93 -31.96 38.70
C THR C 193 24.93 -31.80 39.85
N PHE C 194 25.24 -30.91 40.79
CA PHE C 194 24.33 -30.62 41.90
C PHE C 194 23.10 -29.83 41.45
N LEU C 195 23.30 -28.89 40.53
CA LEU C 195 22.20 -28.11 39.97
C LEU C 195 21.18 -29.01 39.29
N VAL C 196 21.68 -29.95 38.49
CA VAL C 196 20.85 -30.92 37.76
C VAL C 196 20.15 -31.87 38.76
N ASP C 197 20.86 -32.25 39.82
CA ASP C 197 20.31 -33.09 40.88
C ASP C 197 19.13 -32.43 41.60
N LEU C 198 19.20 -31.11 41.76
CA LEU C 198 18.10 -30.33 42.34
C LEU C 198 16.88 -30.32 41.43
N ILE C 199 17.09 -30.55 40.14
CA ILE C 199 16.01 -30.67 39.18
C ILE C 199 15.51 -32.11 39.11
N LYS C 200 16.45 -33.07 39.13
CA LYS C 200 16.12 -34.49 39.11
C LYS C 200 15.19 -34.89 40.25
N ASN C 201 15.48 -34.38 41.45
CA ASN C 201 14.68 -34.68 42.64
C ASN C 201 13.45 -33.77 42.75
N LYS C 202 13.17 -33.05 41.66
CA LYS C 202 11.98 -32.19 41.54
C LYS C 202 11.95 -31.02 42.53
N HIS C 203 13.11 -30.63 43.05
CA HIS C 203 13.20 -29.50 43.97
C HIS C 203 13.18 -28.18 43.22
N MET C 204 13.72 -28.19 42.00
CA MET C 204 13.72 -27.01 41.13
C MET C 204 13.28 -27.39 39.71
N ASN C 205 12.74 -26.41 38.99
CA ASN C 205 12.25 -26.63 37.63
C ASN C 205 13.27 -26.19 36.58
N ALA C 206 13.50 -27.06 35.59
CA ALA C 206 14.52 -26.86 34.57
C ALA C 206 14.38 -25.58 33.75
N ASP C 207 13.14 -25.16 33.50
CA ASP C 207 12.90 -23.96 32.71
C ASP C 207 12.23 -22.84 33.53
N THR C 208 12.80 -22.57 34.70
CA THR C 208 12.44 -21.42 35.50
C THR C 208 13.30 -20.23 35.09
N ASP C 209 12.66 -19.15 34.65
CA ASP C 209 13.37 -17.93 34.30
C ASP C 209 13.26 -16.87 35.42
N TYR C 210 13.85 -15.71 35.19
CA TYR C 210 13.87 -14.62 36.19
C TYR C 210 12.48 -14.25 36.68
N SER C 211 11.57 -13.96 35.74
CA SER C 211 10.26 -13.43 36.07
C SER C 211 9.36 -14.46 36.77
N ILE C 212 9.51 -15.73 36.40
CA ILE C 212 8.77 -16.81 37.05
C ILE C 212 9.28 -17.02 38.48
N ALA C 213 10.59 -16.89 38.66
CA ALA C 213 11.23 -17.02 39.97
C ALA C 213 10.89 -15.85 40.89
N GLU C 214 10.95 -14.63 40.36
CA GLU C 214 10.70 -13.41 41.13
C GLU C 214 9.25 -13.33 41.61
N ALA C 215 8.31 -13.64 40.72
CA ALA C 215 6.88 -13.59 41.04
C ALA C 215 6.52 -14.52 42.20
N ALA C 216 7.11 -15.71 42.20
CA ALA C 216 6.85 -16.71 43.23
C ALA C 216 7.27 -16.25 44.63
N PHE C 217 8.45 -15.63 44.72
CA PHE C 217 8.96 -15.17 46.01
C PHE C 217 8.14 -14.02 46.59
N ASN C 218 7.75 -13.08 45.73
CA ASN C 218 6.94 -11.94 46.15
C ASN C 218 5.54 -12.34 46.61
N LYS C 219 5.05 -13.45 46.07
CA LYS C 219 3.75 -14.00 46.44
C LYS C 219 3.84 -14.90 47.68
N GLY C 220 5.06 -15.33 47.99
CA GLY C 220 5.31 -16.22 49.12
C GLY C 220 5.11 -17.68 48.77
N GLU C 221 5.29 -18.01 47.49
CA GLU C 221 5.18 -19.38 47.00
C GLU C 221 6.46 -20.17 47.23
N THR C 222 7.60 -19.49 47.11
CA THR C 222 8.90 -20.08 47.44
C THR C 222 9.53 -19.40 48.65
N ALA C 223 10.21 -20.19 49.46
CA ALA C 223 10.77 -19.73 50.73
C ALA C 223 11.97 -18.80 50.55
N MET C 224 12.80 -19.09 49.54
CA MET C 224 13.96 -18.27 49.24
C MET C 224 14.31 -18.26 47.77
N THR C 225 14.85 -17.12 47.32
CA THR C 225 15.35 -16.95 45.95
C THR C 225 16.75 -16.35 46.02
N ILE C 226 17.47 -16.35 44.89
CA ILE C 226 18.75 -15.66 44.81
C ILE C 226 18.76 -14.57 43.75
N ASN C 227 18.87 -13.32 44.19
CA ASN C 227 18.76 -12.15 43.33
C ASN C 227 19.66 -11.00 43.79
N GLY C 228 19.69 -9.92 43.01
CA GLY C 228 20.52 -8.75 43.33
C GLY C 228 19.75 -7.60 43.95
N PRO C 229 20.47 -6.53 44.35
CA PRO C 229 19.92 -5.33 45.00
C PRO C 229 18.79 -4.64 44.24
N TRP C 230 18.81 -4.75 42.90
CA TRP C 230 17.77 -4.15 42.06
C TRP C 230 16.38 -4.68 42.38
N ALA C 231 16.30 -5.94 42.79
CA ALA C 231 15.02 -6.62 43.04
C ALA C 231 14.40 -6.26 44.38
N TRP C 232 15.16 -5.62 45.26
CA TRP C 232 14.71 -5.31 46.63
C TRP C 232 13.47 -4.43 46.69
N SER C 233 13.39 -3.43 45.80
CA SER C 233 12.24 -2.51 45.77
C SER C 233 10.92 -3.23 45.49
N ASN C 234 10.97 -4.28 44.68
CA ASN C 234 9.81 -5.11 44.40
C ASN C 234 9.30 -5.85 45.63
N ILE C 235 10.23 -6.44 46.38
CA ILE C 235 9.90 -7.16 47.60
C ILE C 235 9.42 -6.18 48.69
N ASP C 236 9.91 -4.95 48.64
CA ASP C 236 9.46 -3.88 49.52
C ASP C 236 8.01 -3.51 49.28
N THR C 237 7.58 -3.59 48.01
CA THR C 237 6.20 -3.30 47.62
C THR C 237 5.27 -4.45 48.00
N SER C 238 5.83 -5.66 48.05
CA SER C 238 5.08 -6.86 48.44
C SER C 238 4.86 -6.96 49.94
N LYS C 239 5.63 -6.18 50.71
CA LYS C 239 5.58 -6.14 52.18
C LYS C 239 5.86 -7.50 52.84
N VAL C 240 6.60 -8.34 52.12
CA VAL C 240 7.05 -9.63 52.62
C VAL C 240 8.21 -9.40 53.59
N ASN C 241 8.11 -9.97 54.79
CA ASN C 241 9.21 -9.95 55.74
C ASN C 241 10.35 -10.80 55.20
N TYR C 242 11.33 -10.14 54.59
CA TYR C 242 12.43 -10.84 53.93
C TYR C 242 13.80 -10.49 54.49
N GLY C 243 14.78 -11.33 54.21
CA GLY C 243 16.15 -11.11 54.64
C GLY C 243 17.16 -11.36 53.53
N VAL C 244 18.23 -10.58 53.54
CA VAL C 244 19.31 -10.74 52.57
C VAL C 244 20.56 -11.21 53.32
N THR C 245 21.05 -12.39 52.95
CA THR C 245 22.18 -13.01 53.63
C THR C 245 23.23 -13.57 52.66
N VAL C 246 24.33 -14.06 53.23
CA VAL C 246 25.39 -14.70 52.47
C VAL C 246 24.86 -15.92 51.71
N LEU C 247 25.33 -16.09 50.48
CA LEU C 247 24.98 -17.24 49.65
C LEU C 247 25.42 -18.54 50.31
N PRO C 248 24.63 -19.62 50.14
CA PRO C 248 24.96 -20.89 50.77
C PRO C 248 26.24 -21.49 50.20
N THR C 249 26.90 -22.33 51.00
CA THR C 249 28.16 -22.94 50.61
C THR C 249 27.93 -24.28 49.92
N PHE C 250 28.85 -24.66 49.04
CA PHE C 250 28.81 -25.96 48.38
C PHE C 250 30.15 -26.67 48.53
N LYS C 251 30.10 -27.92 48.96
CA LYS C 251 31.30 -28.73 49.24
C LYS C 251 32.32 -28.00 50.12
N GLY C 252 31.81 -27.33 51.15
CA GLY C 252 32.65 -26.59 52.10
C GLY C 252 33.14 -25.25 51.61
N GLN C 253 32.90 -24.96 50.33
CA GLN C 253 33.39 -23.73 49.69
C GLN C 253 32.23 -22.76 49.42
N PRO C 254 32.45 -21.46 49.65
CA PRO C 254 31.38 -20.47 49.45
C PRO C 254 31.05 -20.28 47.98
N SER C 255 29.79 -19.93 47.69
CA SER C 255 29.36 -19.61 46.34
C SER C 255 30.17 -18.45 45.80
N LYS C 256 30.60 -18.55 44.55
CA LYS C 256 31.39 -17.50 43.90
C LYS C 256 30.61 -16.81 42.78
N PRO C 257 29.75 -15.83 43.13
CA PRO C 257 29.00 -15.13 42.10
C PRO C 257 29.90 -14.17 41.34
N PHE C 258 29.46 -13.76 40.16
CA PHE C 258 30.18 -12.75 39.40
C PHE C 258 30.02 -11.39 40.06
N VAL C 259 31.12 -10.64 40.11
CA VAL C 259 31.13 -9.33 40.74
C VAL C 259 31.07 -8.25 39.67
N GLY C 260 30.06 -7.37 39.78
CA GLY C 260 29.92 -6.22 38.90
C GLY C 260 30.20 -4.95 39.64
N VAL C 261 31.33 -4.32 39.33
CA VAL C 261 31.71 -3.06 39.95
C VAL C 261 31.40 -1.90 39.01
N LEU C 262 30.49 -1.03 39.46
CA LEU C 262 30.19 0.21 38.76
C LEU C 262 31.45 1.06 38.75
N SER C 263 31.87 1.47 37.56
CA SER C 263 33.14 2.15 37.39
C SER C 263 33.01 3.49 36.70
N ALA C 264 33.87 4.43 37.09
CA ALA C 264 33.92 5.75 36.50
C ALA C 264 35.19 5.89 35.65
N GLY C 265 35.03 5.84 34.34
CA GLY C 265 36.15 5.93 33.41
C GLY C 265 36.19 7.25 32.67
N ILE C 266 37.40 7.78 32.47
CA ILE C 266 37.57 9.04 31.77
C ILE C 266 37.94 8.83 30.30
N ASN C 267 37.33 9.62 29.43
CA ASN C 267 37.60 9.58 27.99
C ASN C 267 39.05 9.98 27.68
N ALA C 268 39.68 9.21 26.81
CA ALA C 268 41.05 9.51 26.36
C ALA C 268 41.09 10.72 25.43
N ALA C 269 39.93 11.08 24.89
CA ALA C 269 39.80 12.24 24.03
C ALA C 269 39.47 13.50 24.82
N SER C 270 39.20 13.35 26.12
CA SER C 270 38.80 14.46 26.98
C SER C 270 39.97 15.38 27.31
N PRO C 271 39.79 16.69 27.08
CA PRO C 271 40.82 17.68 27.45
C PRO C 271 40.69 18.08 28.92
N ASN C 272 39.76 17.44 29.63
CA ASN C 272 39.44 17.80 31.00
C ASN C 272 39.70 16.66 31.99
N LYS C 273 40.70 15.83 31.67
CA LYS C 273 41.05 14.66 32.48
C LYS C 273 41.38 15.07 33.92
N GLU C 274 42.05 16.22 34.05
CA GLU C 274 42.43 16.79 35.34
C GLU C 274 41.21 17.32 36.10
N LEU C 275 40.28 17.94 35.37
CA LEU C 275 39.02 18.41 35.95
C LEU C 275 38.15 17.25 36.42
N ALA C 276 38.23 16.14 35.70
CA ALA C 276 37.41 14.96 35.98
C ALA C 276 37.94 14.20 37.18
N LYS C 277 39.25 13.94 37.19
CA LYS C 277 39.85 13.15 38.26
C LYS C 277 39.70 13.84 39.63
N GLU C 278 39.75 15.17 39.63
CA GLU C 278 39.48 15.95 40.83
C GLU C 278 38.03 15.75 41.27
N PHE C 279 37.09 15.94 40.34
CA PHE C 279 35.67 15.74 40.61
C PHE C 279 35.40 14.35 41.17
N LEU C 280 35.96 13.33 40.54
CA LEU C 280 35.73 11.95 40.96
C LEU C 280 36.33 11.66 42.32
N GLU C 281 37.63 11.96 42.47
CA GLU C 281 38.38 11.64 43.69
C GLU C 281 37.92 12.44 44.92
N ASN C 282 37.72 13.74 44.74
CA ASN C 282 37.48 14.64 45.86
C ASN C 282 36.04 15.10 46.06
N TYR C 283 35.17 14.80 45.10
CA TYR C 283 33.76 15.23 45.22
C TYR C 283 32.78 14.07 45.28
N LEU C 284 32.86 13.16 44.31
CA LEU C 284 31.99 12.00 44.28
C LEU C 284 32.37 10.95 45.33
N LEU C 285 33.63 10.49 45.27
CA LEU C 285 34.10 9.43 46.15
C LEU C 285 34.43 9.92 47.56
N THR C 286 33.49 10.67 48.13
CA THR C 286 33.50 11.04 49.53
C THR C 286 32.16 10.63 50.12
N ASP C 287 32.08 10.55 51.44
CA ASP C 287 30.85 10.17 52.13
C ASP C 287 29.66 11.03 51.73
N GLU C 288 29.88 12.34 51.68
CA GLU C 288 28.84 13.30 51.28
C GLU C 288 28.43 13.11 49.83
N GLY C 289 29.43 12.94 48.96
CA GLY C 289 29.22 12.75 47.53
C GLY C 289 28.41 11.52 47.21
N LEU C 290 28.89 10.37 47.68
CA LEU C 290 28.19 9.10 47.49
C LEU C 290 26.81 9.08 48.14
N GLU C 291 26.65 9.85 49.22
CA GLU C 291 25.36 9.97 49.90
C GLU C 291 24.33 10.67 49.01
N ALA C 292 24.75 11.71 48.30
CA ALA C 292 23.86 12.49 47.44
C ALA C 292 23.24 11.63 46.34
N VAL C 293 24.06 10.80 45.71
CA VAL C 293 23.59 9.87 44.67
C VAL C 293 22.78 8.71 45.28
N ASN C 294 23.23 8.19 46.42
CA ASN C 294 22.54 7.10 47.12
C ASN C 294 21.16 7.50 47.63
N LYS C 295 21.02 8.76 48.04
CA LYS C 295 19.76 9.30 48.54
C LYS C 295 18.75 9.51 47.39
N ASP C 296 19.28 9.63 46.18
CA ASP C 296 18.45 9.68 44.98
C ASP C 296 17.99 8.27 44.61
N LYS C 297 18.96 7.39 44.35
CA LYS C 297 18.69 5.97 44.10
C LYS C 297 19.78 5.13 44.79
N PRO C 298 19.36 4.12 45.56
CA PRO C 298 20.32 3.33 46.35
C PRO C 298 21.35 2.63 45.48
N LEU C 299 22.63 2.85 45.80
CA LEU C 299 23.74 2.25 45.07
C LEU C 299 23.97 0.83 45.52
N GLY C 300 23.52 0.50 46.73
CA GLY C 300 23.78 -0.79 47.33
C GLY C 300 25.13 -0.77 48.02
N ALA C 301 26.01 -1.68 47.64
CA ALA C 301 27.37 -1.74 48.18
C ALA C 301 28.28 -0.82 47.39
N VAL C 302 29.18 -0.14 48.09
CA VAL C 302 30.13 0.80 47.47
C VAL C 302 31.59 0.41 47.72
N ALA C 303 32.48 0.92 46.89
CA ALA C 303 33.91 0.62 46.99
C ALA C 303 34.60 1.46 48.07
N LEU C 304 34.06 2.65 48.34
CA LEU C 304 34.60 3.53 49.37
C LEU C 304 34.41 2.91 50.75
N LYS C 305 35.50 2.41 51.33
CA LYS C 305 35.49 1.76 52.64
C LYS C 305 34.65 2.53 53.67
N SER C 306 34.85 3.85 53.70
CA SER C 306 34.23 4.73 54.69
C SER C 306 32.71 4.64 54.68
N TYR C 307 32.12 4.92 53.52
CA TYR C 307 30.67 4.96 53.35
C TYR C 307 30.02 3.57 53.32
N GLU C 308 30.81 2.56 52.92
CA GLU C 308 30.35 1.17 52.90
C GLU C 308 30.00 0.69 54.31
N GLU C 309 30.89 0.98 55.26
CA GLU C 309 30.69 0.66 56.66
C GLU C 309 29.41 1.31 57.21
N GLU C 310 29.11 2.50 56.70
CA GLU C 310 27.89 3.23 57.05
C GLU C 310 26.64 2.57 56.48
N LEU C 311 26.73 2.14 55.22
CA LEU C 311 25.61 1.48 54.55
C LEU C 311 25.37 0.07 55.07
N ALA C 312 26.46 -0.63 55.42
CA ALA C 312 26.39 -2.00 55.92
C ALA C 312 25.68 -2.11 57.27
N LYS C 313 25.22 -0.97 57.79
CA LYS C 313 24.34 -0.92 58.96
C LYS C 313 23.04 -1.64 58.63
N ASP C 314 22.61 -1.51 57.38
CA ASP C 314 21.52 -2.30 56.82
C ASP C 314 22.10 -3.64 56.36
N PRO C 315 21.67 -4.75 56.98
CA PRO C 315 22.23 -6.09 56.77
C PRO C 315 22.24 -6.54 55.31
N ARG C 316 21.35 -5.96 54.50
CA ARG C 316 21.23 -6.31 53.09
C ARG C 316 22.47 -5.91 52.32
N ILE C 317 22.99 -4.72 52.63
CA ILE C 317 24.19 -4.18 51.99
C ILE C 317 25.45 -4.90 52.48
N ALA C 318 25.42 -5.34 53.73
CA ALA C 318 26.53 -6.11 54.29
C ALA C 318 26.64 -7.48 53.63
N ALA C 319 25.48 -8.09 53.36
CA ALA C 319 25.40 -9.40 52.73
C ALA C 319 25.93 -9.39 51.30
N THR C 320 25.50 -8.39 50.54
CA THR C 320 25.88 -8.26 49.12
C THR C 320 27.37 -7.92 48.96
N MET C 321 27.94 -7.25 49.96
CA MET C 321 29.36 -6.98 50.00
C MET C 321 30.13 -8.26 50.29
N GLU C 322 29.61 -9.04 51.24
CA GLU C 322 30.24 -10.28 51.67
C GLU C 322 30.28 -11.32 50.53
N ASN C 323 29.17 -11.43 49.81
CA ASN C 323 29.10 -12.34 48.66
C ASN C 323 30.00 -11.90 47.52
N ALA C 324 30.13 -10.58 47.36
CA ALA C 324 31.03 -10.01 46.37
C ALA C 324 32.49 -10.22 46.76
N GLN C 325 32.76 -10.10 48.06
CA GLN C 325 34.11 -10.33 48.60
C GLN C 325 34.56 -11.75 48.28
N LYS C 326 33.66 -12.72 48.49
CA LYS C 326 33.94 -14.13 48.21
C LYS C 326 33.71 -14.46 46.73
N GLY C 327 33.14 -13.49 46.01
CA GLY C 327 32.80 -13.66 44.59
C GLY C 327 33.97 -13.64 43.64
N GLU C 328 33.66 -13.64 42.35
CA GLU C 328 34.67 -13.64 41.29
C GLU C 328 34.48 -12.41 40.41
N ILE C 329 35.54 -11.62 40.27
CA ILE C 329 35.53 -10.44 39.40
C ILE C 329 35.24 -10.89 37.97
N MET C 330 34.19 -10.30 37.39
CA MET C 330 33.81 -10.57 36.00
C MET C 330 34.89 -10.05 35.06
N PRO C 331 35.56 -10.97 34.33
CA PRO C 331 36.63 -10.56 33.41
C PRO C 331 36.21 -9.46 32.44
N ASN C 332 37.10 -8.48 32.24
CA ASN C 332 36.84 -7.33 31.40
C ASN C 332 37.31 -7.54 29.95
N ILE C 333 37.82 -8.73 29.68
CA ILE C 333 38.32 -9.09 28.35
C ILE C 333 37.17 -9.43 27.39
N PRO C 334 37.36 -9.16 26.08
CA PRO C 334 36.32 -9.41 25.06
C PRO C 334 35.96 -10.88 24.88
N GLN C 335 36.78 -11.78 25.43
CA GLN C 335 36.57 -13.22 25.30
C GLN C 335 35.41 -13.74 26.15
N MET C 336 34.84 -12.85 26.98
CA MET C 336 33.66 -13.17 27.78
C MET C 336 32.43 -13.40 26.91
N SER C 337 32.45 -12.84 25.70
CA SER C 337 31.38 -13.03 24.72
C SER C 337 31.10 -14.51 24.48
N ALA C 338 32.17 -15.28 24.28
CA ALA C 338 32.07 -16.72 24.08
C ALA C 338 31.56 -17.43 25.33
N PHE C 339 32.07 -17.01 26.48
CA PHE C 339 31.70 -17.57 27.77
C PHE C 339 30.19 -17.53 27.98
N TRP C 340 29.60 -16.35 27.77
CA TRP C 340 28.18 -16.13 28.05
C TRP C 340 27.24 -17.05 27.27
N TYR C 341 27.52 -17.26 25.99
CA TYR C 341 26.69 -18.13 25.16
C TYR C 341 26.93 -19.62 25.45
N ALA C 342 28.20 -20.00 25.61
CA ALA C 342 28.58 -21.40 25.81
C ALA C 342 28.06 -21.97 27.11
N VAL C 343 28.19 -21.20 28.19
CA VAL C 343 27.76 -21.63 29.52
C VAL C 343 26.24 -21.58 29.62
N ARG C 344 25.62 -20.57 29.02
CA ARG C 344 24.17 -20.50 28.87
C ARG C 344 23.67 -21.81 28.32
N THR C 345 24.20 -22.18 27.14
CA THR C 345 23.82 -23.39 26.43
C THR C 345 24.18 -24.67 27.20
N ALA C 346 25.34 -24.66 27.85
CA ALA C 346 25.79 -25.79 28.68
C ALA C 346 24.80 -26.11 29.79
N VAL C 347 24.40 -25.06 30.53
CA VAL C 347 23.43 -25.19 31.62
C VAL C 347 22.04 -25.57 31.07
N ILE C 348 21.69 -24.97 29.93
CA ILE C 348 20.43 -25.30 29.25
C ILE C 348 20.36 -26.77 28.86
N ASN C 349 21.39 -27.25 28.18
CA ASN C 349 21.46 -28.65 27.73
C ASN C 349 21.44 -29.67 28.87
N ALA C 350 22.12 -29.33 29.97
CA ALA C 350 22.21 -30.21 31.13
C ALA C 350 20.91 -30.22 31.94
N ALA C 351 20.26 -29.06 32.02
CA ALA C 351 18.96 -28.96 32.71
C ALA C 351 17.84 -29.56 31.88
N SER C 352 17.95 -29.44 30.55
CA SER C 352 16.99 -30.05 29.62
C SER C 352 17.19 -31.55 29.52
N GLY C 353 18.41 -32.01 29.79
CA GLY C 353 18.76 -33.42 29.65
C GLY C 353 19.19 -33.77 28.25
N ARG C 354 19.43 -32.74 27.43
CA ARG C 354 19.91 -32.94 26.05
C ARG C 354 21.36 -33.39 26.03
N GLN C 355 22.15 -32.91 27.00
CA GLN C 355 23.52 -33.35 27.19
C GLN C 355 23.77 -33.73 28.65
N THR C 356 24.73 -34.63 28.86
CA THR C 356 25.20 -34.95 30.20
C THR C 356 26.14 -33.85 30.68
N VAL C 357 26.13 -33.62 31.99
CA VAL C 357 26.92 -32.55 32.64
C VAL C 357 28.38 -32.47 32.12
N ASP C 358 29.00 -33.62 31.93
CA ASP C 358 30.39 -33.71 31.49
C ASP C 358 30.63 -33.19 30.08
N GLU C 359 29.88 -33.71 29.11
CA GLU C 359 30.05 -33.31 27.71
C GLU C 359 29.48 -31.91 27.43
N ALA C 360 28.52 -31.48 28.26
CA ALA C 360 27.90 -30.16 28.12
C ALA C 360 28.88 -29.03 28.43
N LEU C 361 29.77 -29.27 29.39
CA LEU C 361 30.77 -28.29 29.81
C LEU C 361 32.05 -28.41 28.99
N LYS C 362 32.36 -29.63 28.55
CA LYS C 362 33.54 -29.91 27.72
C LYS C 362 33.43 -29.21 26.37
N ASP C 363 32.24 -29.31 25.76
CA ASP C 363 31.95 -28.61 24.51
C ASP C 363 31.98 -27.10 24.73
N ALA C 364 31.41 -26.66 25.85
CA ALA C 364 31.36 -25.24 26.21
C ALA C 364 32.74 -24.60 26.30
N GLN C 365 33.73 -25.36 26.80
CA GLN C 365 35.11 -24.88 26.83
C GLN C 365 35.71 -24.86 25.43
N THR C 366 35.42 -25.89 24.63
CA THR C 366 35.88 -25.96 23.25
C THR C 366 35.26 -24.85 22.40
N ARG C 367 34.06 -24.40 22.79
CA ARG C 367 33.42 -23.25 22.17
C ARG C 367 34.25 -21.99 22.42
N ILE C 368 34.72 -21.83 23.65
CA ILE C 368 35.47 -20.65 24.08
C ILE C 368 36.87 -20.61 23.45
N THR C 369 37.61 -21.72 23.56
CA THR C 369 38.94 -21.82 22.94
C THR C 369 38.84 -22.08 21.43
N LYS C 370 39.74 -21.45 20.68
CA LYS C 370 39.80 -21.56 19.21
C LYS C 370 38.51 -21.15 18.48
N ASP D 13 3.48 34.74 -10.34
CA ASP D 13 4.26 33.68 -11.04
C ASP D 13 4.40 33.99 -12.53
N ALA D 14 5.63 33.87 -13.04
CA ALA D 14 5.92 34.10 -14.46
C ALA D 14 7.07 33.22 -14.95
N LEU D 15 8.26 33.41 -14.37
CA LEU D 15 9.45 32.67 -14.77
C LEU D 15 10.19 32.06 -13.58
N LYS D 16 10.49 30.77 -13.69
CA LYS D 16 11.18 30.03 -12.63
C LYS D 16 12.69 30.29 -12.62
N TRP D 17 13.17 31.04 -13.62
CA TRP D 17 14.60 31.37 -13.73
C TRP D 17 15.07 32.33 -12.64
N SER D 18 14.12 32.97 -11.96
CA SER D 18 14.41 33.77 -10.77
C SER D 18 14.65 32.86 -9.57
N VAL D 19 13.88 31.76 -9.52
CA VAL D 19 13.98 30.78 -8.44
C VAL D 19 15.22 29.90 -8.62
N LEU D 20 15.44 29.41 -9.83
CA LEU D 20 16.57 28.55 -10.16
C LEU D 20 17.91 29.30 -10.11
N GLY D 21 17.87 30.61 -10.33
CA GLY D 21 19.04 31.47 -10.16
C GLY D 21 19.42 31.60 -8.69
N LEU D 22 18.41 31.87 -7.86
CA LEU D 22 18.59 31.97 -6.40
C LEU D 22 18.97 30.64 -5.76
N LEU D 23 18.51 29.53 -6.34
CA LEU D 23 18.90 28.20 -5.90
C LEU D 23 20.24 27.79 -6.49
N GLY D 24 20.60 28.41 -7.61
CA GLY D 24 21.92 28.26 -8.20
C GLY D 24 22.97 29.03 -7.41
N LEU D 25 22.50 29.97 -6.60
CA LEU D 25 23.35 30.77 -5.73
C LEU D 25 23.81 29.96 -4.51
N LEU D 26 22.83 29.44 -3.76
CA LEU D 26 23.11 28.65 -2.55
C LEU D 26 23.98 27.43 -2.85
N VAL D 27 23.66 26.74 -3.95
CA VAL D 27 24.51 25.67 -4.46
C VAL D 27 25.76 26.32 -5.07
N GLY D 28 26.81 26.40 -4.25
CA GLY D 28 28.00 27.16 -4.56
C GLY D 28 28.46 27.89 -3.32
N TYR D 29 27.56 28.69 -2.75
CA TYR D 29 27.76 29.29 -1.43
C TYR D 29 27.91 28.22 -0.35
N LEU D 30 27.25 27.09 -0.57
CA LEU D 30 27.35 25.93 0.31
C LEU D 30 28.37 24.91 -0.21
N VAL D 31 28.40 24.74 -1.53
CA VAL D 31 29.26 23.74 -2.17
C VAL D 31 30.75 24.05 -2.02
N VAL D 32 31.16 25.25 -2.40
CA VAL D 32 32.56 25.68 -2.28
C VAL D 32 32.94 25.81 -0.80
N LEU D 33 31.95 26.13 0.04
CA LEU D 33 32.12 26.18 1.48
C LEU D 33 32.40 24.79 2.06
N MET D 34 31.77 23.78 1.47
CA MET D 34 31.99 22.37 1.86
C MET D 34 33.32 21.84 1.33
N TYR D 35 33.77 22.40 0.20
CA TYR D 35 35.05 22.05 -0.40
C TYR D 35 36.20 22.46 0.52
N ALA D 36 36.07 23.63 1.14
CA ALA D 36 37.00 24.09 2.17
C ALA D 36 36.78 23.30 3.47
N GLN D 37 37.62 23.56 4.46
CA GLN D 37 37.60 22.87 5.77
C GLN D 37 37.49 21.33 5.70
N GLY D 38 37.91 20.76 4.57
CA GLY D 38 38.10 19.32 4.41
C GLY D 38 36.89 18.43 4.61
N GLU D 39 35.85 18.66 3.81
CA GLU D 39 34.67 17.80 3.78
C GLU D 39 34.30 17.49 2.33
N TYR D 40 35.17 16.72 1.68
CA TYR D 40 35.11 16.51 0.23
C TYR D 40 34.00 15.57 -0.23
N LEU D 41 33.78 14.48 0.52
CA LEU D 41 32.69 13.56 0.21
C LEU D 41 31.36 14.31 0.24
N PHE D 42 31.19 15.16 1.24
CA PHE D 42 29.98 15.95 1.40
C PHE D 42 29.91 17.13 0.42
N ALA D 43 31.06 17.48 -0.16
CA ALA D 43 31.12 18.53 -1.19
C ALA D 43 30.78 17.96 -2.56
N ILE D 44 31.23 16.75 -2.83
CA ILE D 44 30.98 16.07 -4.11
C ILE D 44 29.51 15.63 -4.21
N THR D 45 29.00 14.99 -3.15
CA THR D 45 27.63 14.48 -3.14
C THR D 45 26.60 15.60 -3.31
N THR D 46 26.83 16.73 -2.65
CA THR D 46 25.90 17.86 -2.69
C THR D 46 25.90 18.56 -4.06
N LEU D 47 26.97 18.34 -4.83
CA LEU D 47 27.08 18.92 -6.17
C LEU D 47 26.25 18.11 -7.17
N ILE D 48 26.52 16.81 -7.25
CA ILE D 48 25.83 15.93 -8.21
C ILE D 48 24.31 15.87 -8.02
N LEU D 49 23.88 15.84 -6.75
CA LEU D 49 22.46 15.81 -6.41
C LEU D 49 21.75 17.12 -6.78
N SER D 50 22.44 18.23 -6.59
CA SER D 50 21.92 19.55 -6.99
C SER D 50 22.02 19.74 -8.51
N SER D 51 23.02 19.11 -9.12
CA SER D 51 23.21 19.15 -10.58
C SER D 51 22.07 18.43 -11.28
N ALA D 52 21.84 17.17 -10.89
CA ALA D 52 20.74 16.38 -11.41
C ALA D 52 19.40 16.99 -11.03
N GLY D 53 19.36 17.65 -9.88
CA GLY D 53 18.17 18.34 -9.40
C GLY D 53 17.77 19.54 -10.25
N LEU D 54 18.71 20.45 -10.47
CA LEU D 54 18.45 21.67 -11.24
C LEU D 54 18.29 21.41 -12.74
N TYR D 55 18.94 20.36 -13.24
CA TYR D 55 18.89 20.00 -14.65
C TYR D 55 17.49 19.58 -15.10
N ILE D 56 16.79 18.83 -14.24
CA ILE D 56 15.48 18.27 -14.59
C ILE D 56 14.34 19.30 -14.57
N PHE D 57 14.50 20.35 -13.77
CA PHE D 57 13.51 21.42 -13.69
C PHE D 57 13.72 22.53 -14.72
N ALA D 58 14.84 22.47 -15.44
CA ALA D 58 15.26 23.53 -16.35
C ALA D 58 15.09 23.18 -17.84
N ASN D 59 15.94 23.78 -18.67
CA ASN D 59 15.92 23.68 -20.14
C ASN D 59 15.48 22.32 -20.71
N ARG D 60 16.18 21.26 -20.32
CA ARG D 60 15.86 19.91 -20.78
C ARG D 60 14.66 19.41 -20.00
N LYS D 61 13.52 19.29 -20.69
CA LYS D 61 12.28 18.87 -20.07
C LYS D 61 12.31 17.38 -19.74
N ALA D 62 12.82 17.09 -18.54
CA ALA D 62 12.80 15.75 -17.97
C ALA D 62 11.65 15.68 -16.98
N TYR D 63 10.43 15.88 -17.50
CA TYR D 63 9.23 16.00 -16.69
C TYR D 63 8.97 14.77 -15.82
N ALA D 64 9.26 13.59 -16.38
CA ALA D 64 9.09 12.33 -15.65
C ALA D 64 10.03 12.24 -14.45
N TRP D 65 11.22 12.85 -14.57
CA TRP D 65 12.22 12.80 -13.51
C TRP D 65 11.91 13.74 -12.35
N ARG D 66 11.04 14.72 -12.60
CA ARG D 66 10.60 15.66 -11.57
C ARG D 66 9.79 14.97 -10.47
N TYR D 67 9.26 13.80 -10.80
CA TYR D 67 8.45 13.01 -9.87
C TYR D 67 9.30 11.95 -9.16
N VAL D 68 10.27 11.39 -9.89
CA VAL D 68 11.12 10.32 -9.37
C VAL D 68 12.23 10.86 -8.47
N TYR D 69 12.88 11.93 -8.92
CA TYR D 69 14.08 12.48 -8.28
C TYR D 69 13.95 12.83 -6.78
N PRO D 70 12.92 13.62 -6.40
CA PRO D 70 12.80 13.94 -4.97
C PRO D 70 12.61 12.70 -4.08
N GLY D 71 12.09 11.63 -4.68
CA GLY D 71 11.99 10.34 -4.00
C GLY D 71 13.32 9.62 -3.92
N MET D 72 14.03 9.59 -5.06
CA MET D 72 15.33 8.91 -5.17
C MET D 72 16.44 9.66 -4.42
N ALA D 73 16.23 10.94 -4.15
CA ALA D 73 17.16 11.72 -3.36
C ALA D 73 17.22 11.19 -1.94
N GLY D 74 16.06 11.14 -1.28
CA GLY D 74 15.95 10.61 0.08
C GLY D 74 16.35 9.15 0.16
N MET D 75 15.93 8.36 -0.83
CA MET D 75 16.28 6.95 -0.86
C MET D 75 17.78 6.74 -1.11
N GLY D 76 18.36 7.60 -1.93
CA GLY D 76 19.79 7.58 -2.17
C GLY D 76 20.57 8.00 -0.94
N LEU D 77 20.05 9.05 -0.29
CA LEU D 77 20.70 9.67 0.86
C LEU D 77 20.65 8.79 2.10
N PHE D 78 19.51 8.14 2.33
CA PHE D 78 19.26 7.44 3.60
C PHE D 78 19.20 5.91 3.50
N VAL D 79 19.24 5.37 2.29
CA VAL D 79 19.22 3.92 2.09
C VAL D 79 20.40 3.45 1.24
N LEU D 80 20.59 4.09 0.09
CA LEU D 80 21.68 3.74 -0.82
C LEU D 80 23.05 4.06 -0.22
N PHE D 81 23.16 5.21 0.43
CA PHE D 81 24.41 5.63 1.09
C PHE D 81 24.85 4.67 2.21
N PRO D 82 23.95 4.35 3.17
CA PRO D 82 24.28 3.33 4.17
C PRO D 82 24.76 1.99 3.61
N LEU D 83 24.42 1.67 2.36
CA LEU D 83 24.89 0.43 1.73
C LEU D 83 26.32 0.57 1.21
N VAL D 84 26.54 1.58 0.38
CA VAL D 84 27.87 1.87 -0.17
C VAL D 84 28.88 2.00 0.97
N CYS D 85 28.41 2.54 2.10
CA CYS D 85 29.25 2.68 3.29
C CYS D 85 29.54 1.34 3.95
N THR D 86 28.52 0.48 4.06
CA THR D 86 28.67 -0.81 4.71
C THR D 86 29.41 -1.85 3.86
N ILE D 87 29.40 -1.68 2.54
CA ILE D 87 30.22 -2.53 1.67
C ILE D 87 31.67 -2.05 1.70
N ALA D 88 31.85 -0.74 1.84
CA ALA D 88 33.18 -0.14 1.91
C ALA D 88 33.93 -0.63 3.13
N ILE D 89 33.23 -0.63 4.27
CA ILE D 89 33.79 -1.10 5.54
C ILE D 89 34.06 -2.62 5.51
N ALA D 90 33.38 -3.34 4.63
CA ALA D 90 33.58 -4.77 4.47
C ALA D 90 34.96 -5.12 3.89
N PHE D 91 35.59 -4.13 3.25
CA PHE D 91 36.94 -4.29 2.72
C PHE D 91 38.02 -3.80 3.70
N THR D 92 37.63 -3.59 4.96
CA THR D 92 38.57 -3.19 6.01
C THR D 92 38.31 -3.91 7.35
N ASN D 93 39.29 -3.82 8.25
CA ASN D 93 39.25 -4.53 9.53
C ASN D 93 38.67 -3.72 10.70
N TYR D 94 37.80 -2.75 10.37
CA TYR D 94 37.13 -1.91 11.35
C TYR D 94 36.37 -2.76 12.37
N SER D 95 36.86 -2.75 13.61
CA SER D 95 36.27 -3.55 14.70
C SER D 95 36.67 -2.98 16.07
N SER D 96 36.21 -3.63 17.15
CA SER D 96 36.57 -3.25 18.52
C SER D 96 38.05 -2.93 18.63
N THR D 97 38.89 -3.88 18.26
CA THR D 97 40.30 -3.64 18.04
C THR D 97 40.42 -3.11 16.62
N ASN D 98 41.18 -2.03 16.44
CA ASN D 98 41.22 -1.30 15.17
C ASN D 98 39.95 -0.48 14.97
N GLN D 99 39.52 0.17 16.04
CA GLN D 99 38.34 1.04 16.03
C GLN D 99 38.69 2.43 15.52
N LEU D 100 39.81 2.97 16.02
CA LEU D 100 40.26 4.32 15.69
C LEU D 100 40.87 4.39 14.31
N THR D 101 40.95 5.62 13.78
CA THR D 101 41.72 5.88 12.56
C THR D 101 43.20 5.99 12.96
N PHE D 102 44.09 5.96 11.98
CA PHE D 102 45.53 6.04 12.25
C PHE D 102 45.92 7.33 12.99
N GLU D 103 45.35 8.45 12.57
CA GLU D 103 45.62 9.75 13.20
C GLU D 103 45.12 9.77 14.64
N ARG D 104 43.95 9.15 14.85
CA ARG D 104 43.35 9.03 16.18
C ARG D 104 44.17 8.10 17.08
N ALA D 105 44.63 6.97 16.52
CA ALA D 105 45.44 6.01 17.25
C ALA D 105 46.78 6.61 17.64
N GLN D 106 47.39 7.35 16.71
CA GLN D 106 48.64 8.06 16.94
C GLN D 106 48.45 9.14 18.00
N GLU D 107 47.34 9.86 17.91
CA GLU D 107 46.97 10.92 18.83
C GLU D 107 46.79 10.40 20.26
N VAL D 108 46.17 9.24 20.37
CA VAL D 108 45.97 8.57 21.66
C VAL D 108 47.31 8.12 22.25
N LEU D 109 48.18 7.58 21.40
CA LEU D 109 49.50 7.10 21.82
C LEU D 109 50.45 8.22 22.25
N LEU D 110 50.42 9.34 21.53
CA LEU D 110 51.23 10.52 21.88
C LEU D 110 50.68 11.26 23.09
N ASP D 111 49.51 10.83 23.57
CA ASP D 111 48.90 11.39 24.77
C ASP D 111 49.25 10.56 26.01
N ARG D 112 49.65 9.30 25.78
CA ARG D 112 49.98 8.38 26.88
C ARG D 112 51.04 8.96 27.81
N SER D 113 50.65 9.15 29.06
CA SER D 113 51.52 9.72 30.08
C SER D 113 52.33 8.65 30.82
N TRP D 114 53.48 9.05 31.35
CA TRP D 114 54.38 8.14 32.07
C TRP D 114 55.04 8.85 33.24
N GLN D 115 54.82 8.32 34.44
CA GLN D 115 55.30 8.95 35.68
C GLN D 115 56.68 8.42 36.08
N ALA D 116 57.67 9.31 36.03
CA ALA D 116 59.06 8.97 36.35
C ALA D 116 59.56 9.60 37.64
N GLY D 117 58.99 10.75 38.00
CA GLY D 117 59.42 11.51 39.18
C GLY D 117 58.66 11.18 40.44
N LYS D 118 58.22 12.22 41.15
CA LYS D 118 57.49 12.08 42.41
C LYS D 118 56.33 13.08 42.43
N THR D 119 55.23 12.69 43.08
CA THR D 119 54.12 13.62 43.29
C THR D 119 54.45 14.56 44.45
N TYR D 120 53.98 15.81 44.38
CA TYR D 120 54.44 16.83 45.31
C TYR D 120 53.37 17.63 46.07
N ASN D 121 52.11 17.52 45.66
CA ASN D 121 51.02 18.28 46.29
C ASN D 121 51.31 19.79 46.31
N PHE D 122 50.95 20.49 45.24
CA PHE D 122 51.25 21.91 45.15
C PHE D 122 50.23 22.80 45.84
N GLY D 123 50.65 24.02 46.14
CA GLY D 123 49.76 25.06 46.64
C GLY D 123 50.01 26.34 45.87
N LEU D 124 48.98 27.18 45.77
CA LEU D 124 49.13 28.46 45.11
C LEU D 124 48.97 29.58 46.15
N TYR D 125 49.94 30.48 46.20
CA TYR D 125 49.97 31.53 47.21
C TYR D 125 50.15 32.92 46.59
N PRO D 126 49.19 33.84 46.82
CA PRO D 126 49.31 35.20 46.32
C PRO D 126 50.38 36.00 47.04
N ALA D 127 51.20 36.70 46.26
CA ALA D 127 52.22 37.60 46.79
C ALA D 127 52.04 38.97 46.15
N GLY D 128 51.16 39.78 46.76
CA GLY D 128 50.76 41.06 46.19
C GLY D 128 49.91 40.84 44.95
N ASP D 129 50.39 41.36 43.82
CA ASP D 129 49.73 41.17 42.53
C ASP D 129 50.26 39.91 41.81
N GLU D 130 51.28 39.28 42.39
CA GLU D 130 51.91 38.10 41.79
C GLU D 130 51.60 36.83 42.58
N TRP D 131 52.07 35.69 42.08
CA TRP D 131 51.79 34.39 42.70
C TRP D 131 53.07 33.68 43.13
N GLN D 132 52.90 32.62 43.92
CA GLN D 132 54.04 31.85 44.44
C GLN D 132 53.67 30.38 44.56
N LEU D 133 54.46 29.53 43.93
CA LEU D 133 54.22 28.08 43.91
C LEU D 133 54.94 27.41 45.07
N ALA D 134 54.31 26.39 45.65
CA ALA D 134 54.89 25.63 46.74
C ALA D 134 54.74 24.13 46.51
N LEU D 135 55.77 23.37 46.86
CA LEU D 135 55.79 21.91 46.67
C LEU D 135 56.26 21.16 47.91
N SER D 136 55.52 20.13 48.30
CA SER D 136 55.83 19.35 49.50
C SER D 136 56.09 17.88 49.21
N ASP D 137 57.32 17.45 49.44
CA ASP D 137 57.72 16.06 49.21
C ASP D 137 57.06 15.14 50.25
N GLY D 138 56.33 14.14 49.76
CA GLY D 138 55.69 13.15 50.63
C GLY D 138 56.71 12.45 51.52
N GLU D 139 57.79 11.99 50.91
CA GLU D 139 58.93 11.47 51.64
C GLU D 139 59.87 12.60 52.06
N THR D 140 60.93 12.24 52.80
CA THR D 140 61.94 13.20 53.26
C THR D 140 61.40 14.35 54.11
N GLY D 141 60.16 14.75 53.84
CA GLY D 141 59.50 15.83 54.56
C GLY D 141 59.99 17.22 54.18
N LYS D 142 60.49 17.34 52.95
CA LYS D 142 61.04 18.61 52.46
C LYS D 142 59.93 19.46 51.85
N ASN D 143 60.06 20.78 52.03
CA ASN D 143 59.14 21.75 51.45
C ASN D 143 59.87 22.75 50.57
N TYR D 144 59.24 23.16 49.48
CA TYR D 144 59.89 24.03 48.50
C TYR D 144 59.02 25.20 48.09
N LEU D 145 59.65 26.37 47.95
CA LEU D 145 58.98 27.57 47.45
C LEU D 145 59.70 28.16 46.25
N SER D 146 58.93 28.74 45.34
CA SER D 146 59.48 29.46 44.19
C SER D 146 59.43 30.95 44.47
N ASP D 147 60.10 31.73 43.62
CA ASP D 147 60.02 33.19 43.69
C ASP D 147 58.65 33.66 43.18
N ALA D 148 58.36 34.94 43.37
CA ALA D 148 57.12 35.53 42.87
C ALA D 148 57.11 35.50 41.34
N PHE D 149 55.98 35.08 40.77
CA PHE D 149 55.84 34.94 39.33
C PHE D 149 54.45 35.35 38.86
N LYS D 150 54.35 35.78 37.61
CA LYS D 150 53.07 36.11 36.98
C LYS D 150 52.66 34.99 36.02
N PHE D 151 51.36 34.89 35.74
CA PHE D 151 50.83 33.88 34.84
C PHE D 151 50.96 34.27 33.36
N GLY D 152 50.79 33.27 32.48
CA GLY D 152 50.81 33.50 31.04
C GLY D 152 52.01 32.89 30.34
N GLY D 153 51.75 31.90 29.49
CA GLY D 153 52.78 31.30 28.65
C GLY D 153 53.73 30.36 29.37
N GLU D 154 54.63 29.76 28.61
CA GLU D 154 55.62 28.82 29.13
C GLU D 154 56.71 29.53 29.93
N GLN D 155 57.03 28.97 31.09
CA GLN D 155 58.08 29.50 31.97
C GLN D 155 58.59 28.45 32.94
N LYS D 156 59.88 28.50 33.23
CA LYS D 156 60.50 27.64 34.23
C LYS D 156 60.76 28.48 35.47
N LEU D 157 60.43 27.95 36.65
CA LEU D 157 60.77 28.65 37.88
C LEU D 157 61.56 27.78 38.85
N GLN D 158 62.61 28.38 39.40
CA GLN D 158 63.50 27.70 40.34
C GLN D 158 62.85 27.65 41.73
N LEU D 159 62.83 26.45 42.30
CA LEU D 159 62.31 26.25 43.65
C LEU D 159 63.47 26.18 44.64
N LYS D 160 63.23 26.69 45.84
CA LYS D 160 64.24 26.66 46.90
C LYS D 160 63.68 25.89 48.09
N GLU D 161 64.55 25.15 48.78
CA GLU D 161 64.14 24.38 49.95
C GLU D 161 63.86 25.31 51.12
N THR D 162 62.61 25.75 51.22
CA THR D 162 62.17 26.61 52.31
C THR D 162 61.93 25.80 53.58
N THR D 163 61.87 26.51 54.71
CA THR D 163 61.63 25.91 56.00
C THR D 163 60.45 26.60 56.70
N ALA D 164 60.08 27.76 56.18
CA ALA D 164 59.00 28.58 56.75
C ALA D 164 57.79 28.63 55.81
N GLN D 165 56.71 29.23 56.31
CA GLN D 165 55.47 29.35 55.55
C GLN D 165 55.46 30.60 54.67
N PRO D 166 54.79 30.52 53.50
CA PRO D 166 54.65 31.69 52.65
C PRO D 166 53.58 32.67 53.17
N GLU D 167 53.81 33.96 52.95
CA GLU D 167 52.84 34.98 53.31
C GLU D 167 51.70 34.98 52.31
N GLY D 168 50.47 35.09 52.81
CA GLY D 168 49.28 35.04 51.97
C GLY D 168 48.65 33.66 51.98
N GLU D 169 47.33 33.65 52.16
CA GLU D 169 46.57 32.41 52.29
C GLU D 169 46.57 31.59 51.00
N ARG D 170 46.58 30.27 51.17
CA ARG D 170 46.48 29.32 50.05
C ARG D 170 45.24 29.60 49.22
N ALA D 171 45.38 29.49 47.90
CA ALA D 171 44.29 29.79 46.97
C ALA D 171 43.27 28.66 46.90
N ASN D 172 42.02 29.05 46.66
CA ASN D 172 40.90 28.12 46.47
C ASN D 172 41.07 27.22 45.26
N LEU D 173 40.22 26.20 45.18
CA LEU D 173 40.16 25.33 44.00
C LEU D 173 39.73 26.13 42.78
N ARG D 174 38.79 27.06 42.99
CA ARG D 174 38.31 27.95 41.93
C ARG D 174 39.46 28.70 41.26
N VAL D 175 40.33 29.30 42.08
CA VAL D 175 41.44 30.10 41.59
C VAL D 175 42.44 29.28 40.80
N ILE D 176 42.79 28.09 41.32
CA ILE D 176 43.75 27.22 40.64
C ILE D 176 43.17 26.61 39.36
N THR D 177 41.83 26.50 39.32
CA THR D 177 41.12 26.00 38.14
C THR D 177 41.03 27.06 37.05
N GLN D 178 40.68 28.28 37.45
CA GLN D 178 40.61 29.41 36.53
C GLN D 178 41.96 29.70 35.88
N ASN D 179 43.03 29.35 36.58
CA ASN D 179 44.38 29.55 36.10
C ASN D 179 45.07 28.26 35.65
N ARG D 180 44.28 27.22 35.40
CA ARG D 180 44.81 25.90 35.02
C ARG D 180 45.59 25.91 33.70
N GLN D 181 45.19 26.80 32.79
CA GLN D 181 45.84 26.93 31.49
C GLN D 181 47.28 27.40 31.65
N ALA D 182 47.46 28.52 32.35
CA ALA D 182 48.77 29.07 32.62
C ALA D 182 49.58 28.20 33.56
N LEU D 183 48.89 27.59 34.53
CA LEU D 183 49.51 26.74 35.54
C LEU D 183 50.08 25.44 34.95
N SER D 184 49.52 25.00 33.82
CA SER D 184 50.01 23.81 33.13
C SER D 184 51.26 24.11 32.31
N ASP D 185 51.43 25.38 31.95
CA ASP D 185 52.57 25.81 31.13
C ASP D 185 53.84 26.06 31.95
N ILE D 186 53.69 26.20 33.26
CA ILE D 186 54.85 26.37 34.15
C ILE D 186 55.50 25.02 34.48
N THR D 187 56.81 24.97 34.27
CA THR D 187 57.61 23.78 34.54
C THR D 187 58.56 24.04 35.70
N ALA D 188 58.13 23.62 36.89
CA ALA D 188 58.88 23.85 38.13
C ALA D 188 60.11 22.96 38.23
N ILE D 189 61.20 23.54 38.75
CA ILE D 189 62.46 22.81 38.89
C ILE D 189 63.00 22.89 40.31
N LEU D 190 63.32 21.72 40.88
CA LEU D 190 63.77 21.58 42.26
C LEU D 190 65.23 22.02 42.45
N PRO D 191 65.63 22.30 43.71
CA PRO D 191 67.02 22.62 44.06
C PRO D 191 68.03 21.54 43.68
N ASP D 192 67.60 20.28 43.63
CA ASP D 192 68.48 19.19 43.21
C ASP D 192 68.74 19.20 41.71
N GLY D 193 67.70 19.35 40.90
CA GLY D 193 67.87 19.48 39.45
C GLY D 193 66.76 18.98 38.54
N ASN D 194 65.92 18.08 39.04
CA ASN D 194 64.89 17.45 38.19
C ASN D 194 63.66 18.32 37.91
N LYS D 195 63.20 18.29 36.65
CA LYS D 195 62.02 19.00 36.21
C LYS D 195 60.74 18.36 36.75
N VAL D 196 59.76 19.21 37.08
CA VAL D 196 58.46 18.75 37.57
C VAL D 196 57.34 19.60 36.97
N MET D 197 56.41 18.94 36.29
CA MET D 197 55.28 19.59 35.63
C MET D 197 54.01 19.34 36.44
N MET D 198 52.95 20.08 36.13
CA MET D 198 51.65 19.89 36.77
C MET D 198 50.95 18.66 36.17
N SER D 199 50.52 17.75 37.04
CA SER D 199 49.86 16.51 36.60
C SER D 199 48.38 16.47 36.96
N SER D 200 48.03 17.13 38.07
CA SER D 200 46.65 17.20 38.53
C SER D 200 46.38 18.59 39.12
N LEU D 201 45.11 18.82 39.50
CA LEU D 201 44.72 20.07 40.14
C LEU D 201 45.29 20.20 41.55
N ARG D 202 45.86 19.10 42.05
CA ARG D 202 46.39 19.07 43.40
C ARG D 202 47.89 18.78 43.47
N GLN D 203 48.44 18.19 42.40
CA GLN D 203 49.83 17.72 42.40
C GLN D 203 50.67 18.18 41.22
N PHE D 204 51.97 18.37 41.49
CA PHE D 204 53.00 18.55 40.48
C PHE D 204 53.87 17.31 40.50
N SER D 205 54.21 16.77 39.33
CA SER D 205 55.03 15.56 39.26
C SER D 205 55.91 15.50 38.02
N GLY D 206 56.80 14.50 38.00
CA GLY D 206 57.69 14.28 36.86
C GLY D 206 57.08 13.38 35.81
N THR D 207 55.80 13.63 35.50
CA THR D 207 55.09 12.89 34.47
C THR D 207 55.53 13.39 33.10
N GLN D 208 55.90 12.45 32.23
CA GLN D 208 56.43 12.76 30.90
C GLN D 208 55.76 11.92 29.81
N PRO D 209 55.81 12.39 28.55
CA PRO D 209 55.31 11.60 27.41
C PRO D 209 55.97 10.23 27.30
N LEU D 210 55.16 9.19 27.11
CA LEU D 210 55.65 7.81 26.98
C LEU D 210 56.25 7.58 25.60
N TYR D 211 55.78 8.33 24.61
CA TYR D 211 56.26 8.22 23.23
C TYR D 211 56.59 9.59 22.61
N THR D 212 57.50 9.58 21.64
CA THR D 212 57.78 10.75 20.81
C THR D 212 57.91 10.31 19.34
N LEU D 213 57.13 10.93 18.46
CA LEU D 213 57.11 10.53 17.05
C LEU D 213 58.12 11.31 16.20
N ASP D 214 58.97 10.55 15.52
CA ASP D 214 60.00 11.08 14.63
C ASP D 214 59.36 11.65 13.36
N GLY D 215 60.04 12.59 12.71
CA GLY D 215 59.60 13.16 11.44
C GLY D 215 59.46 12.11 10.33
N ASP D 216 60.21 11.02 10.48
CA ASP D 216 60.11 9.85 9.61
C ASP D 216 58.74 9.18 9.76
N GLY D 217 58.22 9.17 10.99
CA GLY D 217 56.94 8.56 11.29
C GLY D 217 57.05 7.48 12.35
N THR D 218 58.30 7.16 12.73
CA THR D 218 58.59 6.10 13.70
C THR D 218 58.46 6.56 15.16
N LEU D 219 57.51 5.95 15.88
CA LEU D 219 57.34 6.17 17.31
C LEU D 219 58.46 5.50 18.10
N THR D 220 58.83 6.12 19.22
CA THR D 220 59.86 5.54 20.10
C THR D 220 59.51 5.74 21.57
N ASN D 221 59.63 4.66 22.35
CA ASN D 221 59.32 4.66 23.78
C ASN D 221 60.39 5.40 24.59
N ASN D 222 59.95 6.30 25.45
CA ASN D 222 60.86 7.11 26.27
C ASN D 222 61.30 6.44 27.57
N GLN D 223 60.76 5.26 27.85
CA GLN D 223 61.11 4.51 29.06
C GLN D 223 61.94 3.27 28.77
N SER D 224 61.53 2.51 27.75
CA SER D 224 62.20 1.25 27.41
C SER D 224 63.19 1.38 26.26
N GLY D 225 63.02 2.41 25.44
CA GLY D 225 63.89 2.64 24.28
C GLY D 225 63.49 1.83 23.06
N VAL D 226 62.37 1.12 23.17
CA VAL D 226 61.84 0.29 22.09
C VAL D 226 61.20 1.18 21.01
N LYS D 227 61.60 0.95 19.76
CA LYS D 227 61.08 1.73 18.63
C LYS D 227 59.89 1.05 17.95
N TYR D 228 58.99 1.87 17.41
CA TYR D 228 57.76 1.38 16.80
C TYR D 228 57.48 2.03 15.44
N ARG D 229 56.97 1.23 14.51
CA ARG D 229 56.53 1.72 13.21
C ARG D 229 55.11 1.21 12.90
N PRO D 230 54.34 1.96 12.10
CA PRO D 230 53.01 1.47 11.71
C PRO D 230 53.10 0.24 10.81
N ASN D 231 52.23 -0.73 11.07
CA ASN D 231 52.11 -1.91 10.21
C ASN D 231 50.72 -1.96 9.59
N ASN D 232 50.60 -1.37 8.41
CA ASN D 232 49.31 -1.20 7.74
C ASN D 232 48.72 -2.47 7.12
N GLN D 233 49.43 -3.58 7.28
CA GLN D 233 48.91 -4.89 6.87
C GLN D 233 48.02 -5.48 7.95
N ILE D 234 48.20 -5.01 9.18
CA ILE D 234 47.46 -5.51 10.33
C ILE D 234 46.70 -4.40 11.06
N GLY D 235 47.20 -3.16 10.94
CA GLY D 235 46.56 -2.00 11.55
C GLY D 235 47.04 -1.70 12.95
N PHE D 236 48.32 -1.95 13.21
CA PHE D 236 48.89 -1.75 14.54
C PHE D 236 50.25 -1.06 14.46
N TYR D 237 50.64 -0.40 15.55
CA TYR D 237 52.00 0.08 15.69
C TYR D 237 52.89 -1.07 16.12
N GLN D 238 53.58 -1.65 15.16
CA GLN D 238 54.45 -2.79 15.38
C GLN D 238 55.82 -2.34 15.90
N SER D 239 56.43 -3.16 16.74
CA SER D 239 57.80 -2.95 17.19
C SER D 239 58.78 -3.17 16.04
N ILE D 240 59.92 -2.49 16.09
CA ILE D 240 61.00 -2.73 15.13
C ILE D 240 62.34 -2.96 15.82
N THR D 241 63.13 -3.86 15.22
CA THR D 241 64.49 -4.11 15.66
C THR D 241 65.40 -4.33 14.44
N ALA D 242 66.56 -3.69 14.46
CA ALA D 242 67.49 -3.70 13.32
C ALA D 242 68.17 -5.07 13.16
N ASN D 245 63.50 -6.66 10.45
CA ASN D 245 62.54 -5.56 10.46
C ASN D 245 61.66 -5.58 11.72
N TRP D 246 60.83 -6.61 11.84
CA TRP D 246 60.02 -6.82 13.05
C TRP D 246 60.80 -7.69 14.03
N GLY D 247 60.53 -7.58 15.34
CA GLY D 247 59.50 -6.72 15.90
C GLY D 247 58.29 -7.51 16.32
N ASP D 248 58.38 -8.16 17.48
CA ASP D 248 57.33 -9.06 17.95
C ASP D 248 56.48 -8.46 19.06
N GLU D 249 56.12 -7.18 18.92
CA GLU D 249 55.27 -6.49 19.90
C GLU D 249 54.37 -5.45 19.25
N LYS D 250 53.06 -5.63 19.41
CA LYS D 250 52.07 -4.69 18.89
C LYS D 250 51.44 -3.88 20.02
N LEU D 251 51.00 -2.66 19.72
CA LEU D 251 50.43 -1.77 20.73
C LEU D 251 48.96 -1.45 20.48
N SER D 252 48.18 -1.45 21.56
CA SER D 252 46.80 -0.95 21.51
C SER D 252 46.85 0.59 21.58
N PRO D 253 45.86 1.28 20.99
CA PRO D 253 44.55 0.86 20.45
C PRO D 253 44.58 -0.03 19.22
N GLY D 254 45.24 0.43 18.16
CA GLY D 254 45.12 -0.20 16.84
C GLY D 254 44.19 0.62 15.97
N TYR D 255 44.46 0.62 14.67
CA TYR D 255 43.73 1.50 13.75
C TYR D 255 43.10 0.76 12.57
N THR D 256 42.07 1.37 11.99
CA THR D 256 41.38 0.85 10.81
C THR D 256 42.22 1.08 9.55
N VAL D 257 42.41 0.01 8.77
CA VAL D 257 43.20 0.07 7.55
C VAL D 257 42.66 -0.92 6.51
N THR D 258 42.78 -0.56 5.23
CA THR D 258 42.31 -1.39 4.12
C THR D 258 42.81 -2.84 4.23
N THR D 259 41.87 -3.78 4.11
CA THR D 259 42.18 -5.21 4.27
C THR D 259 41.89 -6.00 2.98
N GLY D 260 41.05 -5.44 2.11
CA GLY D 260 40.77 -6.02 0.80
C GLY D 260 39.75 -7.15 0.83
N TRP D 261 40.04 -8.21 0.07
CA TRP D 261 39.17 -9.38 -0.03
C TRP D 261 39.22 -10.28 1.21
N LYS D 262 40.00 -9.87 2.20
CA LYS D 262 40.04 -10.58 3.49
C LYS D 262 38.74 -10.37 4.24
N ASN D 263 38.47 -11.26 5.20
CA ASN D 263 37.16 -11.38 5.88
C ASN D 263 35.94 -11.58 4.95
N PHE D 264 36.18 -11.51 3.64
CA PHE D 264 35.24 -11.99 2.63
C PHE D 264 35.61 -13.42 2.30
N THR D 265 36.91 -13.66 2.19
CA THR D 265 37.45 -15.00 1.90
C THR D 265 37.41 -15.90 3.14
N ARG D 266 37.52 -15.28 4.32
CA ARG D 266 37.50 -16.01 5.60
C ARG D 266 36.19 -16.74 5.85
N VAL D 267 35.10 -16.24 5.23
CA VAL D 267 33.79 -16.88 5.32
C VAL D 267 33.77 -18.18 4.51
N PHE D 268 34.56 -18.22 3.45
CA PHE D 268 34.61 -19.38 2.55
C PHE D 268 35.79 -20.32 2.86
N THR D 269 36.24 -20.34 4.11
CA THR D 269 37.43 -21.14 4.48
C THR D 269 37.22 -22.03 5.71
N ASP D 270 36.64 -21.47 6.76
CA ASP D 270 36.59 -22.14 8.07
C ASP D 270 35.65 -23.35 8.13
N GLU D 271 36.23 -24.54 8.26
CA GLU D 271 35.46 -25.76 8.50
C GLU D 271 34.98 -25.79 9.95
N GLY D 272 33.75 -25.33 10.16
CA GLY D 272 33.17 -25.14 11.49
C GLY D 272 32.20 -23.98 11.45
N ILE D 273 32.66 -22.88 10.85
CA ILE D 273 31.79 -21.74 10.53
C ILE D 273 30.90 -22.13 9.35
N GLN D 274 31.46 -22.92 8.44
CA GLN D 274 30.77 -23.37 7.24
C GLN D 274 29.94 -24.63 7.48
N LYS D 275 30.22 -25.33 8.58
CA LYS D 275 29.57 -26.60 8.91
C LYS D 275 28.03 -26.54 8.93
N PRO D 276 27.43 -25.70 9.82
CA PRO D 276 25.98 -25.73 9.90
C PRO D 276 25.29 -24.69 9.03
N PHE D 277 26.03 -24.11 8.08
CA PHE D 277 25.50 -23.07 7.18
C PHE D 277 24.35 -23.56 6.31
N LEU D 278 24.58 -24.69 5.63
CA LEU D 278 23.62 -25.25 4.68
C LEU D 278 22.30 -25.65 5.35
N ALA D 279 22.39 -26.09 6.61
CA ALA D 279 21.23 -26.55 7.37
C ALA D 279 20.37 -25.39 7.89
N ILE D 280 21.01 -24.35 8.41
CA ILE D 280 20.30 -23.16 8.88
C ILE D 280 19.70 -22.37 7.72
N PHE D 281 20.33 -22.45 6.55
CA PHE D 281 19.83 -21.81 5.34
C PHE D 281 18.48 -22.39 4.94
N VAL D 282 18.37 -23.72 5.01
CA VAL D 282 17.11 -24.42 4.74
C VAL D 282 16.01 -23.91 5.68
N TRP D 283 16.36 -23.75 6.95
CA TRP D 283 15.42 -23.25 7.95
C TRP D 283 15.00 -21.80 7.69
N THR D 284 15.94 -20.95 7.30
CA THR D 284 15.64 -19.54 7.02
C THR D 284 14.67 -19.38 5.86
N VAL D 285 14.88 -20.15 4.79
CA VAL D 285 14.00 -20.14 3.63
C VAL D 285 12.61 -20.57 4.04
N VAL D 286 12.51 -21.73 4.69
CA VAL D 286 11.23 -22.27 5.16
C VAL D 286 10.53 -21.32 6.12
N PHE D 287 11.25 -20.84 7.13
CA PHE D 287 10.70 -19.95 8.14
C PHE D 287 10.01 -18.74 7.53
N SER D 288 10.71 -18.07 6.63
CA SER D 288 10.16 -16.88 5.96
C SER D 288 9.09 -17.22 4.94
N LEU D 289 9.24 -18.36 4.25
CA LEU D 289 8.23 -18.81 3.29
C LEU D 289 6.88 -19.03 3.95
N ILE D 290 6.85 -19.92 4.95
CA ILE D 290 5.60 -20.26 5.64
C ILE D 290 5.14 -19.17 6.61
N THR D 291 5.98 -18.15 6.79
CA THR D 291 5.54 -16.92 7.46
C THR D 291 4.79 -16.08 6.44
N VAL D 292 5.42 -15.84 5.29
CA VAL D 292 4.81 -15.10 4.20
C VAL D 292 3.44 -15.67 3.81
N PHE D 293 3.39 -17.00 3.65
CA PHE D 293 2.15 -17.69 3.29
C PHE D 293 1.04 -17.45 4.33
N LEU D 294 1.29 -17.87 5.56
CA LEU D 294 0.33 -17.72 6.65
C LEU D 294 -0.06 -16.27 6.90
N THR D 295 0.93 -15.38 6.88
CA THR D 295 0.75 -13.95 7.08
C THR D 295 -0.20 -13.36 6.02
N VAL D 296 0.03 -13.72 4.75
CA VAL D 296 -0.83 -13.30 3.65
C VAL D 296 -2.20 -13.98 3.73
N ALA D 297 -2.20 -15.30 3.94
CA ALA D 297 -3.42 -16.09 4.03
C ALA D 297 -4.36 -15.54 5.10
N VAL D 298 -3.87 -15.45 6.33
CA VAL D 298 -4.65 -14.92 7.46
C VAL D 298 -5.03 -13.45 7.20
N GLY D 299 -4.07 -12.69 6.68
CA GLY D 299 -4.27 -11.28 6.37
C GLY D 299 -5.39 -11.04 5.39
N MET D 300 -5.34 -11.74 4.26
CA MET D 300 -6.33 -11.57 3.19
C MET D 300 -7.74 -11.99 3.61
N VAL D 301 -7.86 -13.20 4.15
CA VAL D 301 -9.16 -13.72 4.60
C VAL D 301 -9.83 -12.73 5.54
N LEU D 302 -9.08 -12.26 6.54
CA LEU D 302 -9.58 -11.29 7.51
C LEU D 302 -10.00 -9.97 6.87
N ALA D 303 -9.23 -9.51 5.89
CA ALA D 303 -9.53 -8.27 5.17
C ALA D 303 -10.84 -8.36 4.38
N CYS D 304 -11.10 -9.53 3.79
CA CYS D 304 -12.33 -9.79 3.06
C CYS D 304 -13.53 -9.78 3.99
N LEU D 305 -13.41 -10.50 5.11
CA LEU D 305 -14.49 -10.61 6.09
C LEU D 305 -14.84 -9.25 6.69
N VAL D 306 -13.85 -8.38 6.78
CA VAL D 306 -14.01 -7.05 7.37
C VAL D 306 -14.85 -6.10 6.50
N GLN D 307 -14.77 -6.25 5.18
CA GLN D 307 -15.57 -5.41 4.28
C GLN D 307 -16.83 -6.11 3.76
N TRP D 308 -17.26 -7.17 4.45
CA TRP D 308 -18.41 -7.98 4.02
C TRP D 308 -19.76 -7.21 4.05
N GLU D 309 -19.74 -6.01 4.62
CA GLU D 309 -20.91 -5.11 4.77
C GLU D 309 -22.20 -5.69 5.37
N ALA D 310 -22.33 -7.02 5.32
CA ALA D 310 -23.41 -7.74 6.00
C ALA D 310 -22.98 -8.07 7.42
N LEU D 311 -21.67 -8.22 7.62
CA LEU D 311 -21.08 -8.54 8.92
C LEU D 311 -21.18 -7.33 9.86
N ARG D 312 -22.09 -7.41 10.82
CA ARG D 312 -22.33 -6.32 11.76
C ARG D 312 -21.19 -6.17 12.77
N GLY D 313 -20.88 -4.92 13.10
CA GLY D 313 -19.84 -4.59 14.07
C GLY D 313 -18.43 -4.68 13.52
N LYS D 314 -18.32 -4.76 12.18
CA LYS D 314 -17.03 -4.94 11.50
C LYS D 314 -16.02 -3.85 11.83
N ALA D 315 -16.50 -2.67 12.19
CA ALA D 315 -15.66 -1.55 12.59
C ALA D 315 -14.87 -1.87 13.85
N VAL D 316 -15.51 -2.63 14.76
CA VAL D 316 -14.87 -3.05 16.01
C VAL D 316 -13.90 -4.21 15.75
N TYR D 317 -14.34 -5.17 14.93
CA TYR D 317 -13.47 -6.27 14.49
C TYR D 317 -12.22 -5.72 13.83
N ARG D 318 -12.42 -4.72 12.97
CA ARG D 318 -11.37 -4.06 12.20
C ARG D 318 -10.19 -3.60 13.07
N VAL D 319 -10.49 -2.85 14.13
CA VAL D 319 -9.44 -2.28 14.99
C VAL D 319 -8.76 -3.32 15.89
N LEU D 320 -9.55 -4.30 16.36
CA LEU D 320 -9.06 -5.29 17.32
C LEU D 320 -8.05 -6.26 16.69
N LEU D 321 -8.25 -6.55 15.41
CA LEU D 321 -7.35 -7.44 14.67
C LEU D 321 -6.02 -6.77 14.35
N ILE D 322 -5.99 -5.45 14.54
CA ILE D 322 -4.84 -4.62 14.21
C ILE D 322 -3.88 -4.39 15.38
N LEU D 323 -4.41 -4.54 16.60
CA LEU D 323 -3.67 -4.21 17.83
C LEU D 323 -2.34 -4.95 18.04
N PRO D 324 -2.23 -6.23 17.63
CA PRO D 324 -0.91 -6.89 17.61
C PRO D 324 0.17 -6.12 16.86
N TYR D 325 -0.22 -5.13 16.06
CA TYR D 325 0.71 -4.27 15.32
C TYR D 325 0.82 -2.89 15.96
N ALA D 326 -0.21 -2.51 16.72
CA ALA D 326 -0.26 -1.22 17.40
C ALA D 326 0.68 -1.15 18.60
N VAL D 327 0.95 -2.30 19.20
CA VAL D 327 1.86 -2.43 20.33
C VAL D 327 3.25 -2.88 19.83
N PRO D 328 4.33 -2.23 20.31
CA PRO D 328 5.70 -2.55 19.87
C PRO D 328 6.06 -4.02 20.03
N SER D 329 6.80 -4.54 19.06
CA SER D 329 7.18 -5.96 19.01
C SER D 329 7.91 -6.45 20.26
N PHE D 330 8.93 -5.70 20.67
CA PHE D 330 9.81 -6.09 21.77
C PHE D 330 9.06 -6.72 22.94
N ILE D 331 8.15 -5.95 23.53
CA ILE D 331 7.39 -6.37 24.70
C ILE D 331 6.53 -7.61 24.41
N SER D 332 5.91 -7.64 23.23
CA SER D 332 5.04 -8.74 22.82
C SER D 332 5.79 -10.07 22.75
N ILE D 333 6.91 -10.06 22.01
CA ILE D 333 7.76 -11.24 21.88
C ILE D 333 8.19 -11.79 23.25
N LEU D 334 8.51 -10.88 24.18
CA LEU D 334 8.98 -11.27 25.51
C LEU D 334 7.90 -11.95 26.36
N ILE D 335 6.66 -11.48 26.26
CA ILE D 335 5.58 -12.13 27.01
C ILE D 335 5.15 -13.43 26.35
N PHE D 336 5.38 -13.54 25.03
CA PHE D 336 5.20 -14.80 24.31
C PHE D 336 6.17 -15.86 24.81
N LYS D 337 7.36 -15.41 25.21
CA LYS D 337 8.35 -16.29 25.83
C LYS D 337 7.83 -16.79 27.18
N GLY D 338 7.06 -15.95 27.85
CA GLY D 338 6.41 -16.31 29.11
C GLY D 338 5.25 -17.27 28.92
N LEU D 339 4.41 -17.00 27.92
CA LEU D 339 3.25 -17.86 27.62
C LEU D 339 3.71 -19.27 27.22
N PHE D 340 4.66 -19.32 26.28
CA PHE D 340 5.13 -20.59 25.73
C PHE D 340 6.08 -21.37 26.62
N ASN D 341 6.35 -20.86 27.83
CA ASN D 341 7.16 -21.59 28.81
C ASN D 341 6.69 -23.04 28.87
N GLN D 342 7.64 -23.97 28.77
CA GLN D 342 7.32 -25.39 28.64
C GLN D 342 6.68 -26.05 29.87
N SER D 343 7.07 -25.64 31.06
CA SER D 343 6.46 -26.18 32.29
C SER D 343 5.53 -25.16 32.98
N PHE D 344 5.96 -23.91 33.06
CA PHE D 344 5.11 -22.82 33.50
C PHE D 344 4.39 -22.24 32.29
N GLY D 345 3.84 -21.03 32.42
CA GLY D 345 3.22 -20.36 31.28
C GLY D 345 1.81 -20.83 31.00
N GLU D 346 0.93 -19.86 30.75
CA GLU D 346 -0.52 -20.12 30.63
C GLU D 346 -0.94 -20.99 29.46
N ILE D 347 -0.11 -21.03 28.40
CA ILE D 347 -0.42 -21.82 27.21
C ILE D 347 -0.41 -23.33 27.50
N ASN D 348 0.50 -23.75 28.38
CA ASN D 348 0.59 -25.16 28.76
C ASN D 348 -0.23 -25.48 30.00
N MET D 349 -0.76 -24.45 30.65
CA MET D 349 -1.70 -24.61 31.76
C MET D 349 -3.01 -25.17 31.25
N MET D 350 -3.55 -24.55 30.20
CA MET D 350 -4.80 -25.00 29.57
C MET D 350 -4.60 -26.30 28.81
N LEU D 351 -3.46 -26.43 28.13
CA LEU D 351 -3.15 -27.61 27.32
C LEU D 351 -2.92 -28.89 28.13
N SER D 352 -2.60 -28.74 29.41
CA SER D 352 -2.57 -29.89 30.32
C SER D 352 -3.93 -30.05 30.99
N ALA D 353 -4.73 -28.98 30.99
CA ALA D 353 -6.05 -29.00 31.61
C ALA D 353 -7.09 -29.72 30.75
N LEU D 354 -7.38 -29.16 29.57
CA LEU D 354 -8.35 -29.78 28.66
C LEU D 354 -7.76 -30.96 27.87
N PHE D 355 -6.55 -30.78 27.35
CA PHE D 355 -5.86 -31.86 26.62
C PHE D 355 -4.86 -32.57 27.52
N GLY D 356 -4.19 -33.58 26.97
CA GLY D 356 -3.22 -34.39 27.72
C GLY D 356 -1.78 -33.94 27.58
N VAL D 357 -1.38 -33.60 26.35
CA VAL D 357 0.01 -33.28 26.02
C VAL D 357 0.42 -31.89 26.53
N LYS D 358 1.65 -31.79 27.03
CA LYS D 358 2.23 -30.54 27.50
C LYS D 358 3.47 -30.23 26.64
N PRO D 359 3.26 -29.55 25.49
CA PRO D 359 4.28 -29.39 24.44
C PRO D 359 5.60 -28.75 24.91
N ALA D 360 6.71 -29.23 24.34
CA ALA D 360 8.05 -28.74 24.67
C ALA D 360 8.51 -27.70 23.65
N TRP D 361 8.08 -26.45 23.89
CA TRP D 361 8.29 -25.36 22.93
C TRP D 361 9.75 -24.91 22.78
N PHE D 362 10.59 -25.25 23.76
CA PHE D 362 11.99 -24.79 23.76
C PHE D 362 12.99 -25.94 23.60
N SER D 363 12.73 -27.05 24.27
CA SER D 363 13.66 -28.18 24.32
C SER D 363 13.76 -28.96 23.01
N ASP D 364 12.63 -29.13 22.33
CA ASP D 364 12.56 -29.90 21.09
C ASP D 364 12.57 -28.98 19.86
N PRO D 365 13.52 -29.21 18.92
CA PRO D 365 13.78 -28.31 17.79
C PRO D 365 12.58 -28.10 16.88
N THR D 366 11.94 -29.18 16.44
CA THR D 366 10.85 -29.10 15.47
C THR D 366 9.62 -28.32 15.96
N THR D 367 9.31 -28.45 17.25
CA THR D 367 8.21 -27.71 17.88
C THR D 367 8.61 -26.29 18.30
N ALA D 368 9.91 -26.06 18.46
CA ALA D 368 10.43 -24.71 18.68
C ALA D 368 10.30 -23.90 17.40
N ARG D 369 10.58 -24.55 16.27
CA ARG D 369 10.39 -23.96 14.95
C ARG D 369 8.93 -23.59 14.73
N THR D 370 8.03 -24.40 15.27
CA THR D 370 6.59 -24.15 15.22
C THR D 370 6.21 -22.97 16.14
N MET D 371 6.83 -22.91 17.32
CA MET D 371 6.61 -21.80 18.25
C MET D 371 6.87 -20.46 17.57
N LEU D 372 7.93 -20.42 16.77
CA LEU D 372 8.36 -19.23 16.06
C LEU D 372 7.40 -18.79 14.95
N ILE D 373 6.81 -19.76 14.25
CA ILE D 373 5.93 -19.43 13.12
C ILE D 373 4.58 -18.86 13.55
N ILE D 374 4.04 -19.34 14.68
CA ILE D 374 2.74 -18.85 15.15
C ILE D 374 2.89 -17.45 15.77
N VAL D 375 4.04 -17.21 16.40
CA VAL D 375 4.33 -15.89 16.98
C VAL D 375 4.49 -14.84 15.88
N ASN D 376 5.29 -15.19 14.86
CA ASN D 376 5.50 -14.32 13.71
C ASN D 376 4.22 -14.07 12.90
N THR D 377 3.36 -15.09 12.84
CA THR D 377 2.04 -14.97 12.21
C THR D 377 1.18 -13.94 12.96
N TRP D 378 1.16 -14.07 14.29
CA TRP D 378 0.47 -13.11 15.15
C TRP D 378 1.07 -11.73 14.97
N LEU D 379 2.40 -11.70 14.84
CA LEU D 379 3.16 -10.47 14.77
C LEU D 379 3.02 -9.76 13.42
N GLY D 380 2.77 -10.53 12.36
CA GLY D 380 2.84 -10.02 11.01
C GLY D 380 1.56 -10.00 10.19
N TYR D 381 0.52 -10.70 10.65
CA TYR D 381 -0.74 -10.75 9.91
C TYR D 381 -1.42 -9.38 9.73
N PRO D 382 -1.39 -8.51 10.78
CA PRO D 382 -2.03 -7.20 10.59
C PRO D 382 -1.38 -6.33 9.52
N TYR D 383 -0.10 -6.58 9.25
CA TYR D 383 0.60 -5.92 8.15
C TYR D 383 -0.06 -6.24 6.81
N MET D 384 -0.33 -7.52 6.57
CA MET D 384 -0.93 -7.95 5.30
C MET D 384 -2.40 -7.56 5.18
N MET D 385 -3.13 -7.58 6.28
CA MET D 385 -4.55 -7.25 6.23
C MET D 385 -4.78 -5.75 6.05
N ILE D 386 -3.93 -4.92 6.65
CA ILE D 386 -3.95 -3.48 6.41
C ILE D 386 -3.68 -3.23 4.92
N LEU D 387 -2.66 -3.92 4.42
CA LEU D 387 -2.27 -3.87 3.02
C LEU D 387 -3.44 -4.27 2.12
N CYS D 388 -4.05 -5.42 2.42
CA CYS D 388 -5.18 -5.94 1.66
C CYS D 388 -6.44 -5.10 1.80
N MET D 389 -6.64 -4.49 2.97
CA MET D 389 -7.81 -3.65 3.22
C MET D 389 -8.02 -2.60 2.14
N GLY D 390 -6.96 -1.89 1.77
CA GLY D 390 -7.02 -0.89 0.71
C GLY D 390 -6.88 -1.51 -0.66
N LEU D 391 -5.99 -2.48 -0.78
CA LEU D 391 -5.72 -3.17 -2.03
C LEU D 391 -6.96 -3.85 -2.60
N LEU D 392 -7.85 -4.30 -1.71
CA LEU D 392 -9.09 -4.95 -2.09
C LEU D 392 -10.06 -3.97 -2.74
N LYS D 393 -10.00 -2.71 -2.32
CA LYS D 393 -10.84 -1.64 -2.87
C LYS D 393 -10.62 -1.38 -4.36
N ALA D 394 -9.50 -1.89 -4.89
CA ALA D 394 -9.17 -1.78 -6.30
C ALA D 394 -10.10 -2.63 -7.20
N ILE D 395 -10.70 -3.66 -6.60
CA ILE D 395 -11.64 -4.52 -7.31
C ILE D 395 -13.03 -3.88 -7.30
N PRO D 396 -13.58 -3.60 -8.49
CA PRO D 396 -14.89 -2.97 -8.59
C PRO D 396 -16.04 -3.93 -8.24
N ASP D 397 -17.11 -3.41 -7.66
CA ASP D 397 -18.23 -4.21 -7.15
C ASP D 397 -18.98 -4.99 -8.21
N ASP D 398 -19.13 -4.41 -9.40
CA ASP D 398 -19.87 -5.04 -10.51
C ASP D 398 -19.26 -6.36 -10.98
N LEU D 399 -17.98 -6.59 -10.66
CA LEU D 399 -17.34 -7.87 -10.93
C LEU D 399 -17.91 -9.00 -10.06
N TYR D 400 -18.30 -8.64 -8.84
CA TYR D 400 -18.95 -9.58 -7.92
C TYR D 400 -20.43 -9.72 -8.27
N GLU D 401 -20.97 -8.71 -8.92
CA GLU D 401 -22.33 -8.77 -9.47
C GLU D 401 -22.36 -9.73 -10.65
N ALA D 402 -21.27 -9.73 -11.42
CA ALA D 402 -21.09 -10.68 -12.53
C ALA D 402 -20.87 -12.08 -11.99
N SER D 403 -20.18 -12.19 -10.86
CA SER D 403 -19.96 -13.45 -10.18
C SER D 403 -21.28 -14.10 -9.78
N ALA D 404 -22.16 -13.29 -9.19
CA ALA D 404 -23.45 -13.75 -8.70
C ALA D 404 -24.31 -14.29 -9.83
N MET D 405 -24.30 -13.59 -10.96
CA MET D 405 -25.11 -13.99 -12.12
C MET D 405 -24.59 -15.26 -12.80
N ASP D 406 -23.33 -15.58 -12.56
CA ASP D 406 -22.76 -16.86 -12.99
C ASP D 406 -22.93 -17.92 -11.90
N GLY D 407 -23.47 -17.50 -10.75
CA GLY D 407 -23.72 -18.39 -9.63
C GLY D 407 -22.48 -18.70 -8.84
N ALA D 408 -22.00 -17.72 -8.07
CA ALA D 408 -20.76 -17.85 -7.32
C ALA D 408 -20.79 -17.18 -5.95
N GLY D 409 -19.86 -17.57 -5.08
CA GLY D 409 -19.64 -16.88 -3.81
C GLY D 409 -20.11 -17.64 -2.59
N PRO D 410 -19.50 -17.35 -1.42
CA PRO D 410 -18.36 -16.45 -1.27
C PRO D 410 -17.01 -17.13 -1.50
N PHE D 411 -16.95 -18.45 -1.29
CA PHE D 411 -15.71 -19.21 -1.48
C PHE D 411 -15.29 -19.24 -2.94
N GLN D 412 -16.27 -19.40 -3.83
CA GLN D 412 -16.05 -19.36 -5.28
C GLN D 412 -15.51 -17.99 -5.68
N ASN D 413 -16.12 -16.93 -5.14
CA ASN D 413 -15.66 -15.55 -5.36
C ASN D 413 -14.21 -15.37 -4.97
N PHE D 414 -13.84 -15.89 -3.80
CA PHE D 414 -12.51 -15.72 -3.26
C PHE D 414 -11.42 -16.26 -4.17
N PHE D 415 -11.54 -17.52 -4.59
CA PHE D 415 -10.51 -18.18 -5.37
C PHE D 415 -10.54 -17.89 -6.87
N LYS D 416 -11.67 -17.37 -7.36
CA LYS D 416 -11.80 -17.09 -8.80
C LYS D 416 -11.76 -15.61 -9.14
N ILE D 417 -12.03 -14.74 -8.16
CA ILE D 417 -12.00 -13.28 -8.36
C ILE D 417 -11.00 -12.59 -7.45
N THR D 418 -11.33 -12.47 -6.16
CA THR D 418 -10.55 -11.66 -5.21
C THR D 418 -9.08 -12.04 -5.06
N LEU D 419 -8.80 -13.31 -4.81
CA LEU D 419 -7.40 -13.76 -4.66
C LEU D 419 -6.59 -13.52 -5.92
N PRO D 420 -6.97 -14.15 -7.07
CA PRO D 420 -6.16 -13.99 -8.28
C PRO D 420 -6.22 -12.58 -8.88
N LEU D 421 -6.86 -11.65 -8.18
CA LEU D 421 -6.87 -10.26 -8.59
C LEU D 421 -6.04 -9.41 -7.61
N LEU D 422 -5.37 -10.10 -6.68
CA LEU D 422 -4.50 -9.44 -5.71
C LEU D 422 -3.07 -9.96 -5.74
N ILE D 423 -2.86 -11.19 -6.20
CA ILE D 423 -1.52 -11.80 -6.17
C ILE D 423 -0.49 -10.97 -6.94
N LYS D 424 -0.93 -10.30 -8.01
CA LYS D 424 -0.05 -9.47 -8.83
C LYS D 424 0.45 -8.22 -8.09
N PRO D 425 -0.46 -7.36 -7.58
CA PRO D 425 0.02 -6.26 -6.74
C PRO D 425 0.65 -6.71 -5.41
N LEU D 426 0.36 -7.93 -4.99
CA LEU D 426 0.83 -8.43 -3.70
C LEU D 426 2.18 -9.15 -3.78
N THR D 427 2.52 -9.64 -4.98
CA THR D 427 3.80 -10.37 -5.20
C THR D 427 5.04 -9.60 -4.71
N PRO D 428 5.21 -8.33 -5.13
CA PRO D 428 6.39 -7.58 -4.66
C PRO D 428 6.42 -7.42 -3.14
N LEU D 429 5.24 -7.34 -2.53
CA LEU D 429 5.10 -7.12 -1.09
C LEU D 429 5.42 -8.35 -0.26
N MET D 430 5.28 -9.53 -0.85
CA MET D 430 5.56 -10.78 -0.14
C MET D 430 6.94 -11.39 -0.43
N ILE D 431 7.56 -10.98 -1.54
CA ILE D 431 8.96 -11.32 -1.77
C ILE D 431 9.85 -10.42 -0.92
N ALA D 432 9.40 -9.20 -0.69
CA ALA D 432 10.07 -8.27 0.22
C ALA D 432 9.87 -8.72 1.66
N SER D 433 8.71 -9.29 1.94
CA SER D 433 8.42 -9.85 3.25
C SER D 433 9.23 -11.12 3.49
N PHE D 434 9.53 -11.84 2.41
CA PHE D 434 10.41 -13.00 2.47
C PHE D 434 11.81 -12.58 2.91
N ALA D 435 12.28 -11.46 2.33
CA ALA D 435 13.61 -10.93 2.63
C ALA D 435 13.70 -10.32 4.03
N PHE D 436 12.61 -9.72 4.49
CA PHE D 436 12.53 -9.17 5.84
C PHE D 436 12.63 -10.29 6.87
N ASN D 437 11.83 -11.34 6.68
CA ASN D 437 11.82 -12.48 7.60
C ASN D 437 12.97 -13.45 7.38
N PHE D 438 13.73 -13.25 6.30
CA PHE D 438 14.96 -14.00 6.08
C PHE D 438 16.00 -13.59 7.13
N ASN D 439 15.98 -12.31 7.49
CA ASN D 439 16.89 -11.76 8.49
C ASN D 439 16.16 -11.12 9.67
N ASN D 440 15.10 -11.78 10.14
CA ASN D 440 14.35 -11.31 11.30
C ASN D 440 15.10 -11.63 12.59
N PHE D 441 16.22 -10.95 12.77
CA PHE D 441 17.13 -11.13 13.91
C PHE D 441 16.43 -11.00 15.27
N VAL D 442 15.72 -9.89 15.45
CA VAL D 442 15.09 -9.52 16.73
C VAL D 442 14.19 -10.64 17.28
N LEU D 443 13.32 -11.18 16.44
CA LEU D 443 12.35 -12.20 16.85
C LEU D 443 13.01 -13.46 17.42
N ILE D 444 14.12 -13.85 16.82
CA ILE D 444 14.83 -15.06 17.22
C ILE D 444 15.51 -14.87 18.57
N GLN D 445 16.43 -13.89 18.65
CA GLN D 445 17.25 -13.70 19.86
C GLN D 445 16.43 -13.50 21.13
N LEU D 446 15.26 -12.87 20.98
CA LEU D 446 14.38 -12.59 22.10
C LEU D 446 13.66 -13.83 22.65
N LEU D 447 13.32 -14.76 21.78
CA LEU D 447 12.71 -16.03 22.20
C LEU D 447 13.77 -17.09 22.51
N THR D 448 14.56 -17.44 21.50
CA THR D 448 15.62 -18.43 21.62
C THR D 448 16.83 -17.99 20.81
N ASN D 449 18.01 -18.04 21.42
CA ASN D 449 19.25 -17.74 20.71
C ASN D 449 19.60 -18.85 19.71
N GLY D 450 18.56 -19.42 19.09
CA GLY D 450 18.69 -20.61 18.27
C GLY D 450 18.41 -21.87 19.04
N GLY D 451 18.07 -21.71 20.32
CA GLY D 451 17.78 -22.83 21.22
C GLY D 451 16.70 -23.75 20.68
N PRO D 452 16.92 -25.07 20.77
CA PRO D 452 18.03 -25.74 21.45
C PRO D 452 19.34 -25.82 20.65
N ASP D 453 20.40 -26.26 21.32
CA ASP D 453 21.74 -26.41 20.74
C ASP D 453 21.76 -27.42 19.60
N ARG D 454 22.63 -27.18 18.62
CA ARG D 454 22.79 -28.10 17.49
C ARG D 454 23.63 -29.34 17.83
N LEU D 455 24.49 -29.22 18.85
CA LEU D 455 25.30 -30.34 19.38
C LEU D 455 26.38 -30.82 18.40
N GLY D 456 27.63 -30.46 18.70
CA GLY D 456 28.76 -30.81 17.85
C GLY D 456 29.32 -29.65 17.07
N THR D 457 28.57 -28.54 17.03
CA THR D 457 29.02 -27.33 16.34
C THR D 457 30.14 -26.63 17.12
N THR D 458 31.32 -26.56 16.51
CA THR D 458 32.48 -25.90 17.12
C THR D 458 32.25 -24.39 17.21
N THR D 459 31.33 -23.89 16.39
CA THR D 459 30.94 -22.49 16.41
C THR D 459 29.46 -22.34 16.78
N PRO D 460 29.17 -21.56 17.85
CA PRO D 460 27.85 -21.26 18.39
C PRO D 460 26.70 -21.32 17.37
N ALA D 461 26.05 -22.49 17.29
CA ALA D 461 24.92 -22.70 16.37
C ALA D 461 23.84 -23.53 17.03
N GLY D 462 22.59 -23.11 16.84
CA GLY D 462 21.41 -23.83 17.33
C GLY D 462 20.41 -24.10 16.23
N TYR D 463 19.33 -24.80 16.57
CA TYR D 463 18.32 -25.21 15.59
C TYR D 463 17.39 -24.09 15.10
N THR D 464 17.15 -23.09 15.95
CA THR D 464 16.23 -22.00 15.63
C THR D 464 16.95 -20.82 14.97
N ASP D 465 18.28 -20.90 14.94
CA ASP D 465 19.11 -19.82 14.41
C ASP D 465 18.87 -19.57 12.93
N LEU D 466 18.61 -18.32 12.58
CA LEU D 466 18.60 -17.91 11.18
C LEU D 466 20.04 -17.79 10.69
N LEU D 467 20.21 -17.29 9.47
CA LEU D 467 21.54 -17.03 8.93
C LEU D 467 22.15 -15.85 9.67
N VAL D 468 21.30 -14.87 10.00
CA VAL D 468 21.74 -13.62 10.62
C VAL D 468 22.16 -13.79 12.09
N ASN D 469 21.43 -14.64 12.82
CA ASN D 469 21.70 -14.87 14.25
C ASN D 469 23.03 -15.57 14.47
N TYR D 470 23.26 -16.62 13.68
CA TYR D 470 24.50 -17.38 13.67
C TYR D 470 25.67 -16.48 13.30
N THR D 471 25.48 -15.70 12.24
CA THR D 471 26.45 -14.71 11.78
C THR D 471 26.80 -13.68 12.87
N TYR D 472 25.78 -13.08 13.47
CA TYR D 472 25.95 -12.08 14.52
C TYR D 472 26.84 -12.61 15.64
N ARG D 473 26.62 -13.86 16.05
CA ARG D 473 27.38 -14.46 17.14
C ARG D 473 28.81 -14.82 16.76
N ILE D 474 29.05 -15.11 15.49
CA ILE D 474 30.41 -15.43 15.04
C ILE D 474 31.19 -14.17 14.65
N ALA D 475 30.50 -13.04 14.58
CA ALA D 475 31.11 -11.75 14.27
C ALA D 475 31.31 -10.89 15.51
N PHE D 476 30.25 -10.75 16.30
CA PHE D 476 30.27 -9.93 17.51
C PHE D 476 30.65 -10.74 18.75
N GLU D 477 29.92 -11.82 18.99
CA GLU D 477 30.19 -12.72 20.12
C GLU D 477 31.30 -13.73 19.79
N GLY D 478 31.41 -14.78 20.60
CA GLY D 478 32.44 -15.81 20.41
C GLY D 478 33.84 -15.30 20.68
N GLY D 479 33.96 -14.29 21.54
CA GLY D 479 35.23 -13.65 21.85
C GLY D 479 35.75 -12.78 20.73
N GLY D 480 37.03 -12.43 20.80
CA GLY D 480 37.70 -11.67 19.75
C GLY D 480 37.13 -10.31 19.41
N GLY D 481 36.35 -9.75 20.33
CA GLY D 481 35.75 -8.41 20.16
C GLY D 481 34.62 -8.37 19.15
N GLN D 482 34.09 -7.17 18.92
CA GLN D 482 33.02 -6.96 17.96
C GLN D 482 33.60 -6.62 16.60
N ASP D 483 33.69 -7.62 15.72
CA ASP D 483 34.29 -7.47 14.40
C ASP D 483 33.30 -6.91 13.39
N PHE D 484 33.25 -5.59 13.28
CA PHE D 484 32.32 -4.91 12.36
C PHE D 484 32.66 -5.21 10.90
N GLY D 485 33.96 -5.31 10.60
CA GLY D 485 34.44 -5.61 9.25
C GLY D 485 33.92 -6.93 8.73
N LEU D 486 34.03 -7.96 9.57
CA LEU D 486 33.52 -9.29 9.26
C LEU D 486 32.00 -9.25 9.09
N ALA D 487 31.32 -8.59 10.02
CA ALA D 487 29.87 -8.47 9.98
C ALA D 487 29.38 -7.81 8.70
N ALA D 488 30.07 -6.74 8.30
CA ALA D 488 29.74 -6.00 7.08
C ALA D 488 29.94 -6.86 5.83
N ALA D 489 30.95 -7.73 5.87
CA ALA D 489 31.25 -8.63 4.77
C ALA D 489 30.18 -9.71 4.62
N ILE D 490 29.68 -10.23 5.75
CA ILE D 490 28.66 -11.28 5.73
C ILE D 490 27.31 -10.71 5.29
N ALA D 491 27.02 -9.48 5.71
CA ALA D 491 25.78 -8.79 5.33
C ALA D 491 25.69 -8.59 3.81
N THR D 492 26.84 -8.35 3.18
CA THR D 492 26.92 -8.21 1.73
C THR D 492 26.65 -9.56 1.05
N LEU D 493 27.25 -10.62 1.59
CA LEU D 493 27.12 -11.97 1.03
C LEU D 493 25.70 -12.51 1.08
N ILE D 494 25.04 -12.39 2.24
CA ILE D 494 23.67 -12.88 2.40
C ILE D 494 22.66 -12.04 1.63
N PHE D 495 22.98 -10.75 1.46
CA PHE D 495 22.18 -9.86 0.62
C PHE D 495 22.27 -10.26 -0.84
N LEU D 496 23.49 -10.64 -1.26
CA LEU D 496 23.72 -11.14 -2.61
C LEU D 496 23.08 -12.51 -2.78
N LEU D 497 23.07 -13.29 -1.69
CA LEU D 497 22.44 -14.62 -1.68
C LEU D 497 20.93 -14.51 -1.79
N VAL D 498 20.33 -13.64 -0.97
CA VAL D 498 18.89 -13.42 -1.00
C VAL D 498 18.47 -12.60 -2.24
N GLY D 499 19.39 -11.78 -2.74
CA GLY D 499 19.15 -10.99 -3.96
C GLY D 499 19.06 -11.88 -5.19
N ALA D 500 20.02 -12.79 -5.32
CA ALA D 500 20.02 -13.78 -6.40
C ALA D 500 18.89 -14.80 -6.24
N LEU D 501 18.46 -14.99 -5.01
CA LEU D 501 17.34 -15.89 -4.69
C LEU D 501 16.00 -15.25 -5.07
N ALA D 502 15.85 -13.97 -4.74
CA ALA D 502 14.59 -13.24 -4.95
C ALA D 502 14.31 -12.91 -6.42
N ILE D 503 15.37 -12.77 -7.22
CA ILE D 503 15.23 -12.58 -8.66
C ILE D 503 14.68 -13.85 -9.32
N VAL D 504 15.16 -15.00 -8.87
CA VAL D 504 14.67 -16.30 -9.35
C VAL D 504 13.26 -16.58 -8.83
N LYS E 7 -24.19 -23.52 6.44
CA LYS E 7 -24.83 -24.17 5.26
C LYS E 7 -25.45 -23.13 4.31
N SER E 8 -26.51 -22.49 4.79
CA SER E 8 -27.26 -21.50 3.99
C SER E 8 -26.59 -20.12 3.98
N GLN E 9 -27.37 -19.06 4.13
CA GLN E 9 -26.87 -17.69 4.10
C GLN E 9 -26.56 -17.15 5.50
N LYS E 10 -27.57 -17.18 6.37
CA LYS E 10 -27.43 -16.70 7.76
C LYS E 10 -26.67 -17.69 8.64
N ALA E 11 -26.57 -18.94 8.17
CA ALA E 11 -25.77 -19.96 8.84
C ALA E 11 -24.28 -19.65 8.70
N ARG E 12 -23.90 -19.04 7.58
CA ARG E 12 -22.54 -18.56 7.36
C ARG E 12 -22.22 -17.38 8.27
N LEU E 13 -23.17 -16.45 8.37
CA LEU E 13 -23.00 -15.19 9.10
C LEU E 13 -22.58 -15.35 10.56
N PHE E 14 -23.32 -16.18 11.30
CA PHE E 14 -23.12 -16.27 12.75
C PHE E 14 -22.02 -17.24 13.17
N ILE E 15 -21.69 -18.21 12.31
CA ILE E 15 -20.53 -19.06 12.55
C ILE E 15 -19.23 -18.31 12.22
N THR E 16 -19.36 -17.20 11.49
CA THR E 16 -18.24 -16.29 11.27
C THR E 16 -17.99 -15.45 12.51
N HIS E 17 -19.07 -14.99 13.13
CA HIS E 17 -18.98 -14.25 14.41
C HIS E 17 -18.31 -15.08 15.49
N LEU E 18 -18.63 -16.37 15.56
CA LEU E 18 -18.03 -17.26 16.53
C LEU E 18 -16.57 -17.55 16.20
N LEU E 19 -16.30 -17.86 14.93
CA LEU E 19 -14.96 -18.17 14.45
C LEU E 19 -14.04 -16.96 14.54
N LEU E 20 -14.63 -15.77 14.56
CA LEU E 20 -13.88 -14.52 14.64
C LEU E 20 -13.68 -14.09 16.08
N LEU E 21 -14.74 -14.20 16.90
CA LEU E 21 -14.63 -13.92 18.33
C LEU E 21 -13.59 -14.81 19.01
N LEU E 22 -13.56 -16.08 18.62
CA LEU E 22 -12.54 -17.03 19.08
C LEU E 22 -11.15 -16.60 18.62
N PHE E 23 -11.05 -16.14 17.38
CA PHE E 23 -9.79 -15.68 16.80
C PHE E 23 -9.26 -14.43 17.51
N ILE E 24 -10.13 -13.44 17.72
CA ILE E 24 -9.73 -12.20 18.38
C ILE E 24 -9.34 -12.42 19.84
N ALA E 25 -10.07 -13.30 20.52
CA ALA E 25 -9.75 -13.66 21.90
C ALA E 25 -8.34 -14.24 22.01
N ALA E 26 -7.97 -15.11 21.07
CA ALA E 26 -6.65 -15.73 21.02
C ALA E 26 -5.54 -14.71 20.78
N ILE E 27 -5.77 -13.75 19.87
CA ILE E 27 -4.77 -12.74 19.54
C ILE E 27 -4.71 -11.57 20.52
N MET E 28 -5.83 -11.32 21.20
CA MET E 28 -5.92 -10.23 22.17
C MET E 28 -5.34 -10.62 23.53
N PHE E 29 -5.33 -11.92 23.80
CA PHE E 29 -4.84 -12.44 25.07
C PHE E 29 -3.42 -11.97 25.43
N PRO E 30 -2.46 -12.10 24.49
CA PRO E 30 -1.12 -11.57 24.77
C PRO E 30 -1.13 -10.09 25.12
N LEU E 31 -2.00 -9.33 24.45
CA LEU E 31 -2.09 -7.88 24.62
C LEU E 31 -2.75 -7.50 25.94
N LEU E 32 -3.71 -8.31 26.39
CA LEU E 32 -4.36 -8.10 27.68
C LEU E 32 -3.40 -8.36 28.85
N MET E 33 -2.45 -9.26 28.63
CA MET E 33 -1.36 -9.53 29.58
C MET E 33 -0.47 -8.30 29.76
N VAL E 34 -0.20 -7.61 28.64
CA VAL E 34 0.57 -6.36 28.65
C VAL E 34 -0.16 -5.30 29.48
N VAL E 35 -1.47 -5.19 29.27
CA VAL E 35 -2.31 -4.31 30.07
C VAL E 35 -2.24 -4.73 31.54
N ALA E 36 -2.37 -6.03 31.79
CA ALA E 36 -2.31 -6.59 33.13
C ALA E 36 -1.07 -6.20 33.92
N ILE E 37 0.09 -6.28 33.28
CA ILE E 37 1.36 -5.99 33.96
C ILE E 37 1.61 -4.49 34.18
N SER E 38 0.86 -3.66 33.47
CA SER E 38 0.93 -2.21 33.65
C SER E 38 0.07 -1.75 34.82
N LEU E 39 -0.89 -2.59 35.21
CA LEU E 39 -1.78 -2.29 36.34
C LEU E 39 -1.37 -3.03 37.61
N ARG E 40 -0.47 -3.99 37.46
CA ARG E 40 0.07 -4.77 38.56
C ARG E 40 1.06 -3.91 39.36
N GLN E 41 1.02 -4.02 40.69
CA GLN E 41 1.95 -3.28 41.53
C GLN E 41 3.38 -3.81 41.39
N GLY E 42 4.34 -2.91 41.45
CA GLY E 42 5.73 -3.25 41.23
C GLY E 42 5.97 -3.59 39.77
N ASN E 43 7.08 -4.24 39.49
CA ASN E 43 7.43 -4.56 38.11
C ASN E 43 7.65 -6.04 37.87
N PHE E 44 6.58 -6.71 37.45
CA PHE E 44 6.59 -8.15 37.20
C PHE E 44 6.07 -8.44 35.80
N ALA E 45 6.87 -9.16 35.02
CA ALA E 45 6.51 -9.51 33.65
C ALA E 45 5.39 -10.53 33.61
N THR E 46 5.28 -11.34 34.66
CA THR E 46 4.27 -12.39 34.71
C THR E 46 3.50 -12.40 36.02
N GLY E 47 2.22 -12.77 35.94
CA GLY E 47 1.33 -12.84 37.09
C GLY E 47 -0.06 -13.27 36.68
N SER E 48 -1.08 -12.81 37.42
CA SER E 48 -2.46 -13.15 37.12
C SER E 48 -3.06 -12.22 36.06
N LEU E 49 -3.98 -12.78 35.27
CA LEU E 49 -4.67 -12.06 34.19
C LEU E 49 -5.33 -10.81 34.73
N ILE E 50 -6.14 -10.97 35.78
CA ILE E 50 -6.59 -9.86 36.61
C ILE E 50 -5.58 -9.69 37.74
N PRO E 51 -4.84 -8.56 37.72
CA PRO E 51 -3.67 -8.35 38.59
C PRO E 51 -3.90 -8.72 40.05
N GLU E 52 -2.95 -9.45 40.61
CA GLU E 52 -2.99 -9.94 42.01
C GLU E 52 -3.16 -8.81 43.01
N GLN E 53 -2.38 -7.74 42.81
CA GLN E 53 -2.54 -6.49 43.55
C GLN E 53 -2.49 -5.34 42.55
N ILE E 54 -3.65 -4.70 42.36
CA ILE E 54 -3.79 -3.64 41.36
C ILE E 54 -3.21 -2.32 41.88
N SER E 55 -2.37 -1.70 41.06
CA SER E 55 -1.80 -0.40 41.35
C SER E 55 -1.98 0.53 40.15
N TRP E 56 -2.25 1.80 40.42
CA TRP E 56 -2.39 2.80 39.36
C TRP E 56 -1.08 3.57 39.16
N ASP E 57 -0.19 3.48 40.14
CA ASP E 57 1.08 4.20 40.17
C ASP E 57 1.82 4.30 38.83
N HIS E 58 1.80 3.22 38.05
CA HIS E 58 2.46 3.20 36.75
C HIS E 58 1.76 4.12 35.75
N TRP E 59 0.43 4.04 35.70
CA TRP E 59 -0.37 4.93 34.86
C TRP E 59 -0.46 6.33 35.47
N LYS E 60 -0.24 6.43 36.77
CA LYS E 60 -0.16 7.73 37.45
C LYS E 60 1.15 8.42 37.07
N LEU E 61 2.20 7.63 36.86
CA LEU E 61 3.50 8.15 36.45
C LEU E 61 3.64 8.30 34.94
N ALA E 62 2.89 7.48 34.18
CA ALA E 62 2.81 7.61 32.74
C ALA E 62 2.17 8.94 32.37
N LEU E 63 1.15 9.33 33.13
CA LEU E 63 0.56 10.64 33.05
C LEU E 63 1.26 11.55 34.06
N GLY E 64 0.85 12.82 34.12
CA GLY E 64 1.55 13.81 34.95
C GLY E 64 1.63 13.57 36.44
N PHE E 65 0.72 12.74 36.97
CA PHE E 65 0.53 12.56 38.43
C PHE E 65 1.76 12.06 39.20
N SER E 66 1.70 12.18 40.53
CA SER E 66 2.81 11.83 41.41
C SER E 66 2.43 10.73 42.42
N VAL E 67 2.28 9.51 41.93
CA VAL E 67 1.90 8.32 42.74
C VAL E 67 0.55 8.49 43.46
N ILE E 74 5.77 13.12 46.73
CA ILE E 74 6.21 11.75 47.02
C ILE E 74 5.37 10.72 46.27
N THR E 75 5.78 10.33 45.07
CA THR E 75 7.00 10.83 44.42
C THR E 75 6.72 11.32 42.99
N PRO E 76 7.28 12.50 42.62
CA PRO E 76 7.09 13.13 41.30
C PRO E 76 7.37 12.20 40.11
N PRO E 77 6.75 12.48 38.95
CA PRO E 77 7.02 11.66 37.76
C PRO E 77 8.47 11.81 37.29
N PRO E 78 9.16 10.67 37.08
CA PRO E 78 10.55 10.73 36.63
C PRO E 78 10.71 11.23 35.18
N PHE E 79 9.77 10.85 34.30
CA PHE E 79 9.88 11.17 32.88
C PHE E 79 8.62 11.81 32.32
N PRO E 80 8.78 12.78 31.39
CA PRO E 80 7.62 13.35 30.71
C PRO E 80 7.10 12.41 29.60
N VAL E 81 6.31 11.41 30.01
CA VAL E 81 5.82 10.38 29.10
C VAL E 81 4.76 10.91 28.12
N LEU E 82 4.00 11.91 28.55
CA LEU E 82 3.03 12.55 27.66
C LEU E 82 3.73 13.37 26.57
N LEU E 83 4.90 13.89 26.90
CA LEU E 83 5.74 14.56 25.91
C LEU E 83 6.41 13.54 24.98
N TRP E 84 6.67 12.34 25.50
CA TRP E 84 7.14 11.22 24.67
C TRP E 84 6.10 10.99 23.58
N LEU E 85 4.84 10.95 24.00
CA LEU E 85 3.70 10.66 23.13
C LEU E 85 3.51 11.74 22.09
N TRP E 86 3.57 13.01 22.52
CA TRP E 86 3.35 14.13 21.60
C TRP E 86 4.47 14.23 20.56
N ASN E 87 5.70 13.97 20.99
CA ASN E 87 6.83 13.91 20.06
C ASN E 87 6.68 12.75 19.10
N SER E 88 6.10 11.65 19.57
CA SER E 88 5.82 10.48 18.72
C SER E 88 4.79 10.79 17.63
N VAL E 89 3.68 11.43 18.02
CA VAL E 89 2.66 11.83 17.04
C VAL E 89 3.19 12.90 16.08
N LYS E 90 4.02 13.81 16.60
CA LYS E 90 4.67 14.83 15.77
C LYS E 90 5.56 14.19 14.69
N VAL E 91 6.58 13.46 15.13
CA VAL E 91 7.52 12.81 14.22
C VAL E 91 6.82 11.87 13.24
N ALA E 92 6.10 10.88 13.77
CA ALA E 92 5.43 9.86 12.93
C ALA E 92 4.36 10.47 12.04
N GLY E 93 3.69 11.51 12.54
CA GLY E 93 2.66 12.20 11.78
C GLY E 93 3.20 12.77 10.49
N ILE E 94 3.99 13.84 10.60
CA ILE E 94 4.54 14.51 9.41
C ILE E 94 5.60 13.70 8.67
N SER E 95 6.09 12.62 9.28
CA SER E 95 6.96 11.68 8.59
C SER E 95 6.14 10.92 7.56
N ALA E 96 5.01 10.37 8.01
CA ALA E 96 4.12 9.62 7.13
C ALA E 96 3.68 10.46 5.93
N ILE E 97 3.23 11.68 6.18
CA ILE E 97 2.83 12.62 5.11
C ILE E 97 3.95 12.76 4.07
N GLY E 98 5.16 13.01 4.56
CA GLY E 98 6.35 13.08 3.71
C GLY E 98 6.58 11.81 2.92
N ILE E 99 6.49 10.67 3.60
CA ILE E 99 6.61 9.37 2.94
C ILE E 99 5.52 9.18 1.88
N VAL E 100 4.29 9.52 2.24
CA VAL E 100 3.16 9.48 1.30
C VAL E 100 3.46 10.32 0.06
N ALA E 101 3.72 11.62 0.25
CA ALA E 101 3.94 12.54 -0.85
C ALA E 101 5.05 12.06 -1.78
N LEU E 102 6.18 11.67 -1.20
CA LEU E 102 7.34 11.25 -1.99
C LEU E 102 7.14 9.94 -2.73
N SER E 103 6.40 9.00 -2.11
CA SER E 103 6.14 7.71 -2.74
C SER E 103 4.95 7.75 -3.71
N THR E 104 4.01 8.64 -3.43
CA THR E 104 2.83 8.85 -4.28
C THR E 104 3.22 9.46 -5.63
N THR E 105 3.94 10.59 -5.57
CA THR E 105 4.40 11.30 -6.77
C THR E 105 5.33 10.42 -7.60
N CYS E 106 6.21 9.70 -6.92
CA CYS E 106 7.17 8.81 -7.57
C CYS E 106 6.50 7.67 -8.31
N ALA E 107 5.44 7.12 -7.73
CA ALA E 107 4.68 6.03 -8.35
C ALA E 107 3.95 6.47 -9.63
N TYR E 108 3.43 7.69 -9.62
CA TYR E 108 2.73 8.25 -10.78
C TYR E 108 3.61 8.25 -12.01
N ALA E 109 4.90 8.49 -11.81
CA ALA E 109 5.87 8.50 -12.90
C ALA E 109 6.18 7.09 -13.40
N PHE E 110 6.29 6.14 -12.48
CA PHE E 110 6.55 4.75 -12.83
C PHE E 110 5.33 4.06 -13.46
N ALA E 111 4.14 4.60 -13.19
CA ALA E 111 2.90 4.01 -13.66
C ALA E 111 2.34 4.62 -14.95
N ARG E 112 2.50 5.94 -15.10
CA ARG E 112 1.86 6.66 -16.21
C ARG E 112 2.83 7.26 -17.23
N MET E 113 4.11 7.32 -16.88
CA MET E 113 5.11 7.94 -17.74
C MET E 113 6.21 6.98 -18.17
N ARG E 114 6.49 6.97 -19.47
CA ARG E 114 7.54 6.11 -20.04
C ARG E 114 8.84 6.87 -20.16
N PHE E 115 9.87 6.40 -19.44
CA PHE E 115 11.19 6.99 -19.49
C PHE E 115 12.29 5.92 -19.46
N PRO E 116 13.47 6.20 -20.07
CA PRO E 116 14.57 5.23 -20.14
C PRO E 116 15.01 4.71 -18.78
N GLY E 117 15.00 3.39 -18.64
CA GLY E 117 15.44 2.72 -17.42
C GLY E 117 14.50 2.89 -16.24
N LYS E 118 13.23 2.56 -16.44
CA LYS E 118 12.24 2.61 -15.36
C LYS E 118 12.09 1.26 -14.65
N ALA E 119 12.13 0.18 -15.43
CA ALA E 119 11.98 -1.17 -14.91
C ALA E 119 13.21 -1.62 -14.13
N THR E 120 14.38 -1.16 -14.55
CA THR E 120 15.63 -1.47 -13.86
C THR E 120 15.78 -0.67 -12.57
N LEU E 121 15.18 0.52 -12.52
CA LEU E 121 15.18 1.33 -11.31
C LEU E 121 14.26 0.76 -10.23
N LEU E 122 13.07 0.34 -10.63
CA LEU E 122 12.11 -0.29 -9.71
C LEU E 122 12.64 -1.61 -9.18
N LYS E 123 13.33 -2.36 -10.04
CA LYS E 123 14.06 -3.56 -9.65
C LYS E 123 15.11 -3.19 -8.60
N GLY E 124 15.86 -2.12 -8.88
CA GLY E 124 16.90 -1.61 -7.99
C GLY E 124 16.36 -1.16 -6.64
N MET E 125 15.42 -0.22 -6.69
CA MET E 125 14.78 0.34 -5.48
C MET E 125 14.40 -0.73 -4.46
N LEU E 126 13.82 -1.83 -4.94
CA LEU E 126 13.39 -2.95 -4.09
C LEU E 126 14.60 -3.69 -3.51
N ILE E 127 15.50 -4.13 -4.38
CA ILE E 127 16.69 -4.89 -3.99
C ILE E 127 17.61 -4.05 -3.10
N PHE E 128 17.78 -2.78 -3.45
CA PHE E 128 18.59 -1.85 -2.66
C PHE E 128 18.00 -1.57 -1.27
N GLN E 129 16.75 -1.99 -1.07
CA GLN E 129 16.11 -1.88 0.24
C GLN E 129 16.06 -3.23 0.97
N MET E 130 16.48 -4.28 0.26
CA MET E 130 16.53 -5.63 0.83
C MET E 130 17.87 -5.93 1.51
N PHE E 131 18.56 -4.88 1.94
CA PHE E 131 19.87 -5.01 2.58
C PHE E 131 19.74 -5.05 4.09
N PRO E 132 20.46 -5.98 4.75
CA PRO E 132 20.52 -6.08 6.22
C PRO E 132 20.79 -4.75 6.93
N ALA E 133 19.90 -4.38 7.86
CA ALA E 133 19.99 -3.13 8.61
C ALA E 133 21.04 -3.17 9.72
N VAL E 134 22.28 -3.43 9.32
CA VAL E 134 23.42 -3.47 10.24
C VAL E 134 24.55 -2.59 9.69
N LEU E 135 25.30 -1.96 10.60
CA LEU E 135 26.37 -1.01 10.25
C LEU E 135 25.83 0.26 9.57
N SER E 136 24.51 0.38 9.51
CA SER E 136 23.86 1.51 8.86
C SER E 136 23.89 2.78 9.72
N LEU E 137 23.73 2.61 11.02
CA LEU E 137 23.72 3.73 11.97
C LEU E 137 25.06 4.48 12.00
N VAL E 138 26.14 3.76 11.71
CA VAL E 138 27.47 4.34 11.62
C VAL E 138 27.49 5.41 10.52
N ALA E 139 26.88 5.08 9.38
CA ALA E 139 26.78 5.99 8.25
C ALA E 139 25.82 7.15 8.52
N LEU E 140 24.68 6.83 9.12
CA LEU E 140 23.63 7.80 9.39
C LEU E 140 24.06 8.89 10.37
N TYR E 141 24.83 8.50 11.37
CA TYR E 141 25.35 9.44 12.37
C TYR E 141 26.34 10.41 11.73
N ALA E 142 27.16 9.89 10.82
CA ALA E 142 28.12 10.71 10.08
C ALA E 142 27.41 11.72 9.17
N LEU E 143 26.36 11.28 8.49
CA LEU E 143 25.61 12.13 7.56
C LEU E 143 24.93 13.31 8.24
N PHE E 144 24.18 13.03 9.31
CA PHE E 144 23.44 14.06 10.05
C PHE E 144 24.35 14.97 10.86
N ASP E 145 25.56 14.50 11.14
CA ASP E 145 26.61 15.32 11.74
C ASP E 145 27.11 16.33 10.71
N ARG E 146 27.23 15.88 9.46
CA ARG E 146 27.59 16.75 8.34
C ARG E 146 26.43 17.67 7.95
N LEU E 147 25.21 17.18 8.05
CA LEU E 147 24.03 17.97 7.72
C LEU E 147 23.81 19.12 8.69
N GLY E 148 23.88 18.81 9.99
CA GLY E 148 23.58 19.77 11.05
C GLY E 148 24.35 21.08 11.03
N GLU E 149 25.61 21.00 10.61
CA GLU E 149 26.49 22.17 10.56
C GLU E 149 26.15 23.12 9.40
N TYR E 150 25.52 22.60 8.36
CA TYR E 150 25.13 23.42 7.20
C TYR E 150 23.66 23.78 7.25
N ILE E 151 22.79 22.77 7.36
CA ILE E 151 21.38 23.01 7.59
C ILE E 151 21.01 22.43 8.96
N PRO E 152 20.84 23.30 9.97
CA PRO E 152 20.35 22.88 11.28
C PRO E 152 18.89 22.42 11.23
N PHE E 153 18.29 22.23 12.41
CA PHE E 153 16.92 21.69 12.56
C PHE E 153 16.60 20.37 11.82
N ILE E 154 17.49 19.97 10.92
CA ILE E 154 17.43 18.64 10.28
C ILE E 154 18.71 17.84 10.52
N GLY E 155 19.51 18.27 11.49
CA GLY E 155 20.75 17.57 11.85
C GLY E 155 20.57 16.65 13.04
N LEU E 156 21.59 16.58 13.89
CA LEU E 156 21.54 15.77 15.11
C LEU E 156 20.68 16.44 16.18
N ASN E 157 20.12 15.62 17.07
CA ASN E 157 19.27 16.07 18.19
C ASN E 157 18.11 16.98 17.80
N THR E 158 17.40 16.60 16.74
CA THR E 158 16.24 17.36 16.27
C THR E 158 15.26 16.46 15.51
N HIS E 159 13.96 16.78 15.63
CA HIS E 159 12.91 16.01 14.99
C HIS E 159 13.07 15.99 13.48
N GLY E 160 13.32 17.15 12.89
CA GLY E 160 13.53 17.28 11.44
C GLY E 160 14.45 16.21 10.89
N GLY E 161 15.57 15.98 11.57
CA GLY E 161 16.53 14.95 11.18
C GLY E 161 15.93 13.56 11.27
N VAL E 162 15.21 13.30 12.36
CA VAL E 162 14.57 12.01 12.58
C VAL E 162 13.51 11.69 11.52
N ILE E 163 12.69 12.69 11.17
CA ILE E 163 11.67 12.48 10.14
C ILE E 163 12.30 12.33 8.76
N PHE E 164 13.38 13.09 8.51
CA PHE E 164 14.06 13.08 7.23
C PHE E 164 14.72 11.74 6.98
N ALA E 165 15.16 11.10 8.05
CA ALA E 165 15.80 9.78 7.98
C ALA E 165 14.84 8.69 7.51
N TYR E 166 13.56 8.82 7.86
CA TYR E 166 12.54 7.83 7.51
C TYR E 166 12.08 7.90 6.07
N LEU E 167 12.42 9.01 5.40
CA LEU E 167 12.00 9.27 4.03
C LEU E 167 12.70 8.36 3.00
N GLY E 168 13.73 7.64 3.44
CA GLY E 168 14.41 6.67 2.60
C GLY E 168 13.57 5.41 2.37
N GLY E 169 12.66 5.13 3.29
CA GLY E 169 11.79 3.95 3.19
C GLY E 169 10.54 4.19 2.37
N ILE E 170 10.72 4.40 1.07
CA ILE E 170 9.59 4.61 0.15
C ILE E 170 9.50 3.50 -0.91
N ALA E 171 10.62 2.85 -1.18
CA ALA E 171 10.72 1.81 -2.21
C ALA E 171 9.58 0.80 -2.12
N LEU E 172 9.41 0.21 -0.94
CA LEU E 172 8.28 -0.69 -0.67
C LEU E 172 6.95 -0.08 -1.11
N HIS E 173 6.72 1.17 -0.72
CA HIS E 173 5.45 1.86 -0.96
C HIS E 173 5.25 2.26 -2.41
N VAL E 174 6.31 2.75 -3.06
CA VAL E 174 6.25 3.13 -4.47
C VAL E 174 5.67 1.97 -5.30
N TRP E 175 6.27 0.79 -5.18
CA TRP E 175 5.76 -0.43 -5.80
C TRP E 175 4.28 -0.66 -5.52
N THR E 176 3.89 -0.47 -4.26
CA THR E 176 2.51 -0.70 -3.81
C THR E 176 1.54 0.25 -4.51
N ILE E 177 1.74 1.55 -4.32
CA ILE E 177 0.85 2.58 -4.86
C ILE E 177 0.85 2.60 -6.39
N LYS E 178 1.99 2.26 -6.99
CA LYS E 178 2.09 2.05 -8.44
C LYS E 178 1.12 0.95 -8.89
N GLY E 179 1.12 -0.17 -8.16
CA GLY E 179 0.26 -1.30 -8.46
C GLY E 179 -1.22 -0.93 -8.43
N TYR E 180 -1.60 -0.17 -7.40
CA TYR E 180 -2.97 0.32 -7.27
C TYR E 180 -3.32 1.26 -8.42
N PHE E 181 -2.41 2.16 -8.76
CA PHE E 181 -2.61 3.10 -9.86
C PHE E 181 -3.08 2.40 -11.14
N GLU E 182 -2.38 1.33 -11.50
CA GLU E 182 -2.66 0.60 -12.74
C GLU E 182 -4.01 -0.12 -12.77
N THR E 183 -4.66 -0.21 -11.61
CA THR E 183 -6.00 -0.79 -11.54
C THR E 183 -7.04 0.22 -12.02
N ILE E 184 -6.74 1.50 -11.85
CA ILE E 184 -7.59 2.58 -12.36
C ILE E 184 -7.57 2.54 -13.90
N ASP E 185 -8.76 2.59 -14.48
CA ASP E 185 -8.90 2.55 -15.93
C ASP E 185 -8.18 3.71 -16.59
N SER E 186 -7.50 3.41 -17.70
CA SER E 186 -6.68 4.38 -18.42
C SER E 186 -7.48 5.56 -19.00
N SER E 187 -8.79 5.38 -19.12
CA SER E 187 -9.67 6.34 -19.78
C SER E 187 -9.87 7.65 -19.01
N LEU E 188 -9.94 7.56 -17.68
CA LEU E 188 -10.21 8.72 -16.84
C LEU E 188 -9.14 9.80 -16.98
N GLU E 189 -7.91 9.38 -17.24
CA GLU E 189 -6.78 10.30 -17.41
C GLU E 189 -6.71 10.84 -18.83
N GLU E 190 -7.15 10.03 -19.79
CA GLU E 190 -7.27 10.44 -21.18
C GLU E 190 -8.33 11.52 -21.33
N ALA E 191 -9.43 11.35 -20.59
CA ALA E 191 -10.51 12.33 -20.55
C ALA E 191 -10.02 13.64 -19.94
N ALA E 192 -9.19 13.53 -18.91
CA ALA E 192 -8.56 14.69 -18.29
C ALA E 192 -7.64 15.39 -19.29
N ALA E 193 -6.83 14.60 -19.99
CA ALA E 193 -5.91 15.13 -21.00
C ALA E 193 -6.65 15.89 -22.08
N LEU E 194 -7.78 15.33 -22.54
CA LEU E 194 -8.62 15.97 -23.55
C LEU E 194 -9.39 17.18 -22.99
N ASP E 195 -9.51 17.25 -21.67
CA ASP E 195 -10.05 18.44 -21.01
C ASP E 195 -8.94 19.47 -20.78
N GLY E 196 -7.71 19.08 -21.05
CA GLY E 196 -6.56 20.00 -21.03
C GLY E 196 -5.69 19.96 -19.78
N ALA E 197 -5.79 18.89 -19.02
CA ALA E 197 -5.03 18.74 -17.78
C ALA E 197 -3.55 18.45 -18.02
N THR E 198 -2.69 19.16 -17.29
CA THR E 198 -1.27 18.81 -17.22
C THR E 198 -1.16 17.51 -16.44
N PRO E 199 -0.19 16.65 -16.78
CA PRO E 199 0.03 15.42 -16.01
C PRO E 199 -0.15 15.60 -14.50
N TRP E 200 0.22 16.77 -13.98
CA TRP E 200 0.04 17.09 -12.56
C TRP E 200 -1.44 17.23 -12.17
N GLN E 201 -2.21 17.94 -13.00
CA GLN E 201 -3.64 18.16 -12.77
C GLN E 201 -4.43 16.85 -12.84
N ALA E 202 -4.02 15.98 -13.76
CA ALA E 202 -4.61 14.65 -13.89
C ALA E 202 -4.28 13.78 -12.68
N PHE E 203 -3.04 13.91 -12.20
CA PHE E 203 -2.56 13.21 -11.03
C PHE E 203 -3.29 13.64 -9.76
N ARG E 204 -3.38 14.96 -9.57
CA ARG E 204 -3.93 15.53 -8.34
C ARG E 204 -5.46 15.47 -8.28
N LEU E 205 -6.12 15.93 -9.34
CA LEU E 205 -7.57 16.12 -9.34
C LEU E 205 -8.39 14.90 -9.75
N VAL E 206 -7.79 14.02 -10.54
CA VAL E 206 -8.49 12.83 -11.04
C VAL E 206 -8.03 11.55 -10.36
N LEU E 207 -6.73 11.27 -10.44
CA LEU E 207 -6.18 9.99 -10.00
C LEU E 207 -6.16 9.79 -8.48
N LEU E 208 -5.49 10.69 -7.78
CA LEU E 208 -5.38 10.61 -6.31
C LEU E 208 -6.70 10.30 -5.60
N PRO E 209 -7.76 11.13 -5.82
CA PRO E 209 -9.01 10.89 -5.09
C PRO E 209 -9.64 9.52 -5.39
N LEU E 210 -9.22 8.88 -6.47
CA LEU E 210 -9.67 7.52 -6.79
C LEU E 210 -8.69 6.47 -6.26
N SER E 211 -7.47 6.91 -5.95
CA SER E 211 -6.43 6.04 -5.42
C SER E 211 -6.35 6.15 -3.89
N VAL E 212 -7.24 7.00 -3.35
CA VAL E 212 -7.29 7.35 -1.93
C VAL E 212 -7.14 6.20 -0.90
N PRO E 213 -7.82 5.04 -1.10
CA PRO E 213 -7.65 3.98 -0.09
C PRO E 213 -6.22 3.49 0.11
N ILE E 214 -5.47 3.27 -0.97
CA ILE E 214 -4.08 2.81 -0.87
C ILE E 214 -3.15 3.90 -0.31
N LEU E 215 -3.61 5.15 -0.36
CA LEU E 215 -2.90 6.26 0.25
C LEU E 215 -3.02 6.19 1.76
N ALA E 216 -4.20 5.78 2.25
CA ALA E 216 -4.43 5.60 3.67
C ALA E 216 -3.65 4.40 4.21
N VAL E 217 -3.54 3.35 3.41
CA VAL E 217 -2.72 2.18 3.73
C VAL E 217 -1.27 2.59 3.99
N VAL E 218 -0.68 3.25 2.99
CA VAL E 218 0.68 3.76 3.08
C VAL E 218 0.86 4.69 4.29
N PHE E 219 -0.09 5.60 4.49
CA PHE E 219 -0.01 6.52 5.62
C PHE E 219 0.04 5.78 6.95
N ILE E 220 -0.92 4.89 7.19
CA ILE E 220 -0.99 4.19 8.47
C ILE E 220 0.19 3.26 8.69
N LEU E 221 0.60 2.52 7.64
CA LEU E 221 1.78 1.66 7.72
C LEU E 221 3.05 2.43 8.10
N SER E 222 3.22 3.61 7.51
CA SER E 222 4.36 4.48 7.81
C SER E 222 4.22 5.13 9.19
N PHE E 223 2.99 5.51 9.53
CA PHE E 223 2.73 6.12 10.84
C PHE E 223 3.10 5.15 11.96
N ILE E 224 2.71 3.89 11.82
CA ILE E 224 3.04 2.89 12.83
C ILE E 224 4.55 2.58 12.83
N ALA E 225 5.14 2.50 11.65
CA ALA E 225 6.56 2.18 11.51
C ALA E 225 7.42 3.18 12.28
N ALA E 226 7.02 4.44 12.23
CA ALA E 226 7.75 5.52 12.90
C ALA E 226 7.45 5.60 14.40
N ILE E 227 6.21 5.29 14.78
CA ILE E 227 5.82 5.28 16.19
C ILE E 227 6.62 4.25 16.99
N THR E 228 6.82 3.07 16.38
CA THR E 228 7.50 1.97 17.02
C THR E 228 9.01 1.95 16.75
N GLU E 229 9.53 3.01 16.12
CA GLU E 229 10.93 3.09 15.72
C GLU E 229 11.86 3.51 16.86
N VAL E 230 12.90 2.69 17.09
CA VAL E 230 13.83 2.90 18.20
C VAL E 230 15.27 3.23 17.78
N PRO E 231 15.93 2.33 16.99
CA PRO E 231 17.37 2.46 16.73
C PRO E 231 17.82 3.85 16.24
N VAL E 232 17.21 4.33 15.15
CA VAL E 232 17.59 5.60 14.52
C VAL E 232 17.21 6.78 15.41
N ALA E 233 16.00 6.76 15.95
CA ALA E 233 15.50 7.85 16.79
C ALA E 233 16.30 7.99 18.09
N SER E 234 16.69 6.86 18.66
CA SER E 234 17.54 6.82 19.84
C SER E 234 18.95 7.29 19.52
N LEU E 235 19.40 6.99 18.30
CA LEU E 235 20.73 7.37 17.83
C LEU E 235 20.83 8.87 17.54
N LEU E 236 19.71 9.48 17.17
CA LEU E 236 19.70 10.89 16.77
C LEU E 236 19.34 11.87 17.89
N LEU E 237 18.41 11.47 18.76
CA LEU E 237 17.89 12.37 19.80
C LEU E 237 18.64 12.29 21.13
N ARG E 238 19.16 13.44 21.57
CA ARG E 238 19.86 13.54 22.86
C ARG E 238 18.93 14.07 23.96
N ASP E 239 18.44 15.29 23.78
CA ASP E 239 17.58 15.96 24.76
C ASP E 239 16.42 15.10 25.22
N VAL E 240 16.32 14.94 26.54
CA VAL E 240 15.27 14.11 27.14
C VAL E 240 13.91 14.57 26.64
N ASN E 241 13.63 15.87 26.76
CA ASN E 241 12.37 16.46 26.31
C ASN E 241 12.06 16.29 24.81
N SER E 242 13.07 15.94 24.03
CA SER E 242 12.89 15.72 22.59
C SER E 242 12.65 14.26 22.22
N TYR E 243 12.75 13.36 23.20
CA TYR E 243 12.55 11.92 22.96
C TYR E 243 11.15 11.62 22.45
N THR E 244 11.05 10.62 21.58
CA THR E 244 9.77 10.01 21.24
C THR E 244 9.46 8.95 22.29
N LEU E 245 8.22 8.47 22.31
CA LEU E 245 7.82 7.45 23.28
C LEU E 245 8.63 6.16 23.12
N ALA E 246 8.95 5.82 21.86
CA ALA E 246 9.73 4.63 21.54
C ALA E 246 11.15 4.71 22.10
N VAL E 247 11.65 5.92 22.28
CA VAL E 247 12.98 6.16 22.87
C VAL E 247 12.86 6.40 24.37
N GLY E 248 11.91 7.26 24.74
CA GLY E 248 11.71 7.66 26.13
C GLY E 248 11.45 6.50 27.08
N MET E 249 10.87 5.43 26.56
CA MET E 249 10.55 4.25 27.36
C MET E 249 11.74 3.28 27.45
N GLN E 250 12.76 3.51 26.62
CA GLN E 250 13.93 2.64 26.62
C GLN E 250 14.76 2.85 27.88
N GLN E 251 14.41 3.87 28.66
CA GLN E 251 15.03 4.14 29.95
C GLN E 251 14.61 3.11 30.99
N TYR E 252 13.41 2.55 30.81
CA TYR E 252 12.86 1.54 31.72
C TYR E 252 13.58 0.20 31.61
N LEU E 253 14.41 0.04 30.57
CA LEU E 253 15.14 -1.21 30.36
C LEU E 253 16.57 -1.13 30.87
N ASN E 254 16.88 -1.97 31.86
CA ASN E 254 18.21 -2.04 32.47
C ASN E 254 18.82 -3.44 32.31
N PRO E 255 20.16 -3.55 32.38
CA PRO E 255 20.83 -4.85 32.14
C PRO E 255 20.39 -5.98 33.07
N GLN E 256 19.92 -5.63 34.26
CA GLN E 256 19.51 -6.63 35.27
C GLN E 256 18.00 -6.78 35.42
N ASN E 257 17.26 -5.69 35.22
CA ASN E 257 15.80 -5.70 35.39
C ASN E 257 15.11 -4.60 34.57
N TYR E 258 13.86 -4.86 34.18
CA TYR E 258 13.03 -3.86 33.51
C TYR E 258 11.98 -3.31 34.46
N LEU E 259 11.63 -2.04 34.29
CA LEU E 259 10.52 -1.45 35.05
C LEU E 259 9.20 -1.71 34.30
N TRP E 260 8.83 -2.99 34.25
CA TRP E 260 7.73 -3.51 33.42
C TRP E 260 6.44 -2.68 33.44
N GLY E 261 6.01 -2.29 34.64
CA GLY E 261 4.77 -1.54 34.79
C GLY E 261 4.76 -0.23 34.02
N ASP E 262 5.82 0.55 34.19
CA ASP E 262 5.98 1.81 33.48
C ASP E 262 6.23 1.57 32.00
N PHE E 263 6.94 0.48 31.69
CA PHE E 263 7.26 0.11 30.32
C PHE E 263 6.01 -0.36 29.56
N ALA E 264 5.20 -1.20 30.19
CA ALA E 264 3.96 -1.68 29.60
C ALA E 264 2.92 -0.57 29.45
N ALA E 265 2.89 0.34 30.41
CA ALA E 265 1.98 1.49 30.34
C ALA E 265 2.36 2.38 29.16
N ALA E 266 3.66 2.51 28.92
CA ALA E 266 4.18 3.21 27.75
C ALA E 266 3.86 2.41 26.48
N ALA E 267 4.01 1.09 26.57
CA ALA E 267 3.72 0.19 25.46
C ALA E 267 2.26 0.26 25.02
N VAL E 268 1.35 0.40 25.98
CA VAL E 268 -0.07 0.53 25.70
C VAL E 268 -0.36 1.93 25.14
N MET E 269 0.16 2.96 25.80
CA MET E 269 -0.01 4.35 25.36
C MET E 269 0.36 4.55 23.89
N SER E 270 1.39 3.85 23.44
CA SER E 270 1.86 3.95 22.07
C SER E 270 0.86 3.40 21.05
N ALA E 271 -0.01 2.51 21.50
CA ALA E 271 -1.03 1.92 20.64
C ALA E 271 -2.18 2.87 20.36
N LEU E 272 -2.36 3.86 21.26
CA LEU E 272 -3.47 4.80 21.15
C LEU E 272 -3.44 5.66 19.88
N PRO E 273 -2.31 6.35 19.59
CA PRO E 273 -2.27 7.12 18.35
C PRO E 273 -2.43 6.26 17.10
N ILE E 274 -1.94 5.03 17.16
CA ILE E 274 -2.10 4.07 16.07
C ILE E 274 -3.58 3.82 15.82
N THR E 275 -4.31 3.54 16.90
CA THR E 275 -5.74 3.22 16.84
C THR E 275 -6.55 4.41 16.33
N ILE E 276 -6.20 5.61 16.78
CA ILE E 276 -6.86 6.84 16.35
C ILE E 276 -6.60 7.07 14.86
N VAL E 277 -5.34 6.90 14.45
CA VAL E 277 -4.96 7.07 13.04
C VAL E 277 -5.57 5.99 12.16
N PHE E 278 -5.68 4.77 12.69
CA PHE E 278 -6.30 3.66 11.96
C PHE E 278 -7.80 3.90 11.75
N LEU E 279 -8.46 4.40 12.80
CA LEU E 279 -9.89 4.71 12.74
C LEU E 279 -10.21 5.84 11.76
N LEU E 280 -9.42 6.90 11.79
CA LEU E 280 -9.64 8.04 10.90
C LEU E 280 -9.42 7.67 9.44
N ALA E 281 -8.44 6.81 9.18
CA ALA E 281 -8.12 6.36 7.83
C ALA E 281 -9.22 5.55 7.15
N GLN E 282 -10.16 5.03 7.95
CA GLN E 282 -11.31 4.30 7.42
C GLN E 282 -12.20 5.15 6.54
N ARG E 283 -12.20 6.47 6.78
CA ARG E 283 -12.89 7.44 5.93
C ARG E 283 -12.44 7.31 4.48
N TRP E 284 -11.16 6.98 4.31
CA TRP E 284 -10.54 6.88 2.99
C TRP E 284 -10.56 5.47 2.42
N LEU E 285 -10.83 4.48 3.26
CA LEU E 285 -10.89 3.10 2.82
C LEU E 285 -12.33 2.72 2.47
N VAL E 286 -12.72 3.01 1.23
CA VAL E 286 -14.10 2.81 0.78
C VAL E 286 -14.17 2.15 -0.61
N ASN E 287 -15.08 1.18 -0.74
CA ASN E 287 -15.32 0.48 -2.01
C ASN E 287 -16.05 1.36 -3.03
N GLY E 288 -16.01 0.93 -4.29
CA GLY E 288 -16.81 1.53 -5.36
C GLY E 288 -16.56 3.01 -5.64
N LEU E 289 -15.32 3.44 -5.43
CA LEU E 289 -14.91 4.81 -5.75
C LEU E 289 -14.91 5.04 -7.26
N THR E 290 -14.61 3.96 -7.99
CA THR E 290 -14.47 3.99 -9.43
C THR E 290 -15.76 3.54 -10.16
N ALA E 291 -16.75 3.12 -9.38
CA ALA E 291 -18.06 2.71 -9.90
C ALA E 291 -18.73 3.83 -10.71
N GLY E 292 -19.39 3.45 -11.79
CA GLY E 292 -19.79 4.40 -12.82
C GLY E 292 -18.55 4.68 -13.65
N GLY E 293 -18.49 5.86 -14.25
CA GLY E 293 -17.26 6.29 -14.93
C GLY E 293 -16.92 5.55 -16.22
N VAL E 294 -16.31 4.38 -16.09
CA VAL E 294 -15.92 3.60 -17.28
C VAL E 294 -16.85 2.40 -17.52
N LYS E 295 -17.38 2.33 -18.74
CA LYS E 295 -18.23 1.25 -19.20
C LYS E 295 -17.37 0.13 -19.79
N GLY E 296 -17.65 -1.11 -19.39
CA GLY E 296 -16.88 -2.26 -19.85
C GLY E 296 -16.93 -3.46 -18.91
C1 GLC F . 7.58 -3.83 6.35
C2 GLC F . 7.08 -3.27 7.70
C3 GLC F . 7.38 -4.21 8.85
C4 GLC F . 6.82 -5.60 8.57
C5 GLC F . 7.40 -6.12 7.24
C6 GLC F . 6.78 -7.47 6.87
O1 GLC F . 9.01 -3.74 6.25
O2 GLC F . 7.66 -1.98 7.96
O3 GLC F . 6.80 -3.70 10.06
O4 GLC F . 7.14 -6.48 9.64
O5 GLC F . 7.16 -5.20 6.18
O6 GLC F . 7.75 -8.25 6.16
C1 GLC F . 6.00 -6.94 10.38
C2 GLC F . 6.17 -6.63 11.87
C3 GLC F . 7.20 -7.53 12.54
C4 GLC F . 6.96 -8.99 12.22
C5 GLC F . 6.81 -9.21 10.71
C6 GLC F . 6.46 -10.65 10.38
O2 GLC F . 6.58 -5.27 12.03
O3 GLC F . 7.14 -7.32 13.95
O4 GLC F . 8.05 -9.77 12.73
O5 GLC F . 5.80 -8.34 10.19
O6 GLC F . 6.54 -10.84 8.96
PG ATP G . -17.43 -1.10 -32.14
O1G ATP G . -17.08 -2.49 -32.62
O2G ATP G . -18.56 -0.48 -32.94
O3G ATP G . -17.58 -1.00 -30.65
PB ATP G . -15.03 -0.53 -33.54
O1B ATP G . -14.60 -1.96 -33.32
O2B ATP G . -15.54 -0.13 -34.89
O3B ATP G . -16.14 -0.17 -32.43
PA ATP G . -12.48 -0.18 -32.38
O1A ATP G . -12.88 -0.71 -31.04
O2A ATP G . -11.42 0.90 -32.44
O3A ATP G . -13.79 0.40 -33.14
O5' ATP G . -11.98 -1.41 -33.29
C5' ATP G . -10.68 -1.95 -33.02
C4' ATP G . -10.58 -3.39 -33.51
O4' ATP G . -9.24 -3.85 -33.36
C3' ATP G . -11.47 -4.35 -32.73
O3' ATP G . -12.15 -5.19 -33.67
C2' ATP G . -10.53 -5.19 -31.87
O2' ATP G . -10.80 -6.58 -32.02
C1' ATP G . -9.14 -4.86 -32.35
N9 ATP G . -8.35 -4.34 -31.21
C8 ATP G . -8.67 -3.29 -30.44
N7 ATP G . -7.74 -3.09 -29.46
C5 ATP G . -6.79 -4.03 -29.63
C6 ATP G . -5.52 -4.40 -28.95
N6 ATP G . -5.08 -3.68 -27.89
N1 ATP G . -4.84 -5.46 -29.43
C2 ATP G . -5.27 -6.18 -30.49
N3 ATP G . -6.41 -5.90 -31.16
C4 ATP G . -7.20 -4.86 -30.78
PG ATP H . -31.53 3.76 -19.16
O1G ATP H . -31.37 5.16 -18.62
O2G ATP H . -32.71 3.59 -20.11
O3G ATP H . -30.25 3.16 -19.67
PB ATP H . -33.14 3.14 -16.89
O1B ATP H . -32.97 4.54 -16.36
O2B ATP H . -34.45 2.77 -17.53
O3B ATP H . -31.91 2.82 -17.89
PA ATP H . -32.14 2.56 -14.31
O1A ATP H . -30.67 2.77 -14.60
O2A ATP H . -32.53 1.54 -13.27
O3A ATP H . -32.88 2.13 -15.67
O5' ATP H . -32.79 3.95 -13.84
C5' ATP H . -32.63 4.32 -12.47
C4' ATP H . -33.27 5.66 -12.14
O4' ATP H . -33.14 5.87 -10.73
C3' ATP H . -32.57 6.82 -12.81
O3' ATP H . -33.56 7.77 -13.20
C2' ATP H . -31.65 7.42 -11.75
O2' ATP H . -31.71 8.84 -11.75
C1' ATP H . -32.17 6.88 -10.43
N9 ATP H . -31.07 6.28 -9.62
C8 ATP H . -30.31 5.22 -9.95
N7 ATP H . -29.39 4.94 -8.98
C5 ATP H . -29.58 5.84 -8.00
C6 ATP H . -28.96 6.14 -6.68
N6 ATP H . -27.94 5.37 -6.22
N1 ATP H . -29.45 7.18 -5.97
C2 ATP H . -30.46 7.95 -6.42
N3 ATP H . -31.07 7.75 -7.61
C4 ATP H . -30.68 6.73 -8.43
#